data_8HPS
#
_entry.id   8HPS
#
_cell.length_a   1.00
_cell.length_b   1.00
_cell.length_c   1.00
_cell.angle_alpha   90.00
_cell.angle_beta   90.00
_cell.angle_gamma   90.00
#
_symmetry.space_group_name_H-M   'P 1'
#
loop_
_entity.id
_entity.type
_entity.pdbx_description
1 polymer 'ABC sugar transporter, permease component'
2 polymer 'ABC transporter, permease protein SugB'
3 polymer 'ABC transporter, ATP-binding protein SugC'
4 polymer 'Bacterial extracellular solute-binding protein'
5 branched alpha-D-glucopyranose-(1-1)-alpha-D-glucopyranose
6 non-polymer "ADENOSINE-5'-TRIPHOSPHATE"
7 non-polymer 'MAGNESIUM ION'
#
loop_
_entity_poly.entity_id
_entity_poly.type
_entity_poly.pdbx_seq_one_letter_code
_entity_poly.pdbx_strand_id
1 'polypeptide(L)'
;MTAAVTPSASAVASDDKKSERRLAFWLIAPAVLLMLAVTAYPIGYAVWLSLQRYNLAEPHDTEFIGLANYVTVLTDGYWW
TAFAVTLGITVVSVAIEFALGLALALVMHRTIFGKGAVRTAILIPYGIVTVAASYSWYYAWTPGTGYLANLLPEGSAPLT
DQLPSLAIVVLAEVWKTTPFMALLLLAGLALVPQDLLNAAQVDGAGPWKRLTKVILPMIKPAILVALLFRTLDAFRIFDN
IYILTGGSNDTGSVSILGYDNLFKAFNVGLGSAISVLIFLSVAIIAFIYIKIFGAAAPGSDEEVR
;
A
2 'polypeptide(L)'
;MADRVDARRATWWSVVNILVIVYALIPVLWILSLSLKPTSSVKDGKLIPTEITFANYKAIFSGDAFTSALFNSIGIGLIT
TIIAVVIGGMAAYAVARLQFPGKQLLIGVALLIAMFPHISLVTPIFNMWRGIGLFDTWPGLIIPYITFALPLAIYTLSAF
FREIPWDLEKAAKMDGATPAQAFRKVIAPLAAPGIVTAAILVFIFAWNDLLLALSLTATQRAITAPVAIANFTGSSQFEE
PTGSIAAGAMVITIPIIIFVLIFQRRIVAGLTSGAVKG
;
B
3 'polypeptide(L)'
;MAEIVLDRVTKSYPDGAGGVRAAVKEFSMTIADGEFIILVGPSGCGKSTTLNMIAGLEEITSGELRIGGERVNEKAPKDR
DIAMVFQSYALYPHMTVRQNIAFPLTLAKVPKAEIAAKVEETAKILDLSELLDRKPGQLSGGQRQRVAMGRAIVRSPKAF
LMDQPLSNLDAKLRVQMRAEISRLQDRLGTTTVYVTHDQTEAMTLGDRVVVMLAGEVQQIGTPDELYSSPANLFVAGFIG
SPAMNFFPATRTDVGVRLPFGEVTLTPHMLDLLDKQARPENIIVGIRPEHIEDSALLDGYARIRALTFSVRADIVESLGA
DKYVHFTTEGAGAESAQLAELAADSGAGTNQFIARVSADSRVRTGEQIELAIDTTKLSIFDAATGLNLTRDITPTDPTEA
AGPDAG
;
C,D
4 'polypeptide(L)'
;MRARRLCAAAVAAMAAASMVSACGSQTGGIVINYYTPANEEATFKAVANRCNEQLGGRFQIAQRNLPKGADDQRLQLARR
LTGNDKSLDVMALDVVWTAEFAEAGWAVPLSEDPAGLAEADATENTLPGPLETARWQDELYAAPITTNTQLLWYRADLMP
APPTTWDGMLDEANRLYREGGPSWIAVQGKQYEGMVVWFNTLLQSAGGQVLSDDGQRVTLTDTPEHRAATVKALRIIKSV
ATAPGADPSITQTDENTARLALEQGKAALEVNWPYVLPSLLENAVKGGVSFLPLDGDPALQGSINDVGTFSPTDEQFDIA
FDASKKVFGFAPYPGVNPDEPARVTLGGLNLAVASTSQHKAEAFEAIRCLRNVENQRYTSIEGGLPAVRTSLYDDPAFQK
KYPQYEIIRQQLTNAAVRPATPVYQAVSTRMSATLAPISDIDPERTADELTEAVQKAIDGKGLIP
;
E
#
loop_
_chem_comp.id
_chem_comp.type
_chem_comp.name
_chem_comp.formula
ATP non-polymer ADENOSINE-5'-TRIPHOSPHATE 'C10 H16 N5 O13 P3'
GLC D-saccharide, alpha linking alpha-D-glucopyranose 'C6 H12 O6'
MG non-polymer 'MAGNESIUM ION' 'Mg 2'
#
# COMPACT_ATOMS: atom_id res chain seq x y z
N ASP A 15 -14.57 1.18 -32.69
CA ASP A 15 -13.38 1.88 -32.15
C ASP A 15 -13.23 1.62 -30.64
N ASP A 16 -12.02 1.40 -30.15
CA ASP A 16 -11.75 1.37 -28.71
C ASP A 16 -11.96 2.72 -28.04
N LYS A 17 -11.21 3.76 -28.40
CA LYS A 17 -11.18 5.03 -27.65
C LYS A 17 -12.58 5.62 -27.42
N LYS A 18 -13.42 5.72 -28.45
CA LYS A 18 -14.84 6.13 -28.33
C LYS A 18 -15.62 5.27 -27.34
N SER A 19 -15.37 3.97 -27.30
CA SER A 19 -16.03 3.07 -26.35
C SER A 19 -15.46 3.19 -24.92
N GLU A 20 -14.15 3.37 -24.78
CA GLU A 20 -13.51 3.48 -23.47
C GLU A 20 -13.87 4.77 -22.76
N ARG A 21 -13.97 5.89 -23.48
CA ARG A 21 -14.45 7.12 -22.80
C ARG A 21 -15.91 6.91 -22.37
N ARG A 22 -16.72 6.26 -23.21
CA ARG A 22 -18.13 5.96 -22.90
C ARG A 22 -18.27 5.05 -21.68
N LEU A 23 -17.43 4.04 -21.55
CA LEU A 23 -17.35 3.20 -20.34
C LEU A 23 -16.87 4.03 -19.15
N ALA A 24 -15.83 4.81 -19.32
CA ALA A 24 -15.26 5.65 -18.28
C ALA A 24 -16.26 6.65 -17.70
N PHE A 25 -17.08 7.28 -18.52
CA PHE A 25 -18.12 8.18 -18.04
C PHE A 25 -19.21 7.45 -17.25
N TRP A 26 -19.60 6.23 -17.61
CA TRP A 26 -20.42 5.42 -16.70
C TRP A 26 -19.68 5.16 -15.39
N LEU A 27 -18.42 4.76 -15.49
CA LEU A 27 -17.65 4.21 -14.39
C LEU A 27 -17.36 5.24 -13.28
N ILE A 28 -17.10 6.51 -13.59
CA ILE A 28 -16.96 7.56 -12.58
C ILE A 28 -18.30 8.16 -12.13
N ALA A 29 -19.41 7.85 -12.80
CA ALA A 29 -20.68 8.56 -12.61
C ALA A 29 -21.18 8.66 -11.16
N PRO A 30 -21.26 7.58 -10.35
CA PRO A 30 -21.81 7.70 -9.02
C PRO A 30 -20.91 8.54 -8.11
N ALA A 31 -19.59 8.43 -8.25
CA ALA A 31 -18.65 9.15 -7.42
C ALA A 31 -18.72 10.66 -7.64
N VAL A 32 -18.59 11.13 -8.89
CA VAL A 32 -18.63 12.57 -9.18
C VAL A 32 -19.99 13.18 -8.84
N LEU A 33 -21.09 12.46 -9.06
CA LEU A 33 -22.41 12.90 -8.63
C LEU A 33 -22.49 13.04 -7.11
N LEU A 34 -22.14 12.00 -6.37
CA LEU A 34 -22.29 12.00 -4.92
C LEU A 34 -21.38 13.05 -4.26
N MET A 35 -20.16 13.25 -4.76
CA MET A 35 -19.29 14.32 -4.26
C MET A 35 -19.89 15.69 -4.59
N LEU A 36 -20.22 15.95 -5.85
CA LEU A 36 -20.70 17.25 -6.31
C LEU A 36 -22.04 17.64 -5.67
N ALA A 37 -23.07 16.81 -5.79
CA ALA A 37 -24.44 17.20 -5.46
C ALA A 37 -24.61 17.51 -3.97
N VAL A 38 -23.90 16.77 -3.10
CA VAL A 38 -23.88 17.04 -1.66
C VAL A 38 -22.94 18.18 -1.32
N THR A 39 -21.74 18.27 -1.91
CA THR A 39 -20.67 19.12 -1.38
C THR A 39 -20.57 20.49 -2.07
N ALA A 40 -21.04 20.64 -3.31
CA ALA A 40 -20.95 21.91 -4.03
C ALA A 40 -21.69 23.05 -3.33
N TYR A 41 -22.92 22.85 -2.87
CA TYR A 41 -23.64 23.88 -2.14
C TYR A 41 -22.96 24.23 -0.80
N PRO A 42 -22.59 23.30 0.09
CA PRO A 42 -21.86 23.62 1.31
C PRO A 42 -20.57 24.39 1.09
N ILE A 43 -19.74 24.01 0.11
CA ILE A 43 -18.53 24.76 -0.23
C ILE A 43 -18.91 26.15 -0.73
N GLY A 44 -19.87 26.25 -1.65
CA GLY A 44 -20.30 27.53 -2.21
C GLY A 44 -20.84 28.47 -1.14
N TYR A 45 -21.66 27.97 -0.23
CA TYR A 45 -22.23 28.74 0.85
C TYR A 45 -21.16 29.14 1.86
N ALA A 46 -20.26 28.22 2.24
CA ALA A 46 -19.16 28.52 3.16
C ALA A 46 -18.19 29.56 2.61
N VAL A 47 -17.94 29.57 1.30
CA VAL A 47 -17.22 30.66 0.66
C VAL A 47 -18.06 31.93 0.66
N TRP A 48 -19.33 31.89 0.25
CA TRP A 48 -20.12 33.10 0.08
C TRP A 48 -20.39 33.84 1.39
N LEU A 49 -20.62 33.12 2.48
CA LEU A 49 -20.72 33.72 3.82
C LEU A 49 -19.46 34.48 4.22
N SER A 50 -18.30 34.13 3.68
CA SER A 50 -17.04 34.78 4.01
C SER A 50 -17.00 36.25 3.56
N LEU A 51 -17.82 36.66 2.59
CA LEU A 51 -17.80 38.03 2.04
C LEU A 51 -18.68 39.03 2.80
N GLN A 52 -19.25 38.68 3.96
CA GLN A 52 -20.37 39.43 4.55
C GLN A 52 -20.39 39.41 6.08
N ARG A 53 -21.04 40.39 6.68
CA ARG A 53 -21.22 40.51 8.13
C ARG A 53 -22.35 39.63 8.65
N TYR A 54 -22.36 38.33 8.30
CA TYR A 54 -23.37 37.41 8.77
C TYR A 54 -23.15 37.07 10.24
N ASN A 55 -24.19 37.15 11.07
CA ASN A 55 -24.13 36.68 12.45
C ASN A 55 -25.36 35.83 12.77
N LEU A 56 -25.15 34.62 13.30
CA LEU A 56 -26.22 33.65 13.52
C LEU A 56 -27.26 34.11 14.55
N ALA A 57 -26.94 35.08 15.39
CA ALA A 57 -27.88 35.66 16.35
C ALA A 57 -28.84 36.72 15.77
N GLU A 58 -28.59 37.27 14.58
CA GLU A 58 -29.48 38.26 13.93
C GLU A 58 -29.45 38.13 12.40
N PRO A 59 -29.94 37.02 11.83
CA PRO A 59 -29.72 36.65 10.43
C PRO A 59 -30.31 37.65 9.41
N HIS A 60 -31.32 38.42 9.82
CA HIS A 60 -31.93 39.49 9.02
C HIS A 60 -31.11 40.79 9.00
N ASP A 61 -30.27 41.04 10.01
CA ASP A 61 -29.44 42.24 10.14
C ASP A 61 -28.02 41.98 9.61
N THR A 62 -27.91 41.71 8.31
CA THR A 62 -26.67 41.33 7.63
C THR A 62 -26.54 41.93 6.23
N GLU A 63 -25.30 42.24 5.82
CA GLU A 63 -24.97 42.87 4.55
C GLU A 63 -23.60 42.42 4.04
N PHE A 64 -23.36 42.58 2.73
CA PHE A 64 -22.06 42.35 2.10
C PHE A 64 -20.99 43.29 2.67
N ILE A 65 -19.82 42.75 2.99
CA ILE A 65 -18.70 43.46 3.61
C ILE A 65 -17.42 43.42 2.76
N GLY A 66 -17.48 42.86 1.55
CA GLY A 66 -16.33 42.68 0.69
C GLY A 66 -15.26 41.77 1.30
N LEU A 67 -13.99 42.08 1.04
CA LEU A 67 -12.85 41.30 1.52
C LEU A 67 -12.54 41.51 3.02
N ALA A 68 -13.27 42.37 3.73
CA ALA A 68 -12.92 42.80 5.08
C ALA A 68 -12.76 41.64 6.09
N ASN A 69 -13.52 40.55 5.95
CA ASN A 69 -13.36 39.38 6.80
C ASN A 69 -12.00 38.68 6.62
N TYR A 70 -11.31 38.83 5.50
CA TYR A 70 -9.96 38.27 5.32
C TYR A 70 -8.87 39.13 5.93
N VAL A 71 -8.86 40.44 5.68
CA VAL A 71 -7.82 41.30 6.27
C VAL A 71 -7.91 41.31 7.79
N THR A 72 -9.12 41.27 8.36
CA THR A 72 -9.30 41.32 9.81
C THR A 72 -8.81 40.05 10.53
N VAL A 73 -8.79 38.88 9.89
CA VAL A 73 -8.11 37.67 10.42
C VAL A 73 -6.63 37.64 10.07
N LEU A 74 -6.28 37.93 8.81
CA LEU A 74 -4.90 37.81 8.35
C LEU A 74 -3.96 38.80 9.03
N THR A 75 -4.44 39.97 9.45
CA THR A 75 -3.66 40.95 10.19
C THR A 75 -3.53 40.69 11.71
N ASP A 76 -4.08 39.60 12.26
CA ASP A 76 -4.25 39.42 13.71
C ASP A 76 -3.26 38.40 14.31
N GLY A 77 -2.55 38.79 15.37
CA GLY A 77 -1.61 37.93 16.07
C GLY A 77 -2.22 36.63 16.60
N TYR A 78 -3.52 36.60 16.89
CA TYR A 78 -4.16 35.33 17.26
C TYR A 78 -4.12 34.32 16.11
N TRP A 79 -4.28 34.74 14.86
CA TRP A 79 -4.12 33.80 13.76
C TRP A 79 -2.69 33.34 13.66
N TRP A 80 -1.72 34.24 13.71
CA TRP A 80 -0.32 33.86 13.51
C TRP A 80 0.23 32.96 14.61
N THR A 81 -0.12 33.22 15.87
CA THR A 81 0.25 32.33 16.97
C THR A 81 -0.36 30.95 16.79
N ALA A 82 -1.65 30.85 16.46
CA ALA A 82 -2.30 29.56 16.22
C ALA A 82 -1.75 28.83 15.00
N PHE A 83 -1.48 29.56 13.93
CA PHE A 83 -0.92 29.05 12.69
C PHE A 83 0.48 28.51 12.89
N ALA A 84 1.33 29.26 13.58
CA ALA A 84 2.69 28.84 13.86
C ALA A 84 2.73 27.54 14.69
N VAL A 85 1.87 27.46 15.70
CA VAL A 85 1.69 26.25 16.49
C VAL A 85 1.21 25.09 15.62
N THR A 86 0.16 25.26 14.80
CA THR A 86 -0.34 24.13 14.00
C THR A 86 0.66 23.66 12.97
N LEU A 87 1.45 24.57 12.40
CA LEU A 87 2.50 24.25 11.45
C LEU A 87 3.66 23.50 12.12
N GLY A 88 4.15 23.99 13.26
CA GLY A 88 5.22 23.35 14.05
C GLY A 88 4.82 21.96 14.55
N ILE A 89 3.60 21.82 15.10
CA ILE A 89 3.06 20.49 15.44
C ILE A 89 2.95 19.60 14.20
N THR A 90 2.51 20.12 13.05
CA THR A 90 2.39 19.33 11.81
C THR A 90 3.73 18.77 11.37
N VAL A 91 4.74 19.62 11.14
CA VAL A 91 6.01 19.13 10.58
C VAL A 91 6.72 18.17 11.54
N VAL A 92 6.75 18.47 12.84
CA VAL A 92 7.41 17.59 13.82
C VAL A 92 6.68 16.27 14.00
N SER A 93 5.35 16.28 14.11
CA SER A 93 4.60 15.02 14.21
C SER A 93 4.74 14.19 12.94
N VAL A 94 4.55 14.76 11.74
CA VAL A 94 4.63 13.99 10.50
C VAL A 94 6.01 13.41 10.27
N ALA A 95 7.09 14.15 10.58
CA ALA A 95 8.44 13.58 10.45
C ALA A 95 8.62 12.35 11.34
N ILE A 96 8.26 12.45 12.62
CA ILE A 96 8.36 11.32 13.55
C ILE A 96 7.44 10.18 13.10
N GLU A 97 6.19 10.45 12.77
CA GLU A 97 5.25 9.42 12.38
C GLU A 97 5.64 8.70 11.10
N PHE A 98 6.32 9.36 10.16
CA PHE A 98 6.81 8.72 8.96
C PHE A 98 8.03 7.84 9.24
N ALA A 99 9.01 8.38 9.96
CA ALA A 99 10.22 7.63 10.30
C ALA A 99 9.88 6.40 11.14
N LEU A 100 9.01 6.57 12.15
CA LEU A 100 8.48 5.48 12.93
C LEU A 100 7.56 4.58 12.08
N GLY A 101 6.76 5.17 11.20
CA GLY A 101 5.83 4.47 10.33
C GLY A 101 6.52 3.41 9.47
N LEU A 102 7.67 3.73 8.86
CA LEU A 102 8.47 2.76 8.13
C LEU A 102 8.88 1.60 9.04
N ALA A 103 9.42 1.91 10.22
CA ALA A 103 9.90 0.90 11.13
C ALA A 103 8.77 -0.04 11.55
N LEU A 104 7.61 0.51 11.89
CA LEU A 104 6.45 -0.29 12.25
C LEU A 104 5.91 -1.08 11.07
N ALA A 105 5.90 -0.55 9.85
CA ALA A 105 5.49 -1.31 8.68
C ALA A 105 6.42 -2.50 8.42
N LEU A 106 7.74 -2.31 8.55
CA LEU A 106 8.72 -3.38 8.31
C LEU A 106 8.56 -4.52 9.32
N VAL A 107 8.46 -4.24 10.62
CA VAL A 107 8.26 -5.30 11.62
C VAL A 107 6.88 -5.96 11.47
N MET A 108 5.89 -5.23 10.98
CA MET A 108 4.57 -5.78 10.68
C MET A 108 4.56 -6.63 9.37
N HIS A 109 5.62 -6.54 8.57
CA HIS A 109 5.79 -7.30 7.33
C HIS A 109 6.72 -8.51 7.50
N ARG A 110 7.96 -8.27 7.94
CA ARG A 110 9.04 -9.25 8.02
C ARG A 110 8.91 -10.22 9.20
N THR A 111 8.28 -9.82 10.30
CA THR A 111 8.44 -10.55 11.57
C THR A 111 7.92 -11.99 11.49
N ILE A 112 8.73 -12.96 11.92
CA ILE A 112 8.40 -14.39 11.85
C ILE A 112 7.37 -14.85 12.88
N PHE A 113 7.18 -14.09 13.97
CA PHE A 113 6.51 -14.51 15.19
C PHE A 113 5.01 -14.21 15.17
N GLY A 114 4.23 -15.03 14.47
CA GLY A 114 2.76 -15.02 14.49
C GLY A 114 2.13 -13.68 14.09
N LYS A 115 2.36 -13.22 12.86
CA LYS A 115 2.12 -11.84 12.36
C LYS A 115 0.78 -11.22 12.75
N GLY A 116 -0.29 -12.01 12.82
CA GLY A 116 -1.62 -11.54 13.24
C GLY A 116 -1.66 -10.89 14.62
N ALA A 117 -0.80 -11.34 15.55
CA ALA A 117 -0.64 -10.71 16.85
C ALA A 117 -0.16 -9.27 16.70
N VAL A 118 0.94 -9.02 15.98
CA VAL A 118 1.41 -7.65 15.75
C VAL A 118 0.42 -6.87 14.90
N ARG A 119 -0.06 -7.42 13.79
CA ARG A 119 -0.99 -6.72 12.88
C ARG A 119 -2.26 -6.24 13.58
N THR A 120 -2.78 -6.96 14.57
CA THR A 120 -3.88 -6.45 15.38
C THR A 120 -3.38 -5.51 16.46
N ALA A 121 -2.38 -5.89 17.26
CA ALA A 121 -1.93 -5.07 18.39
C ALA A 121 -1.34 -3.72 17.98
N ILE A 122 -0.89 -3.56 16.75
CA ILE A 122 -0.34 -2.31 16.23
C ILE A 122 -1.39 -1.44 15.53
N LEU A 123 -2.55 -1.98 15.16
CA LEU A 123 -3.64 -1.22 14.56
C LEU A 123 -4.75 -0.84 15.54
N ILE A 124 -4.88 -1.55 16.67
CA ILE A 124 -5.86 -1.18 17.72
C ILE A 124 -5.75 0.27 18.23
N PRO A 125 -4.58 0.94 18.34
CA PRO A 125 -4.56 2.34 18.76
C PRO A 125 -5.37 3.24 17.83
N TYR A 126 -5.41 2.96 16.54
CA TYR A 126 -6.17 3.77 15.59
C TYR A 126 -7.68 3.63 15.83
N GLY A 127 -8.11 2.45 16.27
CA GLY A 127 -9.49 2.13 16.66
C GLY A 127 -9.90 2.47 18.09
N ILE A 128 -9.13 3.27 18.84
CA ILE A 128 -9.58 3.88 20.09
C ILE A 128 -10.28 5.21 19.78
N VAL A 129 -11.40 5.47 20.44
CA VAL A 129 -12.20 6.69 20.24
C VAL A 129 -11.41 7.94 20.66
N THR A 130 -11.41 8.97 19.80
CA THR A 130 -10.64 10.22 20.03
C THR A 130 -10.85 11.04 21.31
N VAL A 131 -11.99 10.87 21.95
CA VAL A 131 -12.28 11.45 23.27
C VAL A 131 -11.65 10.64 24.39
N ALA A 132 -11.73 9.31 24.35
CA ALA A 132 -11.09 8.46 25.33
C ALA A 132 -9.57 8.55 25.23
N ALA A 133 -9.03 8.58 24.01
CA ALA A 133 -7.60 8.78 23.81
C ALA A 133 -7.13 10.11 24.42
N SER A 134 -7.84 11.21 24.18
CA SER A 134 -7.40 12.50 24.72
C SER A 134 -7.49 12.55 26.24
N TYR A 135 -8.54 12.01 26.85
CA TYR A 135 -8.64 11.93 28.31
C TYR A 135 -7.63 10.97 28.93
N SER A 136 -7.31 9.86 28.25
CA SER A 136 -6.27 8.94 28.65
C SER A 136 -4.94 9.67 28.84
N TRP A 137 -4.50 10.44 27.86
CA TRP A 137 -3.29 11.25 28.00
C TRP A 137 -3.45 12.36 29.02
N TYR A 138 -4.59 13.04 29.09
CA TYR A 138 -4.76 14.14 30.02
C TYR A 138 -4.65 13.69 31.47
N TYR A 139 -5.33 12.61 31.87
CA TYR A 139 -5.12 12.07 33.21
C TYR A 139 -3.76 11.40 33.37
N ALA A 140 -3.12 10.88 32.31
CA ALA A 140 -1.81 10.25 32.44
C ALA A 140 -0.70 11.22 32.88
N TRP A 141 -0.77 12.49 32.45
CA TRP A 141 0.26 13.51 32.70
C TRP A 141 -0.02 14.48 33.87
N THR A 142 -1.20 14.50 34.49
CA THR A 142 -1.40 15.29 35.73
C THR A 142 -0.72 14.63 36.93
N PRO A 143 0.10 15.34 37.71
CA PRO A 143 0.91 14.76 38.79
C PRO A 143 0.04 14.25 39.94
N GLY A 144 0.51 13.20 40.62
CA GLY A 144 -0.19 12.58 41.75
C GLY A 144 -1.45 11.80 41.37
N THR A 145 -1.74 11.66 40.08
CA THR A 145 -2.99 11.09 39.55
C THR A 145 -2.79 10.35 38.24
N GLY A 146 -1.77 10.70 37.45
CA GLY A 146 -1.39 10.02 36.22
C GLY A 146 -0.16 9.14 36.39
N TYR A 147 -0.24 7.89 35.94
CA TYR A 147 0.76 6.87 36.26
C TYR A 147 2.17 7.20 35.78
N LEU A 148 2.32 7.87 34.63
CA LEU A 148 3.61 8.33 34.13
C LEU A 148 3.97 9.77 34.56
N ALA A 149 3.04 10.55 35.08
CA ALA A 149 3.35 11.85 35.65
C ALA A 149 4.20 11.72 36.93
N ASN A 150 3.94 10.69 37.75
CA ASN A 150 4.69 10.43 38.97
C ASN A 150 6.17 10.11 38.73
N LEU A 151 6.58 9.79 37.50
CA LEU A 151 7.98 9.52 37.16
C LEU A 151 8.85 10.79 37.09
N LEU A 152 8.24 11.97 37.03
CA LEU A 152 8.91 13.27 37.01
C LEU A 152 9.45 13.68 38.40
N PRO A 153 10.38 14.64 38.51
CA PRO A 153 10.73 15.23 39.80
C PRO A 153 9.54 15.94 40.45
N GLU A 154 9.64 16.23 41.75
CA GLU A 154 8.56 16.86 42.53
C GLU A 154 8.00 18.13 41.87
N GLY A 155 6.68 18.29 41.92
CA GLY A 155 6.00 19.51 41.45
C GLY A 155 6.15 19.85 39.97
N SER A 156 6.40 18.85 39.10
CA SER A 156 6.71 19.12 37.69
C SER A 156 5.53 19.62 36.86
N ALA A 157 4.36 18.98 36.97
CA ALA A 157 3.11 19.40 36.33
C ALA A 157 3.26 19.89 34.87
N PRO A 158 3.72 19.06 33.93
CA PRO A 158 4.19 19.53 32.62
C PRO A 158 3.12 20.09 31.69
N LEU A 159 1.83 19.84 31.94
CA LEU A 159 0.75 20.45 31.17
C LEU A 159 0.62 21.96 31.42
N THR A 160 1.26 22.51 32.46
CA THR A 160 1.07 23.90 32.88
C THR A 160 1.84 24.95 32.06
N ASP A 161 2.78 24.55 31.19
CA ASP A 161 3.59 25.50 30.41
C ASP A 161 3.96 24.99 29.00
N GLN A 162 4.47 25.91 28.17
CA GLN A 162 4.32 25.84 26.72
C GLN A 162 5.07 24.68 26.05
N LEU A 163 6.40 24.64 26.12
CA LEU A 163 7.16 23.61 25.38
C LEU A 163 6.87 22.18 25.87
N PRO A 164 6.75 21.88 27.17
CA PRO A 164 6.42 20.53 27.60
C PRO A 164 5.00 20.11 27.22
N SER A 165 4.02 21.00 27.28
CA SER A 165 2.67 20.62 26.84
C SER A 165 2.61 20.38 25.34
N LEU A 166 3.34 21.15 24.51
CA LEU A 166 3.48 20.87 23.09
C LEU A 166 4.14 19.51 22.86
N ALA A 167 5.18 19.16 23.60
CA ALA A 167 5.81 17.86 23.46
C ALA A 167 4.83 16.72 23.80
N ILE A 168 4.00 16.88 24.82
CA ILE A 168 3.00 15.89 25.20
C ILE A 168 1.95 15.71 24.10
N VAL A 169 1.44 16.78 23.49
CA VAL A 169 0.51 16.60 22.36
C VAL A 169 1.17 15.99 21.13
N VAL A 170 2.45 16.24 20.85
CA VAL A 170 3.10 15.49 19.76
C VAL A 170 3.12 14.00 20.08
N LEU A 171 3.47 13.58 21.30
CA LEU A 171 3.41 12.17 21.67
C LEU A 171 1.99 11.61 21.58
N ALA A 172 1.01 12.33 22.12
CA ALA A 172 -0.37 11.89 22.08
C ALA A 172 -0.93 11.81 20.65
N GLU A 173 -0.22 12.41 19.70
CA GLU A 173 -0.60 12.35 18.29
C GLU A 173 0.13 11.20 17.59
N VAL A 174 1.44 11.11 17.82
CA VAL A 174 2.29 10.05 17.24
C VAL A 174 1.82 8.65 17.60
N TRP A 175 1.53 8.37 18.88
CA TRP A 175 1.04 7.05 19.28
C TRP A 175 -0.29 6.68 18.62
N LYS A 176 -1.20 7.65 18.50
CA LYS A 176 -2.53 7.39 17.93
C LYS A 176 -2.64 7.33 16.40
N THR A 177 -1.73 7.98 15.67
CA THR A 177 -1.80 7.99 14.20
C THR A 177 -0.61 7.40 13.45
N THR A 178 0.53 7.05 14.06
CA THR A 178 1.54 6.27 13.33
C THR A 178 1.01 4.95 12.73
N PRO A 179 -0.02 4.28 13.27
CA PRO A 179 -0.65 3.13 12.60
C PRO A 179 -1.29 3.44 11.25
N PHE A 180 -1.77 4.66 11.00
CA PHE A 180 -2.30 5.02 9.67
C PHE A 180 -1.21 4.91 8.62
N MET A 181 -0.07 5.60 8.83
CA MET A 181 1.02 5.53 7.88
C MET A 181 1.67 4.14 7.86
N ALA A 182 1.82 3.46 8.99
CA ALA A 182 2.37 2.11 8.98
C ALA A 182 1.53 1.14 8.12
N LEU A 183 0.21 1.27 8.11
CA LEU A 183 -0.65 0.41 7.33
C LEU A 183 -0.59 0.71 5.83
N LEU A 184 -0.61 1.98 5.41
CA LEU A 184 -0.41 2.30 3.99
C LEU A 184 1.00 1.93 3.53
N LEU A 185 2.01 2.11 4.37
CA LEU A 185 3.36 1.65 4.06
C LEU A 185 3.38 0.14 3.88
N LEU A 186 2.84 -0.64 4.81
CA LEU A 186 2.75 -2.10 4.68
C LEU A 186 2.05 -2.51 3.40
N ALA A 187 0.87 -1.97 3.14
CA ALA A 187 0.09 -2.37 1.98
C ALA A 187 0.80 -2.01 0.68
N GLY A 188 1.46 -0.85 0.61
CA GLY A 188 2.29 -0.49 -0.53
C GLY A 188 3.51 -1.40 -0.66
N LEU A 189 4.17 -1.73 0.44
CA LEU A 189 5.40 -2.54 0.50
C LEU A 189 5.15 -3.99 0.09
N ALA A 190 3.93 -4.52 0.30
CA ALA A 190 3.54 -5.84 -0.20
C ALA A 190 3.58 -5.96 -1.73
N LEU A 191 3.71 -4.87 -2.48
CA LEU A 191 3.94 -4.88 -3.93
C LEU A 191 5.28 -5.51 -4.33
N VAL A 192 6.36 -5.15 -3.64
CA VAL A 192 7.72 -5.20 -4.21
C VAL A 192 8.17 -6.63 -4.55
N PRO A 193 8.51 -6.94 -5.81
CA PRO A 193 8.86 -8.30 -6.22
C PRO A 193 10.09 -8.83 -5.49
N GLN A 194 9.95 -9.99 -4.83
CA GLN A 194 11.01 -10.54 -4.00
C GLN A 194 12.30 -10.78 -4.79
N ASP A 195 12.21 -11.12 -6.06
CA ASP A 195 13.38 -11.33 -6.90
C ASP A 195 14.19 -10.05 -7.12
N LEU A 196 13.59 -8.86 -7.12
CA LEU A 196 14.37 -7.62 -7.19
C LEU A 196 15.09 -7.31 -5.88
N LEU A 197 14.55 -7.75 -4.75
CA LEU A 197 15.25 -7.72 -3.47
C LEU A 197 16.40 -8.74 -3.46
N ASN A 198 16.16 -9.97 -3.90
CA ASN A 198 17.19 -10.99 -4.03
C ASN A 198 18.32 -10.51 -4.95
N ALA A 199 17.98 -9.90 -6.08
CA ALA A 199 18.92 -9.33 -7.02
C ALA A 199 19.73 -8.16 -6.46
N ALA A 200 19.24 -7.46 -5.44
CA ALA A 200 20.03 -6.45 -4.75
C ALA A 200 20.97 -7.13 -3.75
N GLN A 201 20.45 -8.10 -3.01
CA GLN A 201 21.17 -8.77 -1.95
C GLN A 201 22.40 -9.52 -2.47
N VAL A 202 22.27 -10.29 -3.55
CA VAL A 202 23.40 -10.96 -4.19
C VAL A 202 24.29 -9.99 -4.98
N ASP A 203 23.80 -8.80 -5.34
CA ASP A 203 24.64 -7.69 -5.79
C ASP A 203 25.20 -6.84 -4.63
N GLY A 204 25.12 -7.35 -3.41
CA GLY A 204 25.87 -6.84 -2.26
C GLY A 204 25.20 -5.70 -1.50
N ALA A 205 23.91 -5.45 -1.72
CA ALA A 205 23.18 -4.45 -0.94
C ALA A 205 22.94 -4.93 0.50
N GLY A 206 23.36 -4.14 1.48
CA GLY A 206 23.06 -4.40 2.89
C GLY A 206 21.56 -4.28 3.23
N PRO A 207 21.18 -4.50 4.49
CA PRO A 207 19.79 -4.46 4.92
C PRO A 207 19.20 -3.04 4.92
N TRP A 208 20.04 -2.01 5.09
CA TRP A 208 19.65 -0.61 4.97
C TRP A 208 19.91 -0.07 3.55
N LYS A 209 21.03 -0.45 2.93
CA LYS A 209 21.39 0.02 1.59
C LYS A 209 20.35 -0.34 0.53
N ARG A 210 19.69 -1.51 0.63
CA ARG A 210 18.56 -1.86 -0.24
C ARG A 210 17.31 -1.07 0.09
N LEU A 211 17.04 -0.73 1.35
CA LEU A 211 15.84 0.04 1.68
C LEU A 211 15.87 1.40 1.00
N THR A 212 16.98 2.12 1.06
CA THR A 212 17.07 3.47 0.48
C THR A 212 17.11 3.48 -1.06
N LYS A 213 17.44 2.36 -1.71
CA LYS A 213 17.77 2.31 -3.15
C LYS A 213 16.95 1.31 -3.98
N VAL A 214 16.17 0.45 -3.32
CA VAL A 214 15.30 -0.57 -3.92
C VAL A 214 13.89 -0.51 -3.33
N ILE A 215 13.71 -0.64 -2.01
CA ILE A 215 12.39 -0.59 -1.40
C ILE A 215 11.69 0.76 -1.58
N LEU A 216 12.22 1.85 -1.01
CA LEU A 216 11.62 3.20 -1.08
C LEU A 216 11.31 3.67 -2.51
N PRO A 217 12.27 3.70 -3.45
CA PRO A 217 11.98 4.24 -4.76
C PRO A 217 10.98 3.41 -5.55
N MET A 218 10.77 2.13 -5.24
CA MET A 218 9.67 1.38 -5.83
C MET A 218 8.31 1.68 -5.17
N ILE A 219 8.23 1.90 -3.86
CA ILE A 219 6.97 2.27 -3.19
C ILE A 219 6.65 3.77 -3.21
N LYS A 220 7.51 4.61 -3.78
CA LYS A 220 7.33 6.07 -3.87
C LYS A 220 5.88 6.54 -4.14
N PRO A 221 5.17 6.06 -5.15
CA PRO A 221 3.78 6.50 -5.37
C PRO A 221 2.80 6.06 -4.28
N ALA A 222 3.06 5.02 -3.50
CA ALA A 222 2.20 4.66 -2.37
C ALA A 222 2.48 5.52 -1.14
N ILE A 223 3.74 5.82 -0.83
CA ILE A 223 4.08 6.69 0.31
C ILE A 223 3.56 8.12 0.13
N LEU A 224 3.40 8.60 -1.10
CA LEU A 224 2.73 9.87 -1.38
C LEU A 224 1.33 9.92 -0.77
N VAL A 225 0.54 8.85 -0.88
CA VAL A 225 -0.81 8.81 -0.33
C VAL A 225 -0.76 8.90 1.19
N ALA A 226 0.09 8.11 1.82
CA ALA A 226 0.27 8.09 3.26
C ALA A 226 0.68 9.48 3.75
N LEU A 227 1.68 10.07 3.13
CA LEU A 227 2.20 11.39 3.50
C LEU A 227 1.15 12.47 3.31
N LEU A 228 0.45 12.48 2.17
CA LEU A 228 -0.49 13.52 1.81
C LEU A 228 -1.71 13.54 2.75
N PHE A 229 -2.56 12.50 2.73
CA PHE A 229 -3.76 12.52 3.55
C PHE A 229 -3.46 12.63 5.04
N ARG A 230 -2.29 12.15 5.44
CA ARG A 230 -1.87 12.26 6.84
C ARG A 230 -1.55 13.72 7.17
N THR A 231 -0.78 14.38 6.30
CA THR A 231 -0.42 15.78 6.51
C THR A 231 -1.63 16.71 6.44
N LEU A 232 -2.52 16.55 5.46
CA LEU A 232 -3.73 17.37 5.35
C LEU A 232 -4.67 17.13 6.53
N ASP A 233 -4.51 16.01 7.23
CA ASP A 233 -5.33 15.79 8.45
C ASP A 233 -4.63 16.43 9.64
N ALA A 234 -3.29 16.35 9.70
CA ALA A 234 -2.53 16.90 10.82
C ALA A 234 -2.69 18.41 10.99
N PHE A 235 -2.87 19.14 9.89
CA PHE A 235 -3.02 20.60 9.92
C PHE A 235 -4.31 21.05 10.62
N ARG A 236 -5.32 20.20 10.61
CA ARG A 236 -6.60 20.52 11.22
C ARG A 236 -6.82 19.78 12.54
N ILE A 237 -5.78 19.77 13.38
CA ILE A 237 -5.87 19.11 14.69
C ILE A 237 -6.88 19.82 15.55
N PHE A 238 -7.59 19.06 16.38
CA PHE A 238 -8.61 19.65 17.27
C PHE A 238 -8.75 18.88 18.59
N ASP A 239 -9.16 17.61 18.54
CA ASP A 239 -9.47 16.84 19.76
C ASP A 239 -8.30 16.81 20.75
N ASN A 240 -7.15 16.28 20.32
CA ASN A 240 -5.96 16.06 21.16
C ASN A 240 -5.30 17.35 21.67
N ILE A 241 -5.82 18.53 21.34
CA ILE A 241 -5.33 19.81 21.86
C ILE A 241 -6.46 20.74 22.33
N TYR A 242 -7.72 20.27 22.28
CA TYR A 242 -8.83 20.91 22.97
C TYR A 242 -9.15 20.19 24.28
N ILE A 243 -9.27 18.87 24.28
CA ILE A 243 -9.56 18.11 25.51
C ILE A 243 -8.34 18.22 26.43
N LEU A 244 -7.19 17.79 25.94
CA LEU A 244 -5.96 17.88 26.72
C LEU A 244 -5.50 19.33 26.66
N THR A 245 -5.41 19.97 27.82
CA THR A 245 -4.98 21.37 27.92
C THR A 245 -5.76 22.28 26.96
N GLY A 246 -7.08 22.32 27.14
CA GLY A 246 -7.94 23.12 26.29
C GLY A 246 -7.63 24.61 26.25
N GLY A 247 -7.08 25.05 25.12
CA GLY A 247 -6.74 26.44 24.90
C GLY A 247 -6.03 27.14 26.05
N SER A 248 -4.78 26.75 26.31
CA SER A 248 -4.00 27.34 27.38
C SER A 248 -2.60 27.72 26.92
N ASN A 249 -2.00 28.68 27.62
CA ASN A 249 -0.65 29.22 27.37
C ASN A 249 -0.28 29.32 25.89
N ASP A 250 -1.20 29.87 25.10
CA ASP A 250 -1.05 30.23 23.69
C ASP A 250 -1.01 29.07 22.67
N THR A 251 -1.17 27.80 23.06
CA THR A 251 -1.02 26.63 22.16
C THR A 251 -2.30 26.20 21.42
N GLY A 252 -3.15 27.11 20.96
CA GLY A 252 -4.37 26.76 20.23
C GLY A 252 -4.13 26.50 18.75
N SER A 253 -4.33 25.29 18.25
CA SER A 253 -4.25 24.97 16.81
C SER A 253 -5.35 25.65 15.99
N VAL A 254 -5.14 25.94 14.70
CA VAL A 254 -6.06 26.80 13.94
C VAL A 254 -7.48 26.24 13.85
N SER A 255 -7.67 24.92 13.88
CA SER A 255 -9.02 24.35 13.93
C SER A 255 -9.78 24.75 15.21
N ILE A 256 -9.11 24.89 16.35
CA ILE A 256 -9.67 25.46 17.58
C ILE A 256 -9.97 26.94 17.39
N LEU A 257 -9.07 27.70 16.75
CA LEU A 257 -9.31 29.11 16.47
C LEU A 257 -10.58 29.32 15.63
N GLY A 258 -10.80 28.45 14.65
CA GLY A 258 -12.00 28.44 13.83
C GLY A 258 -13.25 28.11 14.63
N TYR A 259 -13.24 27.01 15.38
CA TYR A 259 -14.36 26.62 16.25
C TYR A 259 -14.73 27.73 17.25
N ASP A 260 -13.76 28.31 17.94
CA ASP A 260 -14.00 29.39 18.90
C ASP A 260 -14.61 30.64 18.28
N ASN A 261 -14.34 30.93 17.01
CA ASN A 261 -14.96 32.04 16.29
C ASN A 261 -16.26 31.67 15.56
N LEU A 262 -16.71 30.42 15.62
CA LEU A 262 -17.94 29.98 14.96
C LEU A 262 -18.95 29.38 15.93
N PHE A 263 -18.63 28.24 16.56
CA PHE A 263 -19.58 27.49 17.38
C PHE A 263 -19.89 28.23 18.68
N LYS A 264 -18.90 28.89 19.30
CA LYS A 264 -19.05 29.63 20.57
C LYS A 264 -18.77 31.12 20.48
N ALA A 265 -19.08 31.72 19.34
CA ALA A 265 -19.16 33.17 19.15
C ALA A 265 -20.18 33.61 18.11
N PHE A 266 -20.72 32.70 17.28
CA PHE A 266 -21.75 32.94 16.26
C PHE A 266 -21.38 33.95 15.15
N ASN A 267 -20.11 34.36 15.07
CA ASN A 267 -19.59 35.22 14.00
C ASN A 267 -19.34 34.43 12.71
N VAL A 268 -20.41 33.91 12.11
CA VAL A 268 -20.39 33.11 10.87
C VAL A 268 -19.60 33.79 9.74
N GLY A 269 -19.75 35.10 9.61
CA GLY A 269 -19.03 35.87 8.60
C GLY A 269 -17.50 35.87 8.75
N LEU A 270 -16.97 35.56 9.94
CA LEU A 270 -15.53 35.42 10.18
C LEU A 270 -15.10 33.96 10.36
N GLY A 271 -15.89 33.15 11.04
CA GLY A 271 -15.61 31.72 11.23
C GLY A 271 -15.55 30.94 9.92
N SER A 272 -16.23 31.44 8.88
CA SER A 272 -16.04 30.97 7.50
C SER A 272 -14.74 31.46 6.87
N ALA A 273 -14.31 32.71 7.06
CA ALA A 273 -13.01 33.17 6.57
C ALA A 273 -11.85 32.39 7.21
N ILE A 274 -11.88 32.17 8.51
CA ILE A 274 -10.93 31.31 9.22
C ILE A 274 -10.97 29.85 8.78
N SER A 275 -11.99 29.41 8.04
CA SER A 275 -12.01 28.10 7.37
C SER A 275 -11.41 28.18 5.96
N VAL A 276 -11.76 29.20 5.17
CA VAL A 276 -11.19 29.36 3.83
C VAL A 276 -9.67 29.51 3.89
N LEU A 277 -9.12 30.27 4.83
CA LEU A 277 -7.67 30.41 4.91
C LEU A 277 -6.94 29.14 5.30
N ILE A 278 -7.49 28.28 6.17
CA ILE A 278 -6.84 26.98 6.39
C ILE A 278 -6.99 26.11 5.16
N PHE A 279 -8.11 26.13 4.46
CA PHE A 279 -8.24 25.45 3.18
C PHE A 279 -7.15 25.88 2.18
N LEU A 280 -6.92 27.19 1.99
CA LEU A 280 -5.84 27.68 1.12
C LEU A 280 -4.47 27.21 1.58
N SER A 281 -4.14 27.37 2.86
CA SER A 281 -2.82 26.98 3.36
C SER A 281 -2.56 25.48 3.22
N VAL A 282 -3.60 24.66 3.43
CA VAL A 282 -3.53 23.21 3.21
C VAL A 282 -3.43 22.91 1.72
N ALA A 283 -4.07 23.68 0.85
CA ALA A 283 -3.91 23.51 -0.60
C ALA A 283 -2.48 23.73 -1.08
N ILE A 284 -1.73 24.69 -0.52
CA ILE A 284 -0.33 24.89 -0.90
C ILE A 284 0.53 23.68 -0.53
N ILE A 285 0.32 23.08 0.64
CA ILE A 285 1.01 21.86 1.05
C ILE A 285 0.66 20.71 0.10
N ALA A 286 -0.62 20.57 -0.25
CA ALA A 286 -1.06 19.57 -1.21
C ALA A 286 -0.42 19.74 -2.58
N PHE A 287 -0.37 20.98 -3.10
CA PHE A 287 0.26 21.29 -4.38
C PHE A 287 1.74 20.93 -4.38
N ILE A 288 2.48 21.33 -3.35
CA ILE A 288 3.91 21.02 -3.24
C ILE A 288 4.15 19.51 -3.21
N TYR A 289 3.40 18.73 -2.43
CA TYR A 289 3.61 17.28 -2.38
C TYR A 289 3.39 16.63 -3.74
N ILE A 290 2.31 16.95 -4.48
CA ILE A 290 2.09 16.30 -5.78
C ILE A 290 3.14 16.71 -6.80
N LYS A 291 3.55 17.99 -6.80
CA LYS A 291 4.48 18.49 -7.81
C LYS A 291 5.93 18.08 -7.53
N ILE A 292 6.31 17.82 -6.28
CA ILE A 292 7.64 17.29 -5.97
C ILE A 292 7.73 15.77 -6.15
N PHE A 293 6.64 15.01 -6.01
CA PHE A 293 6.68 13.56 -6.25
C PHE A 293 6.58 13.19 -7.73
N GLY A 294 5.72 13.83 -8.52
CA GLY A 294 5.55 13.55 -9.96
C GLY A 294 4.86 12.22 -10.33
N ALA A 295 5.05 11.15 -9.56
CA ALA A 295 4.39 9.86 -9.70
C ALA A 295 2.96 9.82 -9.10
N ALA A 296 2.28 10.98 -9.03
CA ALA A 296 0.94 11.14 -8.46
C ALA A 296 -0.17 10.52 -9.34
N ALA A 297 -1.39 10.42 -8.79
CA ALA A 297 -2.52 9.72 -9.41
C ALA A 297 -2.85 10.07 -10.89
N PRO A 298 -2.79 11.34 -11.37
CA PRO A 298 -3.08 11.68 -12.77
C PRO A 298 -1.88 11.50 -13.73
N GLY A 299 -0.71 11.11 -13.24
CA GLY A 299 0.56 11.09 -13.98
C GLY A 299 0.54 10.20 -15.22
N ASP B 6 17.91 -20.27 13.28
CA ASP B 6 19.02 -19.49 13.87
C ASP B 6 18.56 -18.83 15.16
N ALA B 7 19.16 -19.21 16.29
CA ALA B 7 18.81 -18.68 17.61
C ALA B 7 18.94 -17.15 17.72
N ARG B 8 19.87 -16.50 16.99
CA ARG B 8 19.97 -15.04 16.97
C ARG B 8 18.75 -14.42 16.29
N ARG B 9 18.40 -14.89 15.10
CA ARG B 9 17.23 -14.40 14.34
C ARG B 9 15.94 -14.56 15.14
N ALA B 10 15.75 -15.71 15.79
CA ALA B 10 14.62 -15.96 16.68
C ALA B 10 14.62 -15.05 17.92
N THR B 11 15.78 -14.80 18.53
CA THR B 11 15.89 -13.91 19.70
C THR B 11 15.58 -12.46 19.31
N TRP B 12 16.13 -12.00 18.19
CA TRP B 12 15.89 -10.66 17.67
C TRP B 12 14.41 -10.41 17.40
N TRP B 13 13.75 -11.29 16.64
CA TRP B 13 12.33 -11.13 16.41
C TRP B 13 11.50 -11.26 17.69
N SER B 14 11.91 -12.08 18.66
CA SER B 14 11.24 -12.13 19.95
C SER B 14 11.29 -10.77 20.66
N VAL B 15 12.47 -10.19 20.86
CA VAL B 15 12.57 -8.92 21.59
C VAL B 15 11.85 -7.79 20.85
N VAL B 16 11.95 -7.73 19.53
CA VAL B 16 11.21 -6.75 18.73
C VAL B 16 9.70 -6.92 18.86
N ASN B 17 9.19 -8.16 18.85
CA ASN B 17 7.76 -8.37 18.99
C ASN B 17 7.24 -7.93 20.34
N ILE B 18 7.92 -8.27 21.45
CA ILE B 18 7.46 -7.81 22.76
C ILE B 18 7.62 -6.30 22.91
N LEU B 19 8.63 -5.68 22.30
CA LEU B 19 8.77 -4.23 22.33
C LEU B 19 7.59 -3.54 21.64
N VAL B 20 7.21 -4.00 20.45
CA VAL B 20 6.13 -3.39 19.66
C VAL B 20 4.76 -3.60 20.31
N ILE B 21 4.46 -4.81 20.79
CA ILE B 21 3.22 -5.05 21.51
C ILE B 21 3.13 -4.18 22.78
N VAL B 22 4.20 -4.06 23.56
CA VAL B 22 4.25 -3.19 24.74
C VAL B 22 4.10 -1.71 24.37
N TYR B 23 4.86 -1.22 23.38
CA TYR B 23 4.77 0.15 22.92
C TYR B 23 3.35 0.54 22.52
N ALA B 24 2.68 -0.31 21.73
CA ALA B 24 1.34 -0.01 21.25
C ALA B 24 0.29 -0.09 22.37
N LEU B 25 0.34 -1.15 23.20
CA LEU B 25 -0.75 -1.46 24.13
C LEU B 25 -0.69 -0.79 25.49
N ILE B 26 0.44 -0.27 26.00
CA ILE B 26 0.41 0.33 27.36
C ILE B 26 -0.62 1.46 27.52
N PRO B 27 -0.78 2.43 26.60
CA PRO B 27 -1.83 3.42 26.73
C PRO B 27 -3.24 2.84 26.66
N VAL B 28 -3.42 1.65 26.05
CA VAL B 28 -4.69 0.92 26.07
C VAL B 28 -4.89 0.21 27.40
N LEU B 29 -3.85 -0.37 27.98
CA LEU B 29 -3.90 -0.94 29.33
C LEU B 29 -4.18 0.13 30.38
N TRP B 30 -3.68 1.35 30.20
CA TRP B 30 -4.04 2.46 31.07
C TRP B 30 -5.52 2.80 30.96
N ILE B 31 -6.11 2.91 29.76
CA ILE B 31 -7.56 3.07 29.60
C ILE B 31 -8.32 1.93 30.29
N LEU B 32 -7.89 0.68 30.14
CA LEU B 32 -8.54 -0.43 30.83
C LEU B 32 -8.44 -0.28 32.35
N SER B 33 -7.33 0.20 32.91
CA SER B 33 -7.24 0.44 34.35
C SER B 33 -8.16 1.57 34.81
N LEU B 34 -8.32 2.65 34.04
CA LEU B 34 -9.30 3.69 34.32
C LEU B 34 -10.74 3.15 34.27
N SER B 35 -10.97 2.09 33.50
CA SER B 35 -12.27 1.45 33.44
C SER B 35 -12.55 0.59 34.68
N LEU B 36 -11.56 -0.17 35.15
CA LEU B 36 -11.75 -1.17 36.20
C LEU B 36 -11.63 -0.64 37.64
N LYS B 37 -10.96 0.48 37.89
CA LYS B 37 -10.82 1.04 39.25
C LYS B 37 -12.15 1.59 39.78
N PRO B 38 -12.50 1.38 41.06
CA PRO B 38 -13.64 2.05 41.68
C PRO B 38 -13.46 3.56 41.68
N THR B 39 -14.53 4.34 41.63
CA THR B 39 -14.43 5.81 41.55
C THR B 39 -13.73 6.46 42.75
N SER B 40 -13.55 5.74 43.85
CA SER B 40 -12.71 6.18 44.98
C SER B 40 -11.23 6.30 44.62
N SER B 41 -10.74 5.58 43.60
CA SER B 41 -9.33 5.52 43.25
C SER B 41 -9.03 5.70 41.75
N VAL B 42 -10.00 6.06 40.90
CA VAL B 42 -9.72 6.44 39.50
C VAL B 42 -8.79 7.65 39.37
N LYS B 43 -8.49 8.37 40.47
CA LYS B 43 -7.51 9.46 40.53
C LYS B 43 -6.24 9.13 41.35
N ASP B 44 -5.94 7.86 41.61
CA ASP B 44 -4.87 7.43 42.53
C ASP B 44 -3.43 7.45 41.98
N GLY B 45 -3.23 7.55 40.66
CA GLY B 45 -1.89 7.53 40.04
C GLY B 45 -1.24 6.15 39.83
N LYS B 46 -1.99 5.04 39.95
CA LYS B 46 -1.44 3.68 39.84
C LYS B 46 -1.87 3.00 38.53
N LEU B 47 -0.92 2.52 37.72
CA LEU B 47 -1.21 1.86 36.44
C LEU B 47 -1.89 0.51 36.66
N ILE B 48 -1.37 -0.29 37.59
CA ILE B 48 -1.96 -1.57 37.96
C ILE B 48 -3.08 -1.31 38.99
N PRO B 49 -4.34 -1.68 38.69
CA PRO B 49 -5.44 -1.44 39.60
C PRO B 49 -5.36 -2.34 40.84
N THR B 50 -6.12 -1.97 41.86
CA THR B 50 -6.42 -2.79 43.05
C THR B 50 -7.90 -2.61 43.40
N GLU B 51 -8.48 -3.57 44.12
CA GLU B 51 -9.90 -3.54 44.53
C GLU B 51 -10.87 -3.35 43.34
N ILE B 52 -10.57 -4.01 42.21
CA ILE B 52 -11.30 -3.90 40.93
C ILE B 52 -12.82 -4.01 41.12
N THR B 53 -13.58 -3.20 40.38
CA THR B 53 -15.05 -3.32 40.30
C THR B 53 -15.56 -3.21 38.87
N PHE B 54 -16.54 -4.05 38.53
CA PHE B 54 -17.22 -4.03 37.24
C PHE B 54 -18.34 -2.99 37.17
N ALA B 55 -18.56 -2.22 38.24
CA ALA B 55 -19.65 -1.25 38.34
C ALA B 55 -19.73 -0.27 37.17
N ASN B 56 -18.60 0.17 36.60
CA ASN B 56 -18.61 1.12 35.49
C ASN B 56 -19.19 0.55 34.18
N TYR B 57 -19.01 -0.74 33.90
CA TYR B 57 -19.65 -1.35 32.74
C TYR B 57 -21.16 -1.46 32.92
N LYS B 58 -21.61 -2.02 34.05
CA LYS B 58 -23.05 -2.12 34.33
C LYS B 58 -23.72 -0.76 34.49
N ALA B 59 -23.00 0.30 34.81
CA ALA B 59 -23.51 1.67 34.72
C ALA B 59 -23.88 2.05 33.28
N ILE B 60 -22.95 1.98 32.31
CA ILE B 60 -23.26 2.36 30.92
C ILE B 60 -24.27 1.41 30.26
N PHE B 61 -24.26 0.13 30.60
CA PHE B 61 -25.25 -0.84 30.10
C PHE B 61 -26.62 -0.81 30.81
N SER B 62 -26.81 -0.05 31.89
CA SER B 62 -28.15 0.13 32.46
C SER B 62 -29.00 0.96 31.52
N GLY B 63 -30.08 0.39 30.99
CA GLY B 63 -30.90 0.98 29.94
C GLY B 63 -30.31 0.85 28.54
N ASP B 64 -31.15 0.90 27.51
CA ASP B 64 -30.77 0.61 26.12
C ASP B 64 -30.05 1.78 25.41
N ALA B 65 -29.92 2.95 26.04
CA ALA B 65 -29.42 4.17 25.39
C ALA B 65 -28.01 4.02 24.80
N PHE B 66 -27.11 3.29 25.46
CA PHE B 66 -25.81 2.99 24.87
C PHE B 66 -25.88 1.84 23.87
N THR B 67 -26.54 0.73 24.21
CA THR B 67 -26.54 -0.47 23.34
C THR B 67 -27.19 -0.21 21.99
N SER B 68 -28.27 0.58 21.95
CA SER B 68 -28.84 1.05 20.70
C SER B 68 -27.85 1.92 19.91
N ALA B 69 -27.11 2.81 20.57
CA ALA B 69 -26.08 3.60 19.90
C ALA B 69 -24.95 2.72 19.37
N LEU B 70 -24.64 1.62 20.03
CA LEU B 70 -23.69 0.66 19.52
C LEU B 70 -24.24 -0.03 18.27
N PHE B 71 -25.47 -0.51 18.29
CA PHE B 71 -26.08 -1.13 17.11
C PHE B 71 -26.12 -0.18 15.91
N ASN B 72 -26.51 1.08 16.14
CA ASN B 72 -26.46 2.10 15.10
C ASN B 72 -25.04 2.24 14.53
N SER B 73 -24.01 2.25 15.38
CA SER B 73 -22.64 2.39 14.89
C SER B 73 -22.21 1.20 14.04
N ILE B 74 -22.66 -0.02 14.34
CA ILE B 74 -22.40 -1.19 13.50
C ILE B 74 -23.06 -1.01 12.13
N GLY B 75 -24.36 -0.69 12.10
CA GLY B 75 -25.08 -0.56 10.84
C GLY B 75 -24.48 0.51 9.93
N ILE B 76 -24.33 1.72 10.45
CA ILE B 76 -23.79 2.85 9.70
C ILE B 76 -22.34 2.60 9.31
N GLY B 77 -21.52 1.99 10.17
CA GLY B 77 -20.13 1.68 9.88
C GLY B 77 -19.99 0.68 8.73
N LEU B 78 -20.71 -0.45 8.79
CA LEU B 78 -20.61 -1.45 7.73
C LEU B 78 -21.13 -0.95 6.40
N ILE B 79 -22.31 -0.34 6.37
CA ILE B 79 -22.89 0.14 5.11
C ILE B 79 -22.01 1.23 4.50
N THR B 80 -21.40 2.09 5.32
CA THR B 80 -20.42 3.06 4.82
C THR B 80 -19.24 2.37 4.14
N THR B 81 -18.60 1.39 4.78
CA THR B 81 -17.43 0.76 4.15
C THR B 81 -17.81 -0.06 2.92
N ILE B 82 -18.93 -0.78 2.93
CA ILE B 82 -19.40 -1.54 1.77
C ILE B 82 -19.61 -0.62 0.56
N ILE B 83 -20.40 0.45 0.69
CA ILE B 83 -20.70 1.32 -0.45
C ILE B 83 -19.49 2.16 -0.84
N ALA B 84 -18.78 2.77 0.10
CA ALA B 84 -17.67 3.67 -0.24
C ALA B 84 -16.51 2.93 -0.91
N VAL B 85 -16.20 1.71 -0.49
CA VAL B 85 -15.21 0.89 -1.18
C VAL B 85 -15.66 0.57 -2.59
N VAL B 86 -16.95 0.33 -2.83
CA VAL B 86 -17.46 0.02 -4.17
C VAL B 86 -17.40 1.24 -5.07
N ILE B 87 -18.05 2.35 -4.73
CA ILE B 87 -18.08 3.52 -5.63
C ILE B 87 -16.73 4.23 -5.69
N GLY B 88 -15.90 4.09 -4.66
CA GLY B 88 -14.49 4.46 -4.71
C GLY B 88 -13.66 3.52 -5.56
N GLY B 89 -13.99 2.23 -5.59
CA GLY B 89 -13.37 1.21 -6.42
C GLY B 89 -13.60 1.46 -7.90
N MET B 90 -14.86 1.65 -8.31
CA MET B 90 -15.20 2.01 -9.69
C MET B 90 -14.38 3.23 -10.13
N ALA B 91 -14.47 4.32 -9.38
CA ALA B 91 -13.79 5.56 -9.73
C ALA B 91 -12.27 5.40 -9.79
N ALA B 92 -11.68 4.68 -8.83
CA ALA B 92 -10.25 4.44 -8.79
C ALA B 92 -9.77 3.65 -10.00
N TYR B 93 -10.46 2.58 -10.36
CA TYR B 93 -10.13 1.80 -11.54
C TYR B 93 -10.21 2.67 -12.81
N ALA B 94 -11.18 3.59 -12.89
CA ALA B 94 -11.27 4.54 -13.98
C ALA B 94 -10.01 5.39 -14.09
N VAL B 95 -9.62 6.11 -13.03
CA VAL B 95 -8.43 6.98 -13.11
C VAL B 95 -7.13 6.19 -13.30
N ALA B 96 -7.04 4.98 -12.73
CA ALA B 96 -5.85 4.16 -12.82
C ALA B 96 -5.63 3.54 -14.20
N ARG B 97 -6.64 2.95 -14.84
CA ARG B 97 -6.33 2.19 -16.09
C ARG B 97 -6.92 2.82 -17.35
N LEU B 98 -8.10 3.43 -17.27
CA LEU B 98 -8.78 3.93 -18.48
C LEU B 98 -8.10 5.20 -19.01
N GLN B 99 -8.39 5.57 -20.26
CA GLN B 99 -7.61 6.57 -20.99
C GLN B 99 -7.93 8.02 -20.61
N PHE B 100 -9.21 8.40 -20.57
CA PHE B 100 -9.64 9.80 -20.38
C PHE B 100 -10.32 10.19 -19.05
N PRO B 101 -10.94 9.32 -18.22
CA PRO B 101 -11.58 9.78 -16.98
C PRO B 101 -10.57 10.29 -15.94
N GLY B 102 -9.33 9.80 -15.98
CA GLY B 102 -8.23 10.18 -15.10
C GLY B 102 -7.70 11.60 -15.33
N LYS B 103 -8.53 12.50 -15.86
CA LYS B 103 -8.24 13.91 -16.03
C LYS B 103 -7.85 14.52 -14.69
N GLN B 104 -6.84 15.38 -14.64
CA GLN B 104 -6.38 15.97 -13.39
C GLN B 104 -7.50 16.75 -12.65
N LEU B 105 -8.55 17.18 -13.36
CA LEU B 105 -9.78 17.71 -12.77
C LEU B 105 -10.44 16.74 -11.78
N LEU B 106 -10.56 15.45 -12.09
CA LEU B 106 -11.25 14.50 -11.20
C LEU B 106 -10.50 14.33 -9.88
N ILE B 107 -9.18 14.18 -9.92
CA ILE B 107 -8.36 14.16 -8.71
C ILE B 107 -8.40 15.52 -8.00
N GLY B 108 -8.43 16.62 -8.74
CA GLY B 108 -8.59 17.97 -8.17
C GLY B 108 -9.86 18.09 -7.34
N VAL B 109 -11.03 17.76 -7.88
CA VAL B 109 -12.28 17.81 -7.10
C VAL B 109 -12.30 16.75 -5.99
N ALA B 110 -11.74 15.57 -6.19
CA ALA B 110 -11.64 14.56 -5.11
C ALA B 110 -10.83 15.07 -3.92
N LEU B 111 -9.69 15.74 -4.16
CA LEU B 111 -8.95 16.38 -3.09
C LEU B 111 -9.78 17.48 -2.42
N LEU B 112 -10.47 18.35 -3.16
CA LEU B 112 -11.21 19.44 -2.53
C LEU B 112 -12.24 18.99 -1.49
N ILE B 113 -12.84 17.80 -1.63
CA ILE B 113 -13.78 17.30 -0.62
C ILE B 113 -13.08 16.96 0.71
N ALA B 114 -11.87 16.39 0.66
CA ALA B 114 -11.08 16.05 1.84
C ALA B 114 -10.20 17.20 2.36
N MET B 115 -9.90 18.19 1.54
CA MET B 115 -9.01 19.32 1.87
C MET B 115 -9.69 20.43 2.69
N PHE B 116 -11.03 20.54 2.63
CA PHE B 116 -11.81 21.63 3.22
C PHE B 116 -12.40 21.22 4.59
N PRO B 117 -12.39 22.08 5.63
CA PRO B 117 -12.77 21.69 6.99
C PRO B 117 -14.26 21.32 7.17
N HIS B 118 -14.55 20.30 7.95
CA HIS B 118 -15.94 19.98 8.20
C HIS B 118 -16.64 21.04 9.03
N ILE B 119 -15.90 21.75 9.87
CA ILE B 119 -16.44 22.74 10.81
C ILE B 119 -17.33 23.77 10.10
N SER B 120 -16.99 24.20 8.89
CA SER B 120 -17.88 25.08 8.10
C SER B 120 -19.05 24.35 7.46
N LEU B 121 -18.82 23.16 6.90
CA LEU B 121 -19.78 22.43 6.05
C LEU B 121 -21.02 21.94 6.78
N VAL B 122 -20.92 21.66 8.08
CA VAL B 122 -21.98 20.97 8.80
C VAL B 122 -23.26 21.79 8.96
N THR B 123 -23.22 23.12 9.00
CA THR B 123 -24.44 23.94 9.10
C THR B 123 -25.25 23.96 7.79
N PRO B 124 -24.66 24.23 6.60
CA PRO B 124 -25.34 23.99 5.34
C PRO B 124 -25.89 22.57 5.20
N ILE B 125 -25.14 21.54 5.61
CA ILE B 125 -25.63 20.16 5.61
C ILE B 125 -26.84 20.00 6.53
N PHE B 126 -26.85 20.58 7.73
CA PHE B 126 -28.01 20.54 8.63
C PHE B 126 -29.24 21.10 7.94
N ASN B 127 -29.17 22.30 7.38
CA ASN B 127 -30.36 22.89 6.79
C ASN B 127 -30.78 22.24 5.45
N MET B 128 -29.92 21.47 4.78
CA MET B 128 -30.37 20.55 3.74
C MET B 128 -31.24 19.45 4.32
N TRP B 129 -30.76 18.69 5.31
CA TRP B 129 -31.50 17.52 5.79
C TRP B 129 -32.78 17.87 6.55
N ARG B 130 -32.87 19.09 7.10
CA ARG B 130 -34.16 19.70 7.50
C ARG B 130 -35.18 19.71 6.37
N GLY B 131 -34.75 20.02 5.14
CA GLY B 131 -35.61 20.07 3.96
C GLY B 131 -35.91 18.67 3.38
N ILE B 132 -34.87 17.89 3.10
CA ILE B 132 -35.02 16.59 2.41
C ILE B 132 -35.74 15.56 3.30
N GLY B 133 -35.68 15.68 4.62
CA GLY B 133 -36.38 14.82 5.57
C GLY B 133 -35.59 13.60 6.09
N LEU B 134 -34.36 13.39 5.61
CA LEU B 134 -33.47 12.33 6.08
C LEU B 134 -32.74 12.64 7.42
N PHE B 135 -32.95 13.81 8.02
CA PHE B 135 -32.30 14.22 9.28
C PHE B 135 -32.58 13.24 10.44
N ASP B 136 -31.59 13.01 11.31
CA ASP B 136 -31.70 12.08 12.44
C ASP B 136 -32.18 10.69 12.01
N THR B 137 -31.70 10.21 10.86
CA THR B 137 -31.98 8.89 10.32
C THR B 137 -30.75 8.37 9.58
N TRP B 138 -30.62 7.05 9.40
CA TRP B 138 -29.37 6.48 8.87
C TRP B 138 -28.98 7.05 7.50
N PRO B 139 -29.87 7.24 6.51
CA PRO B 139 -29.45 7.70 5.19
C PRO B 139 -28.79 9.08 5.24
N GLY B 140 -29.37 10.03 5.98
CA GLY B 140 -28.83 11.38 6.12
C GLY B 140 -27.51 11.45 6.90
N LEU B 141 -27.03 10.33 7.44
CA LEU B 141 -25.76 10.19 8.15
C LEU B 141 -24.75 9.35 7.35
N ILE B 142 -25.20 8.26 6.71
CA ILE B 142 -24.39 7.47 5.78
C ILE B 142 -23.98 8.31 4.57
N ILE B 143 -24.88 9.12 3.99
CA ILE B 143 -24.57 9.95 2.82
C ILE B 143 -23.38 10.89 3.08
N PRO B 144 -23.37 11.78 4.08
CA PRO B 144 -22.21 12.61 4.33
C PRO B 144 -20.98 11.77 4.69
N TYR B 145 -21.18 10.67 5.43
CA TYR B 145 -20.04 9.76 5.73
C TYR B 145 -19.36 9.38 4.40
N ILE B 146 -20.12 8.77 3.48
CA ILE B 146 -19.55 8.34 2.20
C ILE B 146 -18.91 9.52 1.47
N THR B 147 -19.55 10.69 1.37
CA THR B 147 -18.93 11.80 0.63
C THR B 147 -17.58 12.20 1.18
N PHE B 148 -17.40 12.25 2.50
CA PHE B 148 -16.12 12.64 3.08
C PHE B 148 -15.13 11.48 3.18
N ALA B 149 -15.59 10.22 3.18
CA ALA B 149 -14.72 9.05 3.05
C ALA B 149 -14.18 8.89 1.64
N LEU B 150 -14.97 9.22 0.62
CA LEU B 150 -14.71 8.82 -0.76
C LEU B 150 -13.37 9.29 -1.32
N PRO B 151 -12.83 10.49 -1.03
CA PRO B 151 -11.52 10.91 -1.48
C PRO B 151 -10.40 9.95 -1.09
N LEU B 152 -10.44 9.40 0.11
CA LEU B 152 -9.41 8.48 0.55
C LEU B 152 -9.50 7.18 -0.22
N ALA B 153 -10.71 6.68 -0.46
CA ALA B 153 -10.93 5.46 -1.21
C ALA B 153 -10.50 5.62 -2.68
N ILE B 154 -10.92 6.67 -3.39
CA ILE B 154 -10.54 6.87 -4.80
C ILE B 154 -9.03 7.04 -4.94
N TYR B 155 -8.40 7.86 -4.09
CA TYR B 155 -6.98 8.17 -4.21
C TYR B 155 -6.13 6.96 -3.78
N THR B 156 -6.50 6.28 -2.69
CA THR B 156 -5.77 5.07 -2.28
C THR B 156 -5.88 4.00 -3.33
N LEU B 157 -7.09 3.59 -3.71
CA LEU B 157 -7.24 2.44 -4.60
C LEU B 157 -6.63 2.71 -5.97
N SER B 158 -6.67 3.93 -6.47
CA SER B 158 -5.97 4.30 -7.70
C SER B 158 -4.48 4.01 -7.60
N ALA B 159 -3.85 4.36 -6.50
CA ALA B 159 -2.44 4.13 -6.26
C ALA B 159 -2.07 2.64 -6.09
N PHE B 160 -3.03 1.72 -6.07
CA PHE B 160 -2.79 0.28 -6.13
C PHE B 160 -3.14 -0.28 -7.50
N PHE B 161 -4.29 0.07 -8.08
CA PHE B 161 -4.66 -0.38 -9.43
C PHE B 161 -3.65 0.06 -10.49
N ARG B 162 -3.02 1.23 -10.35
CA ARG B 162 -1.98 1.72 -11.26
C ARG B 162 -0.69 0.88 -11.26
N GLU B 163 -0.57 -0.10 -10.36
CA GLU B 163 0.65 -0.86 -10.14
C GLU B 163 0.57 -2.35 -10.49
N ILE B 164 -0.61 -2.89 -10.79
CA ILE B 164 -0.76 -4.25 -11.31
C ILE B 164 -0.08 -4.32 -12.69
N PRO B 165 0.88 -5.24 -12.96
CA PRO B 165 1.73 -5.17 -14.15
C PRO B 165 0.97 -5.20 -15.47
N TRP B 166 1.51 -4.52 -16.49
CA TRP B 166 0.76 -4.28 -17.72
C TRP B 166 0.46 -5.54 -18.54
N ASP B 167 1.38 -6.51 -18.61
CA ASP B 167 1.13 -7.71 -19.41
C ASP B 167 0.03 -8.63 -18.85
N LEU B 168 -0.37 -8.52 -17.58
CA LEU B 168 -1.56 -9.18 -17.07
C LEU B 168 -2.82 -8.63 -17.76
N GLU B 169 -2.86 -7.33 -18.03
CA GLU B 169 -3.98 -6.72 -18.73
C GLU B 169 -3.92 -7.02 -20.23
N LYS B 170 -2.72 -7.05 -20.83
CA LYS B 170 -2.55 -7.55 -22.20
C LYS B 170 -3.04 -8.99 -22.33
N ALA B 171 -2.67 -9.86 -21.39
CA ALA B 171 -3.14 -11.25 -21.38
C ALA B 171 -4.67 -11.30 -21.25
N ALA B 172 -5.28 -10.49 -20.39
CA ALA B 172 -6.73 -10.45 -20.26
C ALA B 172 -7.43 -10.01 -21.55
N LYS B 173 -6.90 -9.01 -22.26
CA LYS B 173 -7.37 -8.62 -23.60
C LYS B 173 -7.24 -9.77 -24.59
N MET B 174 -6.05 -10.38 -24.68
CA MET B 174 -5.79 -11.50 -25.59
C MET B 174 -6.65 -12.71 -25.30
N ASP B 175 -6.92 -13.03 -24.04
CA ASP B 175 -7.81 -14.13 -23.63
C ASP B 175 -9.30 -13.78 -23.77
N GLY B 176 -9.62 -12.66 -24.41
CA GLY B 176 -10.98 -12.29 -24.86
C GLY B 176 -11.91 -11.78 -23.76
N ALA B 177 -11.43 -11.62 -22.52
CA ALA B 177 -12.26 -11.22 -21.39
C ALA B 177 -12.81 -9.80 -21.55
N THR B 178 -14.10 -9.60 -21.24
CA THR B 178 -14.70 -8.27 -21.16
C THR B 178 -14.13 -7.48 -19.97
N PRO B 179 -13.95 -6.14 -20.01
CA PRO B 179 -13.20 -5.43 -18.99
C PRO B 179 -13.67 -5.63 -17.55
N ALA B 180 -14.98 -5.77 -17.32
CA ALA B 180 -15.51 -6.05 -15.99
C ALA B 180 -15.15 -7.46 -15.48
N GLN B 181 -15.12 -8.46 -16.36
CA GLN B 181 -14.71 -9.82 -16.05
C GLN B 181 -13.20 -9.90 -15.78
N ALA B 182 -12.40 -9.17 -16.57
CA ALA B 182 -10.98 -9.00 -16.30
C ALA B 182 -10.76 -8.33 -14.92
N PHE B 183 -11.51 -7.27 -14.60
CA PHE B 183 -11.45 -6.67 -13.27
C PHE B 183 -11.76 -7.69 -12.17
N ARG B 184 -12.81 -8.49 -12.34
CA ARG B 184 -13.22 -9.49 -11.36
C ARG B 184 -12.21 -10.62 -11.14
N LYS B 185 -11.68 -11.20 -12.22
CA LYS B 185 -10.87 -12.42 -12.17
C LYS B 185 -9.36 -12.18 -12.27
N VAL B 186 -8.91 -11.02 -12.74
CA VAL B 186 -7.49 -10.67 -12.91
C VAL B 186 -7.08 -9.52 -12.01
N ILE B 187 -7.74 -8.37 -12.09
CA ILE B 187 -7.27 -7.17 -11.39
C ILE B 187 -7.55 -7.24 -9.88
N ALA B 188 -8.81 -7.37 -9.47
CA ALA B 188 -9.17 -7.32 -8.05
C ALA B 188 -8.48 -8.39 -7.18
N PRO B 189 -8.24 -9.63 -7.64
CA PRO B 189 -7.51 -10.62 -6.84
C PRO B 189 -6.04 -10.26 -6.60
N LEU B 190 -5.40 -9.56 -7.55
CA LEU B 190 -4.03 -9.09 -7.38
C LEU B 190 -3.97 -7.81 -6.52
N ALA B 191 -4.95 -6.92 -6.66
CA ALA B 191 -5.03 -5.68 -5.90
C ALA B 191 -5.63 -5.84 -4.49
N ALA B 192 -5.90 -7.05 -4.01
CA ALA B 192 -6.62 -7.29 -2.75
C ALA B 192 -6.08 -6.55 -1.51
N PRO B 193 -4.77 -6.37 -1.30
CA PRO B 193 -4.26 -5.55 -0.20
C PRO B 193 -4.74 -4.09 -0.23
N GLY B 194 -4.87 -3.50 -1.43
CA GLY B 194 -5.43 -2.17 -1.61
C GLY B 194 -6.90 -2.14 -1.20
N ILE B 195 -7.71 -3.07 -1.70
CA ILE B 195 -9.13 -3.23 -1.34
C ILE B 195 -9.31 -3.32 0.18
N VAL B 196 -8.57 -4.23 0.82
CA VAL B 196 -8.64 -4.48 2.24
C VAL B 196 -8.21 -3.26 3.04
N THR B 197 -7.13 -2.59 2.62
CA THR B 197 -6.68 -1.36 3.27
C THR B 197 -7.74 -0.27 3.17
N ALA B 198 -8.33 -0.04 2.00
CA ALA B 198 -9.38 0.95 1.87
C ALA B 198 -10.58 0.61 2.77
N ALA B 199 -11.00 -0.65 2.81
CA ALA B 199 -12.11 -1.06 3.66
C ALA B 199 -11.83 -0.79 5.14
N ILE B 200 -10.61 -1.10 5.62
CA ILE B 200 -10.19 -0.82 6.99
C ILE B 200 -10.14 0.68 7.26
N LEU B 201 -9.44 1.47 6.45
CA LEU B 201 -9.30 2.90 6.67
C LEU B 201 -10.66 3.62 6.63
N VAL B 202 -11.55 3.25 5.72
CA VAL B 202 -12.91 3.81 5.65
C VAL B 202 -13.76 3.35 6.83
N PHE B 203 -13.70 2.08 7.23
CA PHE B 203 -14.49 1.64 8.38
C PHE B 203 -14.05 2.37 9.64
N ILE B 204 -12.75 2.42 9.91
CA ILE B 204 -12.24 3.09 11.11
C ILE B 204 -12.50 4.60 11.06
N PHE B 205 -12.61 5.17 9.87
CA PHE B 205 -12.94 6.58 9.77
C PHE B 205 -14.40 6.78 10.21
N ALA B 206 -15.31 5.97 9.70
CA ALA B 206 -16.72 6.07 10.07
C ALA B 206 -16.94 5.79 11.56
N TRP B 207 -16.24 4.80 12.09
CA TRP B 207 -16.40 4.26 13.43
C TRP B 207 -16.07 5.22 14.57
N ASN B 208 -15.39 6.34 14.32
CA ASN B 208 -15.11 7.35 15.34
C ASN B 208 -15.13 8.80 14.82
N ASP B 209 -16.11 9.10 13.98
CA ASP B 209 -16.34 10.46 13.50
C ASP B 209 -17.27 11.13 14.53
N LEU B 210 -17.17 12.46 14.66
CA LEU B 210 -17.96 13.24 15.60
C LEU B 210 -18.68 14.42 14.96
N LEU B 211 -17.98 15.33 14.28
CA LEU B 211 -18.54 16.65 13.95
C LEU B 211 -19.88 16.57 13.20
N LEU B 212 -19.97 15.62 12.26
CA LEU B 212 -21.21 15.33 11.54
C LEU B 212 -22.20 14.58 12.44
N ALA B 213 -21.83 13.47 13.06
CA ALA B 213 -22.77 12.66 13.85
C ALA B 213 -23.42 13.42 15.00
N LEU B 214 -22.66 14.31 15.64
CA LEU B 214 -23.10 15.17 16.73
C LEU B 214 -24.09 16.23 16.27
N SER B 215 -24.03 16.66 15.01
CA SER B 215 -24.89 17.70 14.45
C SER B 215 -26.12 17.17 13.73
N LEU B 216 -26.02 16.01 13.07
CA LEU B 216 -27.08 15.41 12.26
C LEU B 216 -27.89 14.32 12.97
N THR B 217 -27.75 14.18 14.29
CA THR B 217 -28.56 13.25 15.08
C THR B 217 -29.05 13.91 16.37
N ALA B 218 -30.12 13.38 16.93
CA ALA B 218 -30.71 13.86 18.17
C ALA B 218 -31.49 12.79 18.95
N THR B 219 -31.84 11.65 18.36
CA THR B 219 -32.61 10.59 19.03
C THR B 219 -32.06 9.19 18.74
N GLN B 220 -32.50 8.19 19.51
CA GLN B 220 -32.05 6.80 19.39
C GLN B 220 -32.23 6.20 17.98
N ARG B 221 -32.99 6.89 17.12
CA ARG B 221 -33.16 6.43 15.72
C ARG B 221 -31.82 6.45 14.96
N ALA B 222 -30.93 7.40 15.31
CA ALA B 222 -29.66 7.54 14.59
C ALA B 222 -28.43 7.94 15.43
N ILE B 223 -28.56 8.23 16.72
CA ILE B 223 -27.41 8.45 17.61
C ILE B 223 -26.43 7.26 17.54
N THR B 224 -25.12 7.51 17.55
CA THR B 224 -24.10 6.48 17.30
C THR B 224 -23.06 6.45 18.42
N ALA B 225 -22.43 5.31 18.68
CA ALA B 225 -21.54 5.12 19.82
C ALA B 225 -20.52 6.26 20.06
N PRO B 226 -19.77 6.78 19.07
CA PRO B 226 -18.84 7.89 19.27
C PRO B 226 -19.44 9.16 19.86
N VAL B 227 -20.73 9.44 19.68
CA VAL B 227 -21.38 10.53 20.39
C VAL B 227 -22.06 10.04 21.67
N ALA B 228 -22.63 8.83 21.69
CA ALA B 228 -23.26 8.30 22.88
C ALA B 228 -22.28 7.99 24.03
N ILE B 229 -20.98 7.85 23.74
CA ILE B 229 -19.93 7.78 24.76
C ILE B 229 -19.55 9.17 25.27
N ALA B 230 -19.69 10.22 24.45
CA ALA B 230 -19.31 11.57 24.83
C ALA B 230 -20.36 12.23 25.75
N ASN B 231 -21.65 12.02 25.48
CA ASN B 231 -22.72 12.68 26.23
C ASN B 231 -23.23 11.90 27.47
N PHE B 232 -22.40 11.05 28.09
CA PHE B 232 -22.77 10.37 29.34
C PHE B 232 -23.03 11.34 30.51
N THR B 233 -24.06 11.02 31.28
CA THR B 233 -24.36 11.69 32.56
C THR B 233 -23.37 11.28 33.66
N GLY B 234 -23.40 11.99 34.79
CA GLY B 234 -22.64 11.67 36.00
C GLY B 234 -23.31 12.23 37.26
N SER B 235 -22.55 12.40 38.34
CA SER B 235 -23.05 12.98 39.59
C SER B 235 -23.30 14.50 39.55
N SER B 236 -22.82 15.21 38.52
CA SER B 236 -22.99 16.65 38.36
C SER B 236 -22.88 17.11 36.91
N GLN B 237 -23.42 18.30 36.61
CA GLN B 237 -23.18 19.07 35.40
C GLN B 237 -21.69 19.33 35.09
N PHE B 238 -20.81 19.31 36.12
CA PHE B 238 -19.40 19.71 35.88
C PHE B 238 -18.39 18.58 36.12
N GLU B 239 -18.83 17.43 36.65
CA GLU B 239 -17.95 16.32 36.98
C GLU B 239 -17.85 15.31 35.82
N GLU B 240 -16.65 15.08 35.30
CA GLU B 240 -16.39 14.17 34.18
C GLU B 240 -16.57 12.68 34.63
N PRO B 241 -17.38 11.86 33.94
CA PRO B 241 -17.70 10.49 34.36
C PRO B 241 -16.64 9.50 33.88
N THR B 242 -15.41 9.65 34.35
CA THR B 242 -14.21 9.05 33.75
C THR B 242 -14.26 7.54 33.59
N GLY B 243 -14.77 6.83 34.59
CA GLY B 243 -14.90 5.37 34.52
C GLY B 243 -15.94 4.93 33.50
N SER B 244 -16.99 5.72 33.27
CA SER B 244 -17.94 5.48 32.20
C SER B 244 -17.34 5.75 30.83
N ILE B 245 -16.55 6.82 30.66
CA ILE B 245 -15.85 7.09 29.41
C ILE B 245 -14.90 5.94 29.07
N ALA B 246 -14.06 5.50 30.01
CA ALA B 246 -13.16 4.39 29.80
C ALA B 246 -13.91 3.08 29.51
N ALA B 247 -14.94 2.74 30.28
CA ALA B 247 -15.77 1.57 30.03
C ALA B 247 -16.42 1.62 28.64
N GLY B 248 -16.81 2.80 28.18
CA GLY B 248 -17.33 2.97 26.83
C GLY B 248 -16.29 2.63 25.76
N ALA B 249 -15.05 3.09 25.92
CA ALA B 249 -14.01 2.85 24.92
C ALA B 249 -13.63 1.37 24.85
N MET B 250 -13.52 0.69 25.99
CA MET B 250 -13.21 -0.73 26.03
C MET B 250 -14.30 -1.61 25.41
N VAL B 251 -15.56 -1.18 25.42
CA VAL B 251 -16.61 -1.85 24.64
C VAL B 251 -16.51 -1.46 23.18
N ILE B 252 -16.54 -0.16 22.87
CA ILE B 252 -16.63 0.33 21.49
C ILE B 252 -15.41 0.03 20.63
N THR B 253 -14.26 -0.38 21.18
CA THR B 253 -13.10 -0.78 20.36
C THR B 253 -13.19 -2.22 19.83
N ILE B 254 -14.02 -3.10 20.42
CA ILE B 254 -13.97 -4.53 20.07
C ILE B 254 -14.34 -4.82 18.60
N PRO B 255 -15.36 -4.21 17.99
CA PRO B 255 -15.59 -4.38 16.55
C PRO B 255 -14.39 -3.93 15.72
N ILE B 256 -13.73 -2.84 16.08
CA ILE B 256 -12.50 -2.38 15.44
C ILE B 256 -11.31 -3.33 15.63
N ILE B 257 -11.33 -4.25 16.59
CA ILE B 257 -10.44 -5.42 16.63
C ILE B 257 -10.95 -6.52 15.70
N ILE B 258 -12.21 -6.94 15.83
CA ILE B 258 -12.73 -8.12 15.15
C ILE B 258 -12.68 -7.94 13.64
N PHE B 259 -13.00 -6.74 13.14
CA PHE B 259 -12.91 -6.43 11.71
C PHE B 259 -11.46 -6.58 11.20
N VAL B 260 -10.50 -5.95 11.87
CA VAL B 260 -9.09 -6.01 11.49
C VAL B 260 -8.57 -7.44 11.54
N LEU B 261 -8.85 -8.18 12.63
CA LEU B 261 -8.32 -9.53 12.84
C LEU B 261 -8.66 -10.48 11.70
N ILE B 262 -9.89 -10.40 11.16
CA ILE B 262 -10.29 -11.19 10.00
C ILE B 262 -9.67 -10.69 8.70
N PHE B 263 -9.65 -9.38 8.46
CA PHE B 263 -9.21 -8.83 7.18
C PHE B 263 -7.68 -8.83 6.99
N GLN B 264 -6.89 -8.72 8.05
CA GLN B 264 -5.42 -8.73 7.94
C GLN B 264 -4.86 -10.07 7.41
N ARG B 265 -5.65 -11.14 7.36
CA ARG B 265 -5.27 -12.43 6.71
C ARG B 265 -4.97 -12.29 5.22
N ARG B 266 -5.57 -11.29 4.55
CA ARG B 266 -5.47 -11.05 3.10
C ARG B 266 -4.27 -10.21 2.67
N ILE B 267 -3.57 -9.55 3.58
CA ILE B 267 -2.61 -8.47 3.24
C ILE B 267 -1.27 -8.98 2.69
N VAL B 268 -1.01 -10.29 2.69
CA VAL B 268 0.27 -10.91 2.29
C VAL B 268 0.63 -10.64 0.82
N ALA B 269 1.93 -10.60 0.52
CA ALA B 269 2.46 -10.37 -0.83
C ALA B 269 1.91 -11.36 -1.87
N ALA C 2 -8.76 -16.94 -41.68
CA ALA C 2 -8.67 -15.52 -42.07
C ALA C 2 -7.34 -15.18 -42.73
N GLU C 3 -7.38 -14.43 -43.83
CA GLU C 3 -6.23 -13.69 -44.36
C GLU C 3 -5.83 -12.58 -43.38
N ILE C 4 -4.54 -12.23 -43.38
CA ILE C 4 -4.03 -11.00 -42.75
C ILE C 4 -3.34 -10.19 -43.85
N VAL C 5 -3.57 -8.89 -43.94
CA VAL C 5 -2.78 -8.01 -44.80
C VAL C 5 -2.28 -6.79 -44.03
N LEU C 6 -0.96 -6.63 -44.00
CA LEU C 6 -0.30 -5.40 -43.59
C LEU C 6 0.00 -4.58 -44.84
N ASP C 7 -0.17 -3.26 -44.75
CA ASP C 7 0.00 -2.35 -45.86
C ASP C 7 0.62 -1.04 -45.37
N ARG C 8 1.91 -0.88 -45.60
CA ARG C 8 2.69 0.31 -45.27
C ARG C 8 2.64 0.69 -43.78
N VAL C 9 2.39 -0.27 -42.90
CA VAL C 9 2.28 0.01 -41.45
C VAL C 9 3.56 0.58 -40.87
N THR C 10 3.42 1.36 -39.81
CA THR C 10 4.53 1.93 -39.03
C THR C 10 4.18 2.01 -37.56
N LYS C 11 5.22 1.99 -36.72
CA LYS C 11 5.19 2.38 -35.32
C LYS C 11 6.43 3.20 -35.00
N SER C 12 6.25 4.34 -34.36
CA SER C 12 7.33 5.28 -34.04
C SER C 12 7.20 5.85 -32.62
N TYR C 13 8.30 5.89 -31.88
CA TYR C 13 8.33 6.24 -30.46
C TYR C 13 9.07 7.59 -30.24
N PRO C 14 8.54 8.55 -29.46
CA PRO C 14 9.18 9.85 -29.26
C PRO C 14 10.55 9.78 -28.58
N ASP C 15 11.56 10.45 -29.14
CA ASP C 15 12.89 10.60 -28.55
C ASP C 15 12.91 11.67 -27.45
N VAL C 20 10.98 11.64 -33.09
CA VAL C 20 10.41 10.29 -33.09
C VAL C 20 11.28 9.27 -33.84
N ARG C 21 11.33 8.03 -33.36
CA ARG C 21 12.15 6.92 -33.89
C ARG C 21 11.28 5.74 -34.34
N ALA C 22 11.33 5.39 -35.62
CA ALA C 22 10.49 4.34 -36.19
C ALA C 22 11.07 2.94 -35.91
N ALA C 23 10.28 2.09 -35.26
CA ALA C 23 10.62 0.69 -35.01
C ALA C 23 10.14 -0.27 -36.11
N VAL C 24 9.15 0.15 -36.90
CA VAL C 24 8.68 -0.55 -38.11
C VAL C 24 8.44 0.48 -39.21
N LYS C 25 8.92 0.20 -40.43
CA LYS C 25 9.01 1.15 -41.54
C LYS C 25 8.34 0.59 -42.80
N GLU C 26 7.13 1.05 -43.09
CA GLU C 26 6.33 0.71 -44.29
C GLU C 26 6.05 -0.79 -44.49
N PHE C 27 6.01 -1.59 -43.44
CA PHE C 27 5.88 -3.05 -43.55
C PHE C 27 4.56 -3.44 -44.28
N SER C 28 4.66 -4.34 -45.24
CA SER C 28 3.61 -4.62 -46.23
C SER C 28 3.64 -6.10 -46.63
N MET C 29 2.57 -6.86 -46.36
CA MET C 29 2.42 -8.28 -46.73
C MET C 29 0.96 -8.74 -46.66
N THR C 30 0.50 -9.52 -47.63
CA THR C 30 -0.63 -10.45 -47.43
C THR C 30 -0.12 -11.79 -46.92
N ILE C 31 -0.87 -12.40 -46.00
CA ILE C 31 -0.67 -13.73 -45.44
C ILE C 31 -1.93 -14.54 -45.74
N ALA C 32 -1.78 -15.67 -46.41
CA ALA C 32 -2.90 -16.49 -46.85
C ALA C 32 -3.56 -17.27 -45.69
N ASP C 33 -4.81 -17.68 -45.88
CA ASP C 33 -5.49 -18.58 -44.95
C ASP C 33 -4.68 -19.86 -44.70
N GLY C 34 -4.40 -20.14 -43.43
CA GLY C 34 -3.64 -21.34 -43.05
C GLY C 34 -2.13 -21.26 -43.32
N GLU C 35 -1.62 -20.10 -43.70
CA GLU C 35 -0.19 -19.91 -43.92
C GLU C 35 0.61 -19.77 -42.62
N PHE C 36 1.78 -20.41 -42.57
CA PHE C 36 2.67 -20.44 -41.41
C PHE C 36 3.91 -19.57 -41.66
N ILE C 37 3.80 -18.29 -41.34
CA ILE C 37 4.89 -17.32 -41.45
C ILE C 37 5.84 -17.40 -40.28
N ILE C 38 7.14 -17.32 -40.54
CA ILE C 38 8.17 -17.12 -39.52
C ILE C 38 8.79 -15.74 -39.69
N LEU C 39 8.77 -14.87 -38.69
CA LEU C 39 9.60 -13.67 -38.69
C LEU C 39 10.98 -13.98 -38.08
N VAL C 40 12.04 -13.41 -38.64
CA VAL C 40 13.43 -13.56 -38.16
C VAL C 40 14.19 -12.25 -38.35
N GLY C 41 15.23 -12.01 -37.54
CA GLY C 41 16.09 -10.83 -37.63
C GLY C 41 17.07 -10.69 -36.45
N PRO C 42 17.83 -9.59 -36.38
CA PRO C 42 18.66 -9.23 -35.23
C PRO C 42 17.84 -9.01 -33.95
N SER C 43 18.47 -8.68 -32.83
CA SER C 43 17.74 -8.18 -31.65
C SER C 43 17.06 -6.83 -31.89
N GLY C 44 15.88 -6.60 -31.33
CA GLY C 44 15.34 -5.24 -31.18
C GLY C 44 14.99 -4.55 -32.51
N CYS C 45 14.40 -5.28 -33.46
CA CYS C 45 14.25 -4.83 -34.85
C CYS C 45 12.79 -4.88 -35.38
N GLY C 46 11.79 -4.71 -34.51
CA GLY C 46 10.39 -4.53 -34.91
C GLY C 46 9.52 -5.79 -34.86
N LYS C 47 10.08 -6.93 -34.49
CA LYS C 47 9.32 -8.18 -34.45
C LYS C 47 8.08 -8.10 -33.55
N SER C 48 8.31 -8.00 -32.25
CA SER C 48 7.25 -7.94 -31.25
C SER C 48 6.39 -6.71 -31.46
N THR C 49 6.97 -5.59 -31.86
CA THR C 49 6.19 -4.42 -32.27
C THR C 49 5.18 -4.76 -33.37
N THR C 50 5.55 -5.59 -34.34
CA THR C 50 4.62 -6.08 -35.37
C THR C 50 3.53 -6.96 -34.79
N LEU C 51 3.87 -7.91 -33.92
CA LEU C 51 2.87 -8.79 -33.30
C LEU C 51 1.91 -7.99 -32.42
N ASN C 52 2.37 -6.95 -31.73
CA ASN C 52 1.50 -6.04 -30.99
C ASN C 52 0.57 -5.24 -31.91
N MET C 53 1.02 -4.81 -33.10
CA MET C 53 0.15 -4.16 -34.08
C MET C 53 -0.90 -5.13 -34.64
N ILE C 54 -0.53 -6.36 -34.96
CA ILE C 54 -1.49 -7.37 -35.46
C ILE C 54 -2.47 -7.81 -34.36
N ALA C 55 -2.02 -7.94 -33.11
CA ALA C 55 -2.89 -8.19 -31.96
C ALA C 55 -3.79 -7.00 -31.58
N GLY C 56 -3.41 -5.78 -31.96
CA GLY C 56 -4.10 -4.56 -31.53
C GLY C 56 -3.71 -4.08 -30.13
N LEU C 57 -2.68 -4.68 -29.51
CA LEU C 57 -2.11 -4.25 -28.24
C LEU C 57 -1.30 -2.95 -28.37
N GLU C 58 -0.89 -2.57 -29.59
CA GLU C 58 -0.28 -1.28 -29.90
C GLU C 58 -0.93 -0.63 -31.12
N GLU C 59 -1.20 0.66 -31.06
CA GLU C 59 -1.78 1.43 -32.16
C GLU C 59 -0.74 1.77 -33.25
N ILE C 60 -1.07 1.52 -34.51
CA ILE C 60 -0.26 1.88 -35.69
C ILE C 60 -0.16 3.40 -35.83
N THR C 61 1.03 3.96 -36.11
CA THR C 61 1.20 5.41 -36.30
C THR C 61 0.79 5.90 -37.69
N SER C 62 0.98 5.09 -38.73
CA SER C 62 0.47 5.34 -40.09
C SER C 62 0.53 4.06 -40.92
N GLY C 63 -0.20 4.01 -42.04
CA GLY C 63 -0.43 2.77 -42.79
C GLY C 63 -1.57 1.94 -42.23
N GLU C 64 -1.79 0.74 -42.75
CA GLU C 64 -3.03 0.01 -42.58
C GLU C 64 -2.86 -1.50 -42.39
N LEU C 65 -3.77 -2.08 -41.63
CA LEU C 65 -3.85 -3.50 -41.34
C LEU C 65 -5.26 -3.98 -41.65
N ARG C 66 -5.30 -5.17 -42.26
CA ARG C 66 -6.60 -5.77 -42.65
C ARG C 66 -6.65 -7.25 -42.26
N ILE C 67 -7.84 -7.75 -41.97
CA ILE C 67 -8.10 -9.15 -41.60
C ILE C 67 -9.34 -9.60 -42.35
N GLY C 68 -9.33 -10.80 -42.93
CA GLY C 68 -10.50 -11.34 -43.64
C GLY C 68 -11.03 -10.45 -44.78
N GLY C 69 -10.17 -9.63 -45.38
CA GLY C 69 -10.52 -8.70 -46.46
C GLY C 69 -11.05 -7.33 -46.04
N GLU C 70 -10.96 -6.95 -44.77
CA GLU C 70 -11.41 -5.63 -44.27
C GLU C 70 -10.44 -4.99 -43.29
N ARG C 71 -10.42 -3.66 -43.20
CA ARG C 71 -9.55 -2.88 -42.31
C ARG C 71 -9.86 -3.12 -40.84
N VAL C 72 -8.82 -3.19 -39.99
CA VAL C 72 -8.97 -3.41 -38.54
C VAL C 72 -8.24 -2.43 -37.62
N ASN C 73 -7.54 -1.39 -38.11
CA ASN C 73 -6.71 -0.50 -37.28
C ASN C 73 -7.40 -0.01 -35.98
N GLU C 74 -8.69 0.35 -36.05
CA GLU C 74 -9.47 0.86 -34.92
C GLU C 74 -10.18 -0.20 -34.06
N LYS C 75 -10.29 -1.45 -34.52
CA LYS C 75 -11.10 -2.50 -33.89
C LYS C 75 -10.43 -3.10 -32.65
N ALA C 76 -11.24 -3.62 -31.73
CA ALA C 76 -10.76 -4.11 -30.44
C ALA C 76 -9.99 -5.44 -30.57
N PRO C 77 -9.09 -5.78 -29.63
CA PRO C 77 -8.42 -7.07 -29.63
C PRO C 77 -9.41 -8.24 -29.60
N LYS C 78 -10.48 -8.13 -28.81
CA LYS C 78 -11.53 -9.14 -28.76
C LYS C 78 -12.35 -9.28 -30.05
N ASP C 79 -12.35 -8.25 -30.92
CA ASP C 79 -12.94 -8.34 -32.26
C ASP C 79 -12.08 -9.20 -33.19
N ARG C 80 -10.75 -9.18 -32.99
CA ARG C 80 -9.78 -9.93 -33.81
C ARG C 80 -9.74 -11.42 -33.44
N ASP C 81 -9.82 -11.74 -32.15
CA ASP C 81 -9.84 -13.11 -31.60
C ASP C 81 -8.72 -14.04 -32.15
N ILE C 82 -7.50 -13.51 -32.14
CA ILE C 82 -6.28 -14.24 -32.48
C ILE C 82 -5.52 -14.55 -31.19
N ALA C 83 -5.06 -15.79 -31.03
CA ALA C 83 -4.29 -16.18 -29.84
C ALA C 83 -2.90 -15.55 -29.88
N MET C 84 -2.32 -15.26 -28.72
CA MET C 84 -0.95 -14.77 -28.62
C MET C 84 -0.18 -15.46 -27.50
N VAL C 85 1.09 -15.81 -27.74
CA VAL C 85 2.06 -16.17 -26.69
C VAL C 85 3.14 -15.09 -26.60
N PHE C 86 3.31 -14.51 -25.41
CA PHE C 86 4.14 -13.32 -25.18
C PHE C 86 5.64 -13.60 -25.02
N GLN C 87 6.47 -12.60 -25.28
CA GLN C 87 7.90 -12.75 -25.07
C GLN C 87 8.15 -13.00 -23.57
N SER C 88 7.45 -12.25 -22.71
CA SER C 88 7.56 -12.38 -21.25
C SER C 88 7.04 -13.71 -20.69
N TYR C 89 6.39 -14.56 -21.51
CA TYR C 89 5.54 -15.67 -21.08
C TYR C 89 4.58 -15.29 -19.93
N ALA C 90 3.71 -14.28 -20.19
CA ALA C 90 2.76 -13.75 -19.23
C ALA C 90 1.81 -14.83 -18.65
N LEU C 91 1.64 -14.84 -17.33
CA LEU C 91 0.83 -15.80 -16.59
C LEU C 91 0.12 -15.13 -15.41
N TYR C 92 -1.00 -15.72 -14.98
CA TYR C 92 -1.80 -15.27 -13.83
C TYR C 92 -1.30 -15.96 -12.54
N PRO C 93 -0.72 -15.24 -11.57
CA PRO C 93 0.02 -15.85 -10.46
C PRO C 93 -0.86 -16.32 -9.29
N HIS C 94 -2.09 -15.82 -9.17
CA HIS C 94 -3.05 -16.24 -8.16
C HIS C 94 -3.78 -17.53 -8.55
N MET C 95 -4.19 -17.65 -9.81
CA MET C 95 -4.73 -18.88 -10.37
C MET C 95 -3.67 -19.99 -10.45
N THR C 96 -4.05 -21.25 -10.26
CA THR C 96 -3.14 -22.38 -10.53
C THR C 96 -2.84 -22.53 -12.01
N VAL C 97 -1.88 -23.38 -12.37
CA VAL C 97 -1.62 -23.75 -13.77
C VAL C 97 -2.87 -24.27 -14.48
N ARG C 98 -3.74 -25.01 -13.79
CA ARG C 98 -4.94 -25.60 -14.38
C ARG C 98 -5.92 -24.51 -14.82
N GLN C 99 -6.30 -23.61 -13.93
CA GLN C 99 -7.18 -22.50 -14.33
C GLN C 99 -6.48 -21.42 -15.16
N ASN C 100 -5.14 -21.31 -15.16
CA ASN C 100 -4.43 -20.50 -16.16
C ASN C 100 -4.74 -21.03 -17.56
N ILE C 101 -4.48 -22.32 -17.80
CA ILE C 101 -4.68 -22.94 -19.11
C ILE C 101 -6.16 -22.95 -19.49
N ALA C 102 -7.06 -23.18 -18.54
CA ALA C 102 -8.50 -23.09 -18.77
C ALA C 102 -9.04 -21.66 -18.99
N PHE C 103 -8.28 -20.61 -18.68
CA PHE C 103 -8.87 -19.28 -18.58
C PHE C 103 -9.63 -18.81 -19.84
N PRO C 104 -9.12 -18.96 -21.07
CA PRO C 104 -9.86 -18.60 -22.28
C PRO C 104 -11.15 -19.40 -22.47
N LEU C 105 -11.19 -20.67 -22.05
CA LEU C 105 -12.42 -21.49 -22.08
C LEU C 105 -13.47 -20.95 -21.11
N THR C 106 -13.05 -20.53 -19.92
CA THR C 106 -13.97 -19.92 -18.95
C THR C 106 -14.46 -18.56 -19.46
N LEU C 107 -13.61 -17.79 -20.13
CA LEU C 107 -14.00 -16.58 -20.85
C LEU C 107 -15.00 -16.87 -21.99
N ALA C 108 -14.88 -18.03 -22.65
CA ALA C 108 -15.82 -18.50 -23.67
C ALA C 108 -17.09 -19.18 -23.11
N LYS C 109 -17.20 -19.36 -21.78
CA LYS C 109 -18.36 -19.97 -21.09
C LYS C 109 -18.70 -21.40 -21.56
N VAL C 110 -17.70 -22.23 -21.85
CA VAL C 110 -17.94 -23.66 -22.19
C VAL C 110 -18.38 -24.48 -20.96
N PRO C 111 -19.05 -25.64 -21.13
CA PRO C 111 -19.46 -26.49 -20.00
C PRO C 111 -18.27 -27.04 -19.20
N LYS C 112 -18.42 -27.20 -17.89
CA LYS C 112 -17.31 -27.55 -16.97
C LYS C 112 -16.60 -28.86 -17.33
N ALA C 113 -17.35 -29.93 -17.58
CA ALA C 113 -16.79 -31.23 -17.96
C ALA C 113 -16.06 -31.18 -19.31
N GLU C 114 -16.64 -30.49 -20.29
CA GLU C 114 -16.03 -30.32 -21.62
C GLU C 114 -14.77 -29.46 -21.54
N ILE C 115 -14.76 -28.40 -20.73
CA ILE C 115 -13.58 -27.59 -20.45
C ILE C 115 -12.46 -28.44 -19.82
N ALA C 116 -12.77 -29.24 -18.82
CA ALA C 116 -11.81 -30.15 -18.20
C ALA C 116 -11.28 -31.19 -19.20
N ALA C 117 -12.13 -31.73 -20.07
CA ALA C 117 -11.71 -32.65 -21.14
C ALA C 117 -10.72 -31.99 -22.11
N LYS C 118 -10.95 -30.73 -22.49
CA LYS C 118 -9.97 -29.97 -23.27
C LYS C 118 -8.69 -29.72 -22.50
N VAL C 119 -8.75 -29.36 -21.22
CA VAL C 119 -7.54 -29.20 -20.40
C VAL C 119 -6.74 -30.49 -20.34
N GLU C 120 -7.36 -31.64 -20.11
CA GLU C 120 -6.68 -32.94 -20.17
C GLU C 120 -6.08 -33.20 -21.55
N GLU C 121 -6.89 -33.06 -22.60
CA GLU C 121 -6.46 -33.33 -23.97
C GLU C 121 -5.32 -32.40 -24.42
N THR C 122 -5.28 -31.17 -23.92
CA THR C 122 -4.24 -30.18 -24.26
C THR C 122 -3.02 -30.27 -23.36
N ALA C 123 -3.14 -30.67 -22.09
CA ALA C 123 -1.98 -31.05 -21.28
C ALA C 123 -1.21 -32.21 -21.95
N LYS C 124 -1.97 -33.22 -22.41
CA LYS C 124 -1.45 -34.34 -23.20
C LYS C 124 -0.95 -33.92 -24.58
N ILE C 125 -1.64 -33.01 -25.26
CA ILE C 125 -1.27 -32.50 -26.59
C ILE C 125 0.02 -31.68 -26.58
N LEU C 126 0.27 -30.93 -25.51
CA LEU C 126 1.56 -30.29 -25.24
C LEU C 126 2.62 -31.29 -24.77
N ASP C 127 2.22 -32.46 -24.28
CA ASP C 127 3.05 -33.35 -23.46
C ASP C 127 3.67 -32.63 -22.25
N LEU C 128 2.93 -31.68 -21.68
CA LEU C 128 3.42 -30.75 -20.66
C LEU C 128 3.84 -31.48 -19.38
N SER C 129 2.90 -32.15 -18.74
CA SER C 129 3.03 -32.83 -17.45
C SER C 129 1.75 -33.58 -17.11
N GLU C 130 1.71 -34.24 -15.96
CA GLU C 130 0.50 -34.47 -15.20
C GLU C 130 -0.25 -33.15 -14.90
N LEU C 131 -1.50 -33.23 -14.45
CA LEU C 131 -2.41 -32.09 -14.25
C LEU C 131 -2.06 -31.27 -12.97
N LEU C 132 -0.82 -30.78 -12.89
CA LEU C 132 -0.09 -30.38 -11.67
C LEU C 132 -0.86 -29.49 -10.68
N ASP C 133 -1.65 -28.53 -11.17
CA ASP C 133 -2.48 -27.64 -10.35
C ASP C 133 -1.73 -26.80 -9.29
N ARG C 134 -0.45 -26.51 -9.55
CA ARG C 134 0.35 -25.70 -8.59
C ARG C 134 0.37 -24.22 -9.01
N LYS C 135 0.55 -23.30 -8.05
CA LYS C 135 0.66 -21.86 -8.35
C LYS C 135 1.87 -21.63 -9.28
N PRO C 136 1.78 -20.82 -10.35
CA PRO C 136 2.88 -20.64 -11.30
C PRO C 136 4.21 -20.18 -10.72
N GLY C 137 4.20 -19.43 -9.61
CA GLY C 137 5.42 -19.01 -8.92
C GLY C 137 6.27 -20.15 -8.35
N GLN C 138 5.73 -21.38 -8.25
CA GLN C 138 6.50 -22.57 -7.87
C GLN C 138 7.29 -23.18 -9.04
N LEU C 139 6.98 -22.83 -10.29
CA LEU C 139 7.52 -23.50 -11.47
C LEU C 139 8.94 -23.08 -11.84
N SER C 140 9.68 -24.02 -12.42
CA SER C 140 10.93 -23.85 -13.16
C SER C 140 10.72 -23.11 -14.50
N GLY C 141 11.79 -22.63 -15.14
CA GLY C 141 11.69 -21.73 -16.30
C GLY C 141 11.04 -22.38 -17.53
N GLY C 142 11.51 -23.57 -17.93
CA GLY C 142 10.91 -24.29 -19.05
C GLY C 142 9.44 -24.63 -18.79
N GLN C 143 9.10 -24.94 -17.54
CA GLN C 143 7.71 -25.18 -17.15
C GLN C 143 6.84 -23.92 -17.32
N ARG C 144 7.28 -22.73 -16.91
CA ARG C 144 6.49 -21.50 -17.08
C ARG C 144 6.20 -21.24 -18.55
N GLN C 145 7.20 -21.27 -19.41
CA GLN C 145 6.99 -21.07 -20.84
C GLN C 145 6.06 -22.14 -21.42
N ARG C 146 6.24 -23.41 -21.07
CA ARG C 146 5.36 -24.48 -21.52
C ARG C 146 3.92 -24.26 -21.07
N VAL C 147 3.67 -23.88 -19.81
CA VAL C 147 2.32 -23.55 -19.33
C VAL C 147 1.72 -22.39 -20.11
N ALA C 148 2.52 -21.36 -20.42
CA ALA C 148 2.07 -20.23 -21.21
C ALA C 148 1.67 -20.61 -22.64
N MET C 149 2.05 -21.80 -23.16
CA MET C 149 1.51 -22.32 -24.43
C MET C 149 0.05 -22.75 -24.30
N GLY C 150 -0.36 -23.32 -23.18
CA GLY C 150 -1.71 -23.86 -23.01
C GLY C 150 -2.79 -22.81 -23.28
N ARG C 151 -2.61 -21.61 -22.73
CA ARG C 151 -3.57 -20.51 -23.01
C ARG C 151 -3.80 -20.38 -24.53
N ALA C 152 -2.72 -20.35 -25.33
CA ALA C 152 -2.86 -20.17 -26.77
C ALA C 152 -3.37 -21.42 -27.50
N ILE C 153 -2.84 -22.59 -27.17
CA ILE C 153 -3.11 -23.85 -27.88
C ILE C 153 -4.50 -24.41 -27.59
N VAL C 154 -5.09 -24.12 -26.43
CA VAL C 154 -6.42 -24.62 -26.05
C VAL C 154 -7.55 -24.19 -27.00
N ARG C 155 -7.57 -22.91 -27.39
CA ARG C 155 -8.80 -22.22 -27.83
C ARG C 155 -9.18 -22.35 -29.31
N SER C 156 -8.34 -22.95 -30.15
CA SER C 156 -8.54 -23.07 -31.62
C SER C 156 -8.99 -21.76 -32.30
N PRO C 157 -8.11 -20.74 -32.36
CA PRO C 157 -8.43 -19.33 -32.67
C PRO C 157 -8.62 -19.04 -34.17
N LYS C 158 -8.92 -17.77 -34.52
CA LYS C 158 -8.92 -17.31 -35.93
C LYS C 158 -7.51 -17.28 -36.54
N ALA C 159 -6.48 -17.02 -35.74
CA ALA C 159 -5.06 -17.12 -36.09
C ALA C 159 -4.20 -17.28 -34.83
N PHE C 160 -2.96 -17.75 -34.97
CA PHE C 160 -1.96 -17.75 -33.90
C PHE C 160 -0.89 -16.70 -34.16
N LEU C 161 -0.56 -15.92 -33.15
CA LEU C 161 0.69 -15.18 -33.06
C LEU C 161 1.54 -15.83 -31.98
N MET C 162 2.82 -16.09 -32.23
CA MET C 162 3.73 -16.60 -31.20
C MET C 162 5.05 -15.88 -31.21
N ASP C 163 5.52 -15.47 -30.04
CA ASP C 163 6.80 -14.78 -29.89
C ASP C 163 7.76 -15.62 -29.05
N GLN C 164 8.80 -16.15 -29.72
CA GLN C 164 9.86 -17.02 -29.14
C GLN C 164 9.26 -18.04 -28.17
N PRO C 165 8.37 -18.89 -28.68
CA PRO C 165 7.60 -19.78 -27.80
C PRO C 165 8.34 -20.99 -27.26
N LEU C 166 9.46 -21.41 -27.87
CA LEU C 166 10.24 -22.59 -27.45
C LEU C 166 11.64 -22.22 -26.94
N SER C 167 11.94 -20.94 -26.73
CA SER C 167 13.30 -20.45 -26.48
C SER C 167 13.94 -20.98 -25.18
N ASN C 168 13.17 -21.15 -24.12
CA ASN C 168 13.68 -21.47 -22.79
C ASN C 168 13.86 -22.98 -22.56
N LEU C 169 13.22 -23.82 -23.38
CA LEU C 169 13.15 -25.26 -23.24
C LEU C 169 14.46 -25.96 -23.64
N ASP C 170 14.72 -27.13 -23.06
CA ASP C 170 15.76 -28.05 -23.52
C ASP C 170 15.41 -28.67 -24.89
N ALA C 171 16.44 -28.96 -25.69
CA ALA C 171 16.30 -29.38 -27.08
C ALA C 171 15.42 -30.62 -27.27
N LYS C 172 15.54 -31.59 -26.36
CA LYS C 172 14.74 -32.82 -26.31
C LYS C 172 13.23 -32.56 -26.20
N LEU C 173 12.82 -31.42 -25.67
CA LEU C 173 11.44 -30.95 -25.70
C LEU C 173 11.12 -30.16 -26.96
N ARG C 174 12.02 -29.30 -27.45
CA ARG C 174 11.76 -28.46 -28.65
C ARG C 174 11.41 -29.31 -29.87
N VAL C 175 12.16 -30.38 -30.11
CA VAL C 175 11.93 -31.27 -31.25
C VAL C 175 10.56 -31.94 -31.21
N GLN C 176 10.01 -32.16 -30.02
CA GLN C 176 8.64 -32.61 -29.85
C GLN C 176 7.66 -31.45 -30.05
N MET C 177 7.77 -30.39 -29.27
CA MET C 177 6.78 -29.31 -29.24
C MET C 177 6.60 -28.64 -30.61
N ARG C 178 7.72 -28.43 -31.31
CA ARG C 178 7.62 -27.90 -32.68
C ARG C 178 6.72 -28.84 -33.50
N ALA C 179 7.04 -30.14 -33.50
CA ALA C 179 6.23 -31.08 -34.25
C ALA C 179 4.74 -30.99 -33.87
N GLU C 180 4.40 -30.88 -32.58
CA GLU C 180 2.99 -30.72 -32.17
C GLU C 180 2.37 -29.44 -32.73
N ILE C 181 3.09 -28.32 -32.69
CA ILE C 181 2.63 -27.05 -33.26
C ILE C 181 2.39 -27.22 -34.76
N SER C 182 3.32 -27.85 -35.49
CA SER C 182 3.13 -28.10 -36.92
C SER C 182 1.91 -28.99 -37.20
N ARG C 183 1.78 -30.10 -36.46
CA ARG C 183 0.58 -30.96 -36.63
C ARG C 183 -0.68 -30.11 -36.42
N LEU C 184 -0.80 -29.44 -35.26
CA LEU C 184 -1.98 -28.67 -34.94
C LEU C 184 -2.27 -27.60 -35.98
N GLN C 185 -1.25 -26.88 -36.45
CA GLN C 185 -1.43 -25.82 -37.43
C GLN C 185 -1.91 -26.37 -38.77
N ASP C 186 -1.41 -27.53 -39.19
CA ASP C 186 -1.93 -28.27 -40.33
C ASP C 186 -3.37 -28.76 -40.07
N ARG C 187 -3.62 -29.40 -38.92
CA ARG C 187 -4.93 -29.99 -38.57
C ARG C 187 -6.03 -28.93 -38.51
N LEU C 188 -5.77 -27.79 -37.88
CA LEU C 188 -6.71 -26.68 -37.79
C LEU C 188 -6.68 -25.76 -39.03
N GLY C 189 -5.75 -25.95 -39.96
CA GLY C 189 -5.61 -25.11 -41.16
C GLY C 189 -5.54 -23.60 -40.86
N THR C 190 -4.88 -23.20 -39.77
CA THR C 190 -5.07 -21.89 -39.13
C THR C 190 -3.87 -20.96 -39.31
N THR C 191 -4.10 -19.76 -39.83
CA THR C 191 -3.04 -18.78 -40.14
C THR C 191 -2.15 -18.54 -38.94
N THR C 192 -0.84 -18.55 -39.13
CA THR C 192 0.11 -18.45 -38.03
C THR C 192 1.22 -17.50 -38.36
N VAL C 193 1.54 -16.64 -37.40
CA VAL C 193 2.81 -15.95 -37.31
C VAL C 193 3.57 -16.54 -36.14
N TYR C 194 4.83 -16.88 -36.34
CA TYR C 194 5.73 -17.34 -35.32
C TYR C 194 7.00 -16.50 -35.41
N VAL C 195 7.67 -16.25 -34.30
CA VAL C 195 8.88 -15.41 -34.27
C VAL C 195 9.96 -16.11 -33.48
N THR C 196 11.18 -16.16 -33.99
CA THR C 196 12.28 -16.89 -33.34
C THR C 196 13.65 -16.32 -33.68
N HIS C 197 14.60 -16.47 -32.76
CA HIS C 197 16.02 -16.27 -33.03
C HIS C 197 16.61 -17.45 -33.81
N ASP C 198 16.03 -18.64 -33.66
CA ASP C 198 16.63 -19.86 -34.16
C ASP C 198 16.24 -20.12 -35.61
N GLN C 199 17.08 -19.67 -36.55
CA GLN C 199 16.87 -19.88 -37.97
C GLN C 199 16.78 -21.36 -38.38
N THR C 200 17.25 -22.32 -37.56
CA THR C 200 17.00 -23.74 -37.88
C THR C 200 15.51 -24.08 -37.82
N GLU C 201 14.72 -23.38 -37.00
CA GLU C 201 13.26 -23.56 -36.95
C GLU C 201 12.59 -23.04 -38.22
N ALA C 202 13.11 -21.93 -38.76
CA ALA C 202 12.58 -21.34 -39.97
C ALA C 202 12.66 -22.33 -41.14
N MET C 203 13.83 -22.96 -41.31
CA MET C 203 14.07 -24.04 -42.28
C MET C 203 13.47 -25.41 -41.87
N THR C 204 12.37 -25.43 -41.11
CA THR C 204 11.53 -26.64 -40.95
C THR C 204 10.04 -26.33 -40.78
N LEU C 205 9.69 -25.24 -40.11
CA LEU C 205 8.29 -24.80 -39.98
C LEU C 205 7.76 -24.04 -41.21
N GLY C 206 8.57 -23.15 -41.80
CA GLY C 206 8.05 -22.02 -42.57
C GLY C 206 7.36 -22.38 -43.87
N ASP C 207 6.11 -21.94 -44.05
CA ASP C 207 5.50 -21.84 -45.38
C ASP C 207 6.15 -20.70 -46.16
N ARG C 208 6.37 -19.58 -45.47
CA ARG C 208 7.26 -18.50 -45.83
C ARG C 208 7.99 -18.02 -44.59
N VAL C 209 9.12 -17.36 -44.81
CA VAL C 209 9.96 -16.76 -43.81
C VAL C 209 10.18 -15.32 -44.20
N VAL C 210 10.19 -14.45 -43.23
CA VAL C 210 10.40 -13.02 -43.39
C VAL C 210 11.64 -12.62 -42.62
N VAL C 211 12.60 -12.02 -43.30
CA VAL C 211 13.80 -11.49 -42.65
C VAL C 211 13.71 -9.97 -42.62
N MET C 212 13.92 -9.41 -41.44
CA MET C 212 13.77 -7.98 -41.17
C MET C 212 15.01 -7.45 -40.43
N LEU C 213 15.41 -6.22 -40.75
CA LEU C 213 16.50 -5.51 -40.10
C LEU C 213 16.05 -4.08 -39.81
N ALA C 214 16.30 -3.56 -38.61
CA ALA C 214 15.94 -2.18 -38.21
C ALA C 214 14.50 -1.76 -38.59
N GLY C 215 13.53 -2.67 -38.50
CA GLY C 215 12.12 -2.40 -38.84
C GLY C 215 11.79 -2.43 -40.34
N GLU C 216 12.75 -2.76 -41.20
CA GLU C 216 12.62 -2.82 -42.65
C GLU C 216 12.77 -4.26 -43.16
N VAL C 217 11.78 -4.78 -43.90
CA VAL C 217 11.86 -6.12 -44.50
C VAL C 217 12.94 -6.19 -45.58
N GLN C 218 13.75 -7.25 -45.56
CA GLN C 218 14.88 -7.47 -46.46
C GLN C 218 14.57 -8.53 -47.53
N GLN C 219 13.91 -9.63 -47.19
CA GLN C 219 13.48 -10.67 -48.13
C GLN C 219 12.26 -11.41 -47.60
N ILE C 220 11.46 -11.97 -48.51
CA ILE C 220 10.29 -12.79 -48.24
C ILE C 220 10.35 -14.02 -49.16
N GLY C 221 10.17 -15.23 -48.64
CA GLY C 221 10.13 -16.43 -49.50
C GLY C 221 10.11 -17.72 -48.68
N THR C 222 10.23 -18.86 -49.34
CA THR C 222 10.47 -20.14 -48.65
C THR C 222 11.87 -20.14 -48.02
N PRO C 223 12.16 -21.04 -47.06
CA PRO C 223 13.51 -21.12 -46.47
C PRO C 223 14.56 -21.43 -47.54
N ASP C 224 14.28 -22.34 -48.47
CA ASP C 224 15.16 -22.68 -49.57
C ASP C 224 15.48 -21.49 -50.47
N GLU C 225 14.52 -20.60 -50.71
CA GLU C 225 14.73 -19.41 -51.53
C GLU C 225 15.63 -18.39 -50.82
N LEU C 226 15.41 -18.13 -49.53
CA LEU C 226 16.33 -17.30 -48.75
C LEU C 226 17.74 -17.90 -48.63
N TYR C 227 17.84 -19.24 -48.58
CA TYR C 227 19.08 -20.01 -48.42
C TYR C 227 19.92 -20.08 -49.71
N SER C 228 19.29 -20.33 -50.85
CA SER C 228 19.94 -20.54 -52.14
C SER C 228 19.93 -19.30 -53.04
N SER C 229 19.04 -18.34 -52.79
CA SER C 229 18.97 -17.06 -53.51
C SER C 229 18.72 -15.89 -52.53
N PRO C 230 19.63 -15.66 -51.57
CA PRO C 230 19.58 -14.47 -50.72
C PRO C 230 19.64 -13.20 -51.56
N ALA C 231 18.71 -12.27 -51.37
CA ALA C 231 18.53 -11.09 -52.22
C ALA C 231 19.61 -10.00 -52.03
N ASN C 232 20.27 -9.98 -50.86
CA ASN C 232 21.25 -8.98 -50.46
C ASN C 232 22.25 -9.54 -49.44
N LEU C 233 23.37 -8.84 -49.24
CA LEU C 233 24.47 -9.31 -48.40
C LEU C 233 24.07 -9.61 -46.94
N PHE C 234 23.14 -8.86 -46.35
CA PHE C 234 22.68 -9.15 -44.98
C PHE C 234 22.00 -10.53 -44.87
N VAL C 235 20.99 -10.78 -45.72
CA VAL C 235 20.29 -12.07 -45.74
C VAL C 235 21.19 -13.21 -46.22
N ALA C 236 22.16 -12.94 -47.09
CA ALA C 236 23.17 -13.91 -47.48
C ALA C 236 24.01 -14.39 -46.28
N GLY C 237 24.29 -13.48 -45.33
CA GLY C 237 24.94 -13.79 -44.05
C GLY C 237 24.02 -14.35 -42.96
N PHE C 238 22.72 -14.49 -43.20
CA PHE C 238 21.72 -14.65 -42.14
C PHE C 238 21.44 -16.07 -41.63
N ILE C 239 21.42 -17.09 -42.51
CA ILE C 239 20.90 -18.43 -42.18
C ILE C 239 21.80 -19.58 -42.64
N GLY C 240 21.64 -20.75 -42.04
CA GLY C 240 22.59 -21.87 -42.10
C GLY C 240 23.77 -21.71 -41.14
N SER C 241 24.66 -22.71 -41.06
CA SER C 241 25.87 -22.67 -40.22
C SER C 241 27.06 -23.46 -40.80
N PRO C 242 28.31 -23.03 -40.53
CA PRO C 242 28.69 -21.68 -40.11
C PRO C 242 28.25 -20.57 -41.09
N ALA C 243 28.50 -19.30 -40.75
CA ALA C 243 28.13 -18.16 -41.59
C ALA C 243 28.79 -18.21 -42.99
N MET C 244 28.07 -17.76 -44.02
CA MET C 244 28.55 -17.74 -45.41
C MET C 244 29.86 -16.96 -45.55
N ASN C 245 30.80 -17.45 -46.37
CA ASN C 245 32.14 -16.88 -46.52
C ASN C 245 32.23 -15.99 -47.77
N PHE C 246 32.67 -14.75 -47.61
CA PHE C 246 32.63 -13.71 -48.65
C PHE C 246 33.97 -13.00 -48.89
N PHE C 247 34.23 -12.67 -50.15
CA PHE C 247 35.50 -12.12 -50.61
C PHE C 247 35.25 -10.95 -51.59
N PRO C 248 36.13 -9.93 -51.62
CA PRO C 248 36.25 -9.05 -52.77
C PRO C 248 36.89 -9.82 -53.93
N ALA C 249 36.51 -9.52 -55.16
CA ALA C 249 37.02 -10.16 -56.37
C ALA C 249 36.88 -9.25 -57.59
N THR C 250 37.58 -9.59 -58.67
CA THR C 250 37.64 -8.80 -59.90
C THR C 250 37.04 -9.56 -61.08
N ARG C 251 36.30 -8.82 -61.92
CA ARG C 251 35.59 -9.45 -63.06
C ARG C 251 36.55 -10.03 -64.09
N THR C 252 36.20 -11.18 -64.66
CA THR C 252 36.95 -11.83 -65.72
C THR C 252 36.06 -12.06 -66.95
N ASP C 253 36.63 -12.09 -68.15
CA ASP C 253 35.87 -12.13 -69.41
C ASP C 253 35.06 -13.43 -69.62
N VAL C 254 35.33 -14.44 -68.79
CA VAL C 254 34.60 -15.72 -68.70
C VAL C 254 34.13 -16.05 -67.27
N GLY C 255 34.19 -15.11 -66.33
CA GLY C 255 33.86 -15.36 -64.93
C GLY C 255 34.52 -14.39 -63.95
N VAL C 256 35.37 -14.89 -63.07
CA VAL C 256 35.96 -14.10 -61.97
C VAL C 256 37.42 -14.46 -61.68
N ARG C 257 38.21 -13.41 -61.43
CA ARG C 257 39.55 -13.47 -60.84
C ARG C 257 39.40 -13.17 -59.35
N LEU C 258 39.76 -14.15 -58.54
CA LEU C 258 39.72 -14.10 -57.08
C LEU C 258 41.09 -13.65 -56.53
N PRO C 259 41.21 -13.15 -55.29
CA PRO C 259 42.50 -12.81 -54.67
C PRO C 259 43.49 -13.99 -54.53
N PHE C 260 43.02 -15.22 -54.74
CA PHE C 260 43.74 -16.48 -54.52
C PHE C 260 43.53 -17.51 -55.65
N GLY C 261 42.82 -17.16 -56.73
CA GLY C 261 42.40 -18.13 -57.74
C GLY C 261 41.67 -17.52 -58.94
N GLU C 262 41.14 -18.37 -59.81
CA GLU C 262 40.40 -18.00 -61.03
C GLU C 262 39.25 -18.99 -61.23
N VAL C 263 38.05 -18.51 -61.60
CA VAL C 263 36.91 -19.38 -61.92
C VAL C 263 36.23 -18.92 -63.22
N THR C 264 36.07 -19.86 -64.15
CA THR C 264 35.13 -19.73 -65.26
C THR C 264 33.69 -19.97 -64.78
N LEU C 265 32.81 -19.00 -64.97
CA LEU C 265 31.41 -19.01 -64.51
C LEU C 265 30.49 -19.69 -65.53
N THR C 266 29.35 -20.22 -65.07
CA THR C 266 28.27 -20.69 -65.94
C THR C 266 27.80 -19.53 -66.86
N PRO C 267 27.72 -19.71 -68.19
CA PRO C 267 27.43 -18.61 -69.12
C PRO C 267 26.16 -17.83 -68.78
N HIS C 268 25.10 -18.49 -68.32
CA HIS C 268 23.85 -17.86 -67.92
C HIS C 268 24.02 -16.89 -66.73
N MET C 269 24.81 -17.27 -65.73
CA MET C 269 25.15 -16.37 -64.62
C MET C 269 26.01 -15.18 -65.07
N LEU C 270 26.94 -15.41 -66.00
CA LEU C 270 27.75 -14.35 -66.61
C LEU C 270 26.90 -13.41 -67.50
N ASP C 271 25.88 -13.94 -68.17
CA ASP C 271 24.90 -13.15 -68.91
C ASP C 271 24.06 -12.28 -67.97
N LEU C 272 23.67 -12.76 -66.78
CA LEU C 272 23.07 -11.90 -65.75
C LEU C 272 24.02 -10.77 -65.33
N LEU C 273 25.33 -11.04 -65.18
CA LEU C 273 26.35 -10.01 -64.98
C LEU C 273 26.59 -9.11 -66.22
N ASP C 274 25.98 -9.42 -67.37
CA ASP C 274 25.93 -8.56 -68.55
C ASP C 274 24.61 -7.77 -68.68
N LYS C 275 23.49 -8.34 -68.17
CA LYS C 275 22.18 -7.67 -68.04
C LYS C 275 22.22 -6.56 -66.98
N GLN C 276 22.81 -6.84 -65.82
CA GLN C 276 23.12 -5.85 -64.80
C GLN C 276 24.29 -4.93 -65.21
N ALA C 277 24.32 -3.69 -64.72
CA ALA C 277 25.45 -2.78 -64.91
C ALA C 277 26.68 -3.23 -64.08
N ARG C 278 27.89 -2.98 -64.58
CA ARG C 278 29.15 -3.38 -63.92
C ARG C 278 29.42 -2.56 -62.64
N PRO C 279 29.57 -3.18 -61.46
CA PRO C 279 30.13 -2.49 -60.28
C PRO C 279 31.64 -2.27 -60.42
N GLU C 280 32.24 -1.41 -59.60
CA GLU C 280 33.70 -1.14 -59.66
C GLU C 280 34.55 -2.32 -59.16
N ASN C 281 34.00 -3.16 -58.28
CA ASN C 281 34.54 -4.45 -57.83
C ASN C 281 33.38 -5.43 -57.64
N ILE C 282 33.66 -6.73 -57.70
CA ILE C 282 32.72 -7.76 -57.27
C ILE C 282 32.88 -8.08 -55.79
N ILE C 283 31.79 -8.37 -55.12
CA ILE C 283 31.80 -9.19 -53.91
C ILE C 283 31.26 -10.57 -54.28
N VAL C 284 31.92 -11.63 -53.82
CA VAL C 284 31.53 -13.02 -54.08
C VAL C 284 31.35 -13.80 -52.78
N GLY C 285 30.43 -14.77 -52.78
CA GLY C 285 30.08 -15.57 -51.62
C GLY C 285 29.96 -17.07 -51.91
N ILE C 286 30.39 -17.89 -50.95
CA ILE C 286 30.19 -19.34 -50.93
C ILE C 286 29.85 -19.81 -49.51
N ARG C 287 28.91 -20.74 -49.37
CA ARG C 287 28.63 -21.39 -48.10
C ARG C 287 29.78 -22.32 -47.69
N PRO C 288 30.25 -22.32 -46.42
CA PRO C 288 31.30 -23.22 -45.95
C PRO C 288 31.09 -24.71 -46.28
N GLU C 289 29.84 -25.17 -46.30
CA GLU C 289 29.45 -26.53 -46.67
C GLU C 289 29.67 -26.90 -48.15
N HIS C 290 29.82 -25.91 -49.03
CA HIS C 290 30.14 -26.08 -50.44
C HIS C 290 31.65 -26.08 -50.74
N ILE C 291 32.49 -25.81 -49.73
CA ILE C 291 33.95 -25.91 -49.81
C ILE C 291 34.36 -27.37 -49.54
N GLU C 292 35.36 -27.89 -50.25
CA GLU C 292 35.77 -29.29 -50.19
C GLU C 292 37.31 -29.44 -50.22
N ASP C 293 37.81 -30.59 -49.81
CA ASP C 293 39.22 -30.98 -50.06
C ASP C 293 39.46 -31.17 -51.57
N SER C 294 40.65 -30.82 -52.08
CA SER C 294 41.05 -31.22 -53.45
C SER C 294 41.14 -32.76 -53.57
N ALA C 295 41.50 -33.44 -52.48
CA ALA C 295 41.42 -34.91 -52.36
C ALA C 295 39.99 -35.49 -52.53
N LEU C 296 38.94 -34.67 -52.39
CA LEU C 296 37.55 -35.08 -52.61
C LEU C 296 37.13 -35.12 -54.08
N LEU C 297 37.94 -34.57 -55.01
CA LEU C 297 37.62 -34.54 -56.44
C LEU C 297 37.86 -35.91 -57.12
N ASP C 298 36.79 -36.69 -57.28
CA ASP C 298 36.75 -37.81 -58.21
C ASP C 298 36.63 -37.34 -59.67
N GLY C 299 36.60 -38.28 -60.63
CA GLY C 299 36.56 -37.98 -62.06
C GLY C 299 35.44 -37.05 -62.51
N TYR C 300 34.22 -37.25 -62.00
CA TYR C 300 33.07 -36.38 -62.29
C TYR C 300 33.25 -34.96 -61.71
N ALA C 301 33.66 -34.87 -60.44
CA ALA C 301 33.78 -33.59 -59.72
C ALA C 301 34.91 -32.70 -60.26
N ARG C 302 36.05 -33.28 -60.63
CA ARG C 302 37.21 -32.54 -61.12
C ARG C 302 36.95 -31.73 -62.41
N ILE C 303 35.95 -32.12 -63.22
CA ILE C 303 35.52 -31.38 -64.40
C ILE C 303 34.68 -30.13 -64.08
N ARG C 304 33.82 -30.19 -63.05
CA ARG C 304 32.90 -29.10 -62.66
C ARG C 304 33.48 -28.14 -61.62
N ALA C 305 34.42 -28.61 -60.80
CA ALA C 305 35.05 -27.85 -59.73
C ALA C 305 36.12 -26.86 -60.23
N LEU C 306 36.59 -26.02 -59.31
CA LEU C 306 37.83 -25.24 -59.42
C LEU C 306 38.59 -25.27 -58.08
N THR C 307 39.88 -24.95 -58.09
CA THR C 307 40.78 -25.27 -56.98
C THR C 307 41.81 -24.17 -56.67
N PHE C 308 42.31 -24.18 -55.43
CA PHE C 308 43.37 -23.32 -54.89
C PHE C 308 43.97 -23.99 -53.63
N SER C 309 44.83 -23.33 -52.86
CA SER C 309 45.35 -23.87 -51.59
C SER C 309 45.62 -22.77 -50.55
N VAL C 310 45.43 -23.11 -49.27
CA VAL C 310 45.62 -22.22 -48.11
C VAL C 310 46.10 -23.05 -46.91
N ARG C 311 46.75 -22.44 -45.93
CA ARG C 311 46.95 -23.06 -44.62
C ARG C 311 45.65 -23.08 -43.81
N ALA C 312 45.31 -24.20 -43.17
CA ALA C 312 44.34 -24.18 -42.09
C ALA C 312 44.91 -23.35 -40.92
N ASP C 313 44.16 -22.33 -40.51
CA ASP C 313 44.54 -21.42 -39.44
C ASP C 313 44.18 -22.04 -38.07
N ILE C 314 43.00 -22.66 -37.97
CA ILE C 314 42.58 -23.54 -36.87
C ILE C 314 41.76 -24.70 -37.47
N VAL C 315 41.78 -25.88 -36.85
CA VAL C 315 40.85 -26.97 -37.20
C VAL C 315 40.09 -27.40 -35.95
N GLU C 316 38.78 -27.55 -36.08
CA GLU C 316 37.87 -27.98 -35.02
C GLU C 316 36.87 -29.00 -35.59
N SER C 317 36.31 -29.87 -34.76
CA SER C 317 35.46 -30.97 -35.22
C SER C 317 34.24 -31.23 -34.31
N LEU C 318 33.19 -31.77 -34.93
CA LEU C 318 31.90 -32.12 -34.29
C LEU C 318 31.44 -33.54 -34.71
N GLY C 319 32.39 -34.43 -34.99
CA GLY C 319 32.18 -35.79 -35.51
C GLY C 319 31.75 -35.81 -36.97
N ALA C 320 30.55 -35.30 -37.25
CA ALA C 320 29.93 -35.31 -38.58
C ALA C 320 30.59 -34.35 -39.59
N ASP C 321 31.24 -33.30 -39.12
CA ASP C 321 31.96 -32.30 -39.92
C ASP C 321 33.22 -31.82 -39.20
N LYS C 322 34.18 -31.32 -39.98
CA LYS C 322 35.26 -30.48 -39.49
C LYS C 322 35.00 -29.03 -39.89
N TYR C 323 35.08 -28.12 -38.92
CA TYR C 323 35.18 -26.69 -39.13
C TYR C 323 36.65 -26.33 -39.31
N VAL C 324 37.06 -26.22 -40.57
CA VAL C 324 38.41 -25.81 -40.96
C VAL C 324 38.42 -24.30 -41.09
N HIS C 325 38.97 -23.61 -40.09
CA HIS C 325 39.28 -22.19 -40.18
C HIS C 325 40.53 -22.00 -41.02
N PHE C 326 40.55 -20.97 -41.86
CA PHE C 326 41.68 -20.51 -42.65
C PHE C 326 41.67 -18.99 -42.74
N THR C 327 42.80 -18.39 -43.10
CA THR C 327 42.86 -16.98 -43.53
C THR C 327 43.75 -16.84 -44.76
N THR C 328 43.26 -16.15 -45.78
CA THR C 328 44.02 -15.86 -47.00
C THR C 328 44.90 -14.62 -46.82
N GLU C 329 45.83 -14.40 -47.74
CA GLU C 329 46.30 -13.04 -48.05
C GLU C 329 45.13 -12.16 -48.57
N GLY C 330 45.23 -10.85 -48.39
CA GLY C 330 44.17 -9.89 -48.76
C GLY C 330 42.98 -9.86 -47.78
N ALA C 331 42.12 -8.85 -47.95
CA ALA C 331 40.94 -8.63 -47.11
C ALA C 331 39.76 -9.56 -47.47
N GLY C 332 38.90 -9.84 -46.50
CA GLY C 332 37.55 -10.38 -46.71
C GLY C 332 36.55 -9.29 -47.10
N ALA C 333 35.36 -9.68 -47.57
CA ALA C 333 34.34 -8.71 -48.01
C ALA C 333 33.83 -7.83 -46.85
N PHE C 352 37.95 -17.23 -41.81
CA PHE C 352 37.11 -17.83 -42.84
C PHE C 352 36.98 -19.33 -42.61
N ILE C 353 35.79 -19.92 -42.72
CA ILE C 353 35.56 -21.34 -42.39
C ILE C 353 35.17 -22.15 -43.62
N ALA C 354 35.67 -23.38 -43.69
CA ALA C 354 35.14 -24.46 -44.51
C ALA C 354 34.53 -25.54 -43.60
N ARG C 355 33.38 -26.04 -44.06
CA ARG C 355 32.71 -27.18 -43.37
C ARG C 355 33.01 -28.37 -44.26
N VAL C 356 33.67 -29.41 -43.74
CA VAL C 356 34.17 -30.52 -44.58
C VAL C 356 33.89 -31.89 -43.94
N SER C 357 33.71 -32.91 -44.78
CA SER C 357 33.15 -34.23 -44.46
C SER C 357 33.78 -34.95 -43.26
N ALA C 358 33.02 -35.83 -42.58
CA ALA C 358 33.52 -36.79 -41.60
C ALA C 358 34.60 -37.76 -42.16
N ASP C 359 34.70 -37.92 -43.48
CA ASP C 359 35.75 -38.68 -44.15
C ASP C 359 37.10 -37.92 -44.25
N SER C 360 37.14 -36.62 -43.93
CA SER C 360 38.32 -35.76 -44.09
C SER C 360 39.49 -36.16 -43.17
N ARG C 361 40.66 -36.29 -43.78
CA ARG C 361 41.88 -36.65 -43.06
C ARG C 361 42.79 -35.46 -42.77
N VAL C 362 42.23 -34.25 -42.83
CA VAL C 362 43.00 -33.03 -42.56
C VAL C 362 43.39 -33.01 -41.09
N ARG C 363 44.55 -32.45 -40.76
CA ARG C 363 44.96 -32.47 -39.33
C ARG C 363 45.00 -31.04 -38.76
N THR C 364 45.60 -30.87 -37.59
CA THR C 364 45.67 -29.54 -36.94
C THR C 364 46.68 -28.59 -37.60
N GLY C 365 46.20 -27.44 -38.09
CA GLY C 365 47.00 -26.39 -38.73
C GLY C 365 47.57 -26.73 -40.12
N GLU C 366 47.14 -27.82 -40.76
CA GLU C 366 47.76 -28.35 -41.97
C GLU C 366 47.61 -27.46 -43.22
N GLN C 367 48.60 -27.49 -44.12
CA GLN C 367 48.52 -26.88 -45.45
C GLN C 367 47.61 -27.73 -46.35
N ILE C 368 46.55 -27.13 -46.90
CA ILE C 368 45.47 -27.87 -47.57
C ILE C 368 45.20 -27.39 -49.00
N GLU C 369 45.10 -28.35 -49.92
CA GLU C 369 44.55 -28.14 -51.26
C GLU C 369 43.03 -28.15 -51.19
N LEU C 370 42.40 -27.15 -51.80
CA LEU C 370 40.97 -26.82 -51.64
C LEU C 370 40.25 -26.83 -52.98
N ALA C 371 38.98 -27.20 -52.94
CA ALA C 371 38.09 -27.28 -54.08
C ALA C 371 36.74 -26.60 -53.80
N ILE C 372 36.16 -26.03 -54.85
CA ILE C 372 34.87 -25.32 -54.84
C ILE C 372 34.05 -25.71 -56.07
N ASP C 373 32.73 -25.87 -55.90
CA ASP C 373 31.82 -26.06 -57.02
C ASP C 373 31.53 -24.72 -57.71
N THR C 374 32.04 -24.57 -58.93
CA THR C 374 31.91 -23.33 -59.72
C THR C 374 30.45 -22.94 -60.03
N THR C 375 29.49 -23.86 -59.88
CA THR C 375 28.05 -23.57 -60.02
C THR C 375 27.45 -22.95 -58.75
N LYS C 376 28.04 -23.18 -57.57
CA LYS C 376 27.48 -22.80 -56.25
C LYS C 376 27.96 -21.44 -55.72
N LEU C 377 28.91 -20.79 -56.41
CA LEU C 377 29.32 -19.43 -56.10
C LEU C 377 28.18 -18.43 -56.32
N SER C 378 28.26 -17.30 -55.62
CA SER C 378 27.31 -16.18 -55.71
C SER C 378 28.06 -14.86 -55.83
N ILE C 379 27.49 -13.87 -56.52
CA ILE C 379 28.11 -12.59 -56.83
C ILE C 379 27.16 -11.41 -56.56
N PHE C 380 27.70 -10.31 -56.07
CA PHE C 380 26.95 -9.18 -55.53
C PHE C 380 27.57 -7.85 -55.99
N ASP C 381 26.73 -6.83 -56.14
CA ASP C 381 27.15 -5.46 -56.43
C ASP C 381 27.83 -4.83 -55.20
N ALA C 382 29.11 -4.44 -55.32
CA ALA C 382 29.87 -3.89 -54.19
C ALA C 382 29.36 -2.53 -53.69
N ALA C 383 28.63 -1.75 -54.49
CA ALA C 383 28.01 -0.50 -54.08
C ALA C 383 26.55 -0.68 -53.62
N THR C 384 25.78 -1.53 -54.31
CA THR C 384 24.36 -1.75 -54.02
C THR C 384 24.08 -2.83 -52.95
N GLY C 385 24.99 -3.78 -52.75
CA GLY C 385 24.83 -4.94 -51.85
C GLY C 385 23.88 -6.05 -52.35
N LEU C 386 23.23 -5.84 -53.48
CA LEU C 386 22.28 -6.76 -54.11
C LEU C 386 22.97 -8.00 -54.67
N ASN C 387 22.33 -9.16 -54.57
CA ASN C 387 22.77 -10.38 -55.24
C ASN C 387 22.47 -10.31 -56.74
N LEU C 388 23.52 -10.35 -57.56
CA LEU C 388 23.46 -10.35 -59.02
C LEU C 388 23.32 -11.76 -59.61
N THR C 389 23.76 -12.79 -58.88
CA THR C 389 23.46 -14.21 -59.18
C THR C 389 21.98 -14.54 -58.96
N ARG C 390 21.29 -13.78 -58.10
CA ARG C 390 19.86 -13.91 -57.86
C ARG C 390 19.00 -13.71 -59.13
N ASP C 391 17.89 -14.42 -59.21
CA ASP C 391 17.06 -14.53 -60.43
C ASP C 391 15.57 -14.69 -60.10
N ALA D 2 38.59 -18.10 -5.89
CA ALA D 2 38.30 -19.08 -4.82
C ALA D 2 37.92 -20.46 -5.41
N GLU D 3 38.34 -21.53 -4.73
CA GLU D 3 37.79 -22.88 -4.90
C GLU D 3 36.34 -22.91 -4.42
N ILE D 4 35.51 -23.78 -5.01
CA ILE D 4 34.16 -24.04 -4.51
C ILE D 4 34.01 -25.54 -4.28
N VAL D 5 33.55 -25.94 -3.10
CA VAL D 5 33.30 -27.35 -2.77
C VAL D 5 31.87 -27.53 -2.28
N LEU D 6 31.14 -28.42 -2.96
CA LEU D 6 29.81 -28.87 -2.61
C LEU D 6 29.91 -30.30 -2.08
N ASP D 7 29.34 -30.57 -0.90
CA ASP D 7 29.37 -31.88 -0.28
C ASP D 7 27.95 -32.34 0.09
N ARG D 8 27.38 -33.25 -0.71
CA ARG D 8 26.08 -33.90 -0.51
C ARG D 8 24.94 -32.91 -0.30
N VAL D 9 25.01 -31.72 -0.90
CA VAL D 9 24.00 -30.67 -0.73
C VAL D 9 22.63 -31.09 -1.27
N THR D 10 21.56 -30.59 -0.67
CA THR D 10 20.19 -30.91 -1.08
C THR D 10 19.25 -29.70 -0.98
N LYS D 11 18.18 -29.76 -1.78
CA LYS D 11 16.98 -28.96 -1.58
C LYS D 11 15.76 -29.85 -1.71
N SER D 12 14.78 -29.69 -0.83
CA SER D 12 13.57 -30.52 -0.78
C SER D 12 12.34 -29.70 -0.34
N TYR D 13 11.15 -30.09 -0.78
CA TYR D 13 9.90 -29.32 -0.61
C TYR D 13 8.70 -30.22 -0.28
N PRO D 14 7.71 -29.73 0.50
CA PRO D 14 6.43 -30.41 0.67
C PRO D 14 5.63 -30.52 -0.64
N ASP D 15 4.87 -31.61 -0.80
CA ASP D 15 3.85 -31.72 -1.86
C ASP D 15 2.60 -30.90 -1.54
N VAL D 20 7.83 -35.21 1.44
CA VAL D 20 8.59 -34.19 0.69
C VAL D 20 9.24 -34.75 -0.58
N ARG D 21 9.56 -33.85 -1.52
CA ARG D 21 10.20 -34.12 -2.82
C ARG D 21 11.54 -33.39 -2.93
N ALA D 22 12.63 -34.13 -3.15
CA ALA D 22 13.97 -33.57 -3.30
C ALA D 22 14.16 -32.98 -4.70
N ALA D 23 14.28 -31.66 -4.81
CA ALA D 23 14.59 -30.97 -6.06
C ALA D 23 16.07 -31.12 -6.44
N VAL D 24 16.98 -31.15 -5.46
CA VAL D 24 18.40 -31.50 -5.66
C VAL D 24 18.83 -32.43 -4.55
N LYS D 25 19.62 -33.46 -4.88
CA LYS D 25 19.85 -34.62 -4.03
C LYS D 25 21.30 -35.12 -4.12
N GLU D 26 21.98 -35.17 -2.97
CA GLU D 26 23.36 -35.65 -2.78
C GLU D 26 24.43 -34.99 -3.66
N PHE D 27 24.14 -33.83 -4.27
CA PHE D 27 25.03 -33.20 -5.24
C PHE D 27 26.40 -32.91 -4.60
N SER D 28 27.47 -33.36 -5.22
CA SER D 28 28.82 -33.33 -4.63
C SER D 28 29.87 -33.08 -5.70
N MET D 29 30.67 -32.02 -5.55
CA MET D 29 31.68 -31.64 -6.53
C MET D 29 32.69 -30.62 -5.97
N THR D 30 33.82 -30.47 -6.64
CA THR D 30 34.80 -29.41 -6.37
C THR D 30 35.14 -28.67 -7.66
N ILE D 31 35.36 -27.36 -7.56
CA ILE D 31 35.66 -26.46 -8.67
C ILE D 31 36.94 -25.70 -8.38
N ALA D 32 37.92 -25.80 -9.26
CA ALA D 32 39.22 -25.17 -9.10
C ALA D 32 39.23 -23.67 -9.46
N ASP D 33 40.22 -22.93 -8.99
CA ASP D 33 40.35 -21.50 -9.29
C ASP D 33 40.41 -21.22 -10.80
N GLY D 34 39.56 -20.31 -11.26
CA GLY D 34 39.46 -19.92 -12.66
C GLY D 34 38.74 -20.94 -13.57
N GLU D 35 38.32 -22.08 -13.03
CA GLU D 35 37.69 -23.14 -13.82
C GLU D 35 36.30 -22.73 -14.34
N PHE D 36 36.04 -23.09 -15.61
CA PHE D 36 34.75 -22.75 -16.27
C PHE D 36 33.86 -24.00 -16.38
N ILE D 37 33.04 -24.24 -15.36
CA ILE D 37 32.09 -25.36 -15.35
C ILE D 37 30.83 -24.99 -16.12
N ILE D 38 30.37 -25.91 -16.98
CA ILE D 38 29.04 -25.86 -17.56
C ILE D 38 28.13 -26.85 -16.86
N LEU D 39 26.92 -26.43 -16.50
CA LEU D 39 25.86 -27.29 -16.01
C LEU D 39 24.79 -27.47 -17.09
N VAL D 40 24.33 -28.71 -17.25
CA VAL D 40 23.46 -29.15 -18.35
C VAL D 40 22.43 -30.16 -17.84
N GLY D 41 21.27 -30.23 -18.47
CA GLY D 41 20.23 -31.23 -18.17
C GLY D 41 18.85 -30.81 -18.66
N PRO D 42 17.81 -31.61 -18.39
CA PRO D 42 16.42 -31.23 -18.68
C PRO D 42 15.96 -30.02 -17.86
N SER D 43 14.97 -29.28 -18.33
CA SER D 43 14.26 -28.29 -17.51
C SER D 43 13.57 -28.94 -16.31
N GLY D 44 13.59 -28.25 -15.17
CA GLY D 44 13.03 -28.71 -13.89
C GLY D 44 13.88 -29.72 -13.11
N CYS D 45 15.09 -30.06 -13.56
CA CYS D 45 15.97 -31.02 -12.89
C CYS D 45 16.68 -30.49 -11.62
N GLY D 46 16.62 -29.18 -11.32
CA GLY D 46 17.24 -28.54 -10.16
C GLY D 46 18.40 -27.59 -10.48
N LYS D 47 18.64 -27.16 -11.72
CA LYS D 47 19.84 -26.38 -12.06
C LYS D 47 19.81 -25.03 -11.36
N SER D 48 18.74 -24.26 -11.57
CA SER D 48 18.62 -22.96 -10.88
C SER D 48 18.61 -23.21 -9.37
N THR D 49 17.89 -24.25 -8.94
CA THR D 49 17.89 -24.62 -7.52
C THR D 49 19.30 -24.78 -6.97
N THR D 50 20.20 -25.35 -7.75
CA THR D 50 21.62 -25.50 -7.39
C THR D 50 22.30 -24.14 -7.32
N LEU D 51 22.09 -23.27 -8.32
CA LEU D 51 22.65 -21.92 -8.30
C LEU D 51 22.10 -21.10 -7.14
N ASN D 52 20.82 -21.24 -6.80
CA ASN D 52 20.24 -20.58 -5.64
C ASN D 52 20.88 -21.07 -4.34
N MET D 53 21.27 -22.34 -4.24
CA MET D 53 22.01 -22.84 -3.07
C MET D 53 23.43 -22.31 -3.00
N ILE D 54 24.12 -22.19 -4.14
CA ILE D 54 25.45 -21.58 -4.18
C ILE D 54 25.35 -20.09 -3.80
N ALA D 55 24.38 -19.37 -4.36
CA ALA D 55 24.15 -17.95 -4.10
C ALA D 55 23.69 -17.67 -2.67
N GLY D 56 23.12 -18.66 -1.98
CA GLY D 56 22.51 -18.52 -0.66
C GLY D 56 21.04 -18.07 -0.68
N LEU D 57 20.49 -17.80 -1.86
CA LEU D 57 19.10 -17.39 -2.04
C LEU D 57 18.10 -18.51 -1.70
N GLU D 58 18.53 -19.77 -1.73
CA GLU D 58 17.77 -20.91 -1.21
C GLU D 58 18.52 -21.59 -0.06
N GLU D 59 17.87 -21.79 1.09
CA GLU D 59 18.46 -22.51 2.21
C GLU D 59 18.62 -24.00 1.90
N ILE D 60 19.83 -24.55 2.08
CA ILE D 60 20.15 -25.96 1.90
C ILE D 60 19.40 -26.82 2.94
N THR D 61 18.67 -27.86 2.52
CA THR D 61 17.97 -28.74 3.47
C THR D 61 18.89 -29.73 4.19
N SER D 62 19.97 -30.18 3.55
CA SER D 62 21.05 -30.97 4.17
C SER D 62 22.32 -30.94 3.32
N GLY D 63 23.46 -31.30 3.90
CA GLY D 63 24.78 -31.23 3.25
C GLY D 63 25.54 -29.93 3.54
N GLU D 64 26.71 -29.79 2.92
CA GLU D 64 27.71 -28.78 3.28
C GLU D 64 28.28 -28.07 2.06
N LEU D 65 28.55 -26.76 2.20
CA LEU D 65 29.09 -25.90 1.16
C LEU D 65 30.30 -25.15 1.70
N ARG D 66 31.37 -25.19 0.88
CA ARG D 66 32.63 -24.53 1.28
C ARG D 66 33.20 -23.69 0.13
N ILE D 67 33.85 -22.58 0.47
CA ILE D 67 34.51 -21.66 -0.46
C ILE D 67 35.93 -21.42 0.06
N GLY D 68 36.94 -21.54 -0.80
CA GLY D 68 38.33 -21.20 -0.47
C GLY D 68 38.95 -21.97 0.71
N GLY D 69 38.29 -23.02 1.22
CA GLY D 69 38.68 -23.76 2.43
C GLY D 69 37.88 -23.44 3.70
N GLU D 70 36.84 -22.59 3.64
CA GLU D 70 35.98 -22.27 4.78
C GLU D 70 34.49 -22.53 4.47
N ARG D 71 33.73 -22.96 5.49
CA ARG D 71 32.31 -23.31 5.37
C ARG D 71 31.46 -22.04 5.25
N VAL D 72 30.46 -22.06 4.37
CA VAL D 72 29.63 -20.88 4.07
C VAL D 72 28.13 -21.11 4.20
N ASN D 73 27.67 -22.30 4.61
CA ASN D 73 26.24 -22.67 4.72
C ASN D 73 25.33 -21.52 5.23
N GLU D 74 25.70 -20.88 6.34
CA GLU D 74 24.89 -19.83 6.98
C GLU D 74 25.20 -18.39 6.54
N LYS D 75 26.26 -18.15 5.77
CA LYS D 75 26.69 -16.80 5.38
C LYS D 75 25.78 -16.18 4.31
N ALA D 76 25.39 -14.93 4.49
CA ALA D 76 24.46 -14.21 3.61
C ALA D 76 25.06 -13.90 2.22
N PRO D 77 24.26 -13.72 1.16
CA PRO D 77 24.77 -13.60 -0.20
C PRO D 77 25.78 -12.46 -0.41
N LYS D 78 25.59 -11.33 0.26
CA LYS D 78 26.55 -10.20 0.26
C LYS D 78 27.93 -10.66 0.74
N ASP D 79 27.97 -11.46 1.80
CA ASP D 79 29.21 -11.98 2.39
C ASP D 79 29.87 -13.05 1.52
N ARG D 80 29.10 -13.80 0.73
CA ARG D 80 29.64 -14.79 -0.22
C ARG D 80 30.35 -14.12 -1.41
N ASP D 81 30.06 -12.86 -1.72
CA ASP D 81 30.81 -12.03 -2.68
C ASP D 81 30.90 -12.62 -4.11
N ILE D 82 29.76 -13.09 -4.61
CA ILE D 82 29.56 -13.77 -5.90
C ILE D 82 28.56 -13.01 -6.75
N ALA D 83 28.70 -13.06 -8.08
CA ALA D 83 27.82 -12.35 -9.01
C ALA D 83 27.01 -13.32 -9.86
N MET D 84 25.73 -13.04 -10.03
CA MET D 84 24.77 -13.96 -10.63
C MET D 84 23.92 -13.28 -11.69
N VAL D 85 23.70 -13.94 -12.82
CA VAL D 85 22.65 -13.55 -13.78
C VAL D 85 21.43 -14.45 -13.59
N PHE D 86 20.31 -13.85 -13.22
CA PHE D 86 19.05 -14.52 -12.92
C PHE D 86 18.36 -15.04 -14.18
N GLN D 87 17.68 -16.17 -14.07
CA GLN D 87 16.97 -16.74 -15.22
C GLN D 87 15.95 -15.77 -15.85
N SER D 88 15.27 -14.99 -15.02
CA SER D 88 14.26 -14.03 -15.45
C SER D 88 14.83 -12.70 -15.97
N TYR D 89 16.16 -12.50 -15.92
CA TYR D 89 16.81 -11.20 -16.13
C TYR D 89 16.08 -10.05 -15.41
N ALA D 90 15.91 -10.20 -14.09
CA ALA D 90 15.28 -9.22 -13.23
C ALA D 90 16.02 -7.88 -13.27
N LEU D 91 15.32 -6.83 -13.70
CA LEU D 91 15.90 -5.50 -13.78
C LEU D 91 15.04 -4.42 -13.11
N TYR D 92 15.66 -3.55 -12.38
CA TYR D 92 14.85 -2.58 -11.78
C TYR D 92 14.23 -1.67 -12.80
N PRO D 93 13.08 -1.10 -12.38
CA PRO D 93 12.54 0.17 -12.82
C PRO D 93 13.33 1.33 -12.18
N HIS D 94 12.82 2.56 -12.24
CA HIS D 94 13.35 3.72 -11.49
C HIS D 94 14.82 4.09 -11.71
N MET D 95 15.52 3.47 -12.67
CA MET D 95 16.94 3.64 -12.89
C MET D 95 17.28 3.37 -14.35
N THR D 96 17.70 4.42 -15.07
CA THR D 96 18.08 4.29 -16.48
C THR D 96 19.35 3.45 -16.65
N VAL D 97 19.54 2.87 -17.84
CA VAL D 97 20.56 1.82 -18.07
C VAL D 97 21.97 2.12 -17.55
N ARG D 98 22.47 3.34 -17.76
CA ARG D 98 23.79 3.69 -17.19
C ARG D 98 23.84 3.33 -15.70
N GLN D 99 22.99 3.96 -14.88
CA GLN D 99 22.99 3.75 -13.43
C GLN D 99 22.49 2.37 -13.04
N ASN D 100 21.67 1.72 -13.88
CA ASN D 100 21.24 0.34 -13.69
C ASN D 100 22.45 -0.61 -13.73
N ILE D 101 23.38 -0.42 -14.68
CA ILE D 101 24.64 -1.17 -14.74
C ILE D 101 25.55 -0.78 -13.57
N ALA D 102 25.67 0.52 -13.25
CA ALA D 102 26.61 0.99 -12.23
C ALA D 102 26.30 0.48 -10.81
N PHE D 103 25.05 0.07 -10.54
CA PHE D 103 24.56 -0.18 -9.19
C PHE D 103 25.51 -0.99 -8.28
N PRO D 104 26.03 -2.18 -8.66
CA PRO D 104 26.89 -2.94 -7.78
C PRO D 104 28.21 -2.23 -7.47
N LEU D 105 28.75 -1.46 -8.41
CA LEU D 105 29.96 -0.68 -8.21
C LEU D 105 29.70 0.42 -7.17
N THR D 106 28.53 1.05 -7.20
CA THR D 106 28.19 2.06 -6.19
C THR D 106 28.04 1.43 -4.81
N LEU D 107 27.53 0.21 -4.72
CA LEU D 107 27.48 -0.55 -3.46
C LEU D 107 28.89 -0.94 -2.98
N ALA D 108 29.82 -1.18 -3.90
CA ALA D 108 31.25 -1.33 -3.58
C ALA D 108 31.96 0.00 -3.24
N LYS D 109 31.28 1.14 -3.40
CA LYS D 109 31.78 2.50 -3.14
C LYS D 109 33.08 2.83 -3.88
N VAL D 110 33.17 2.44 -5.15
CA VAL D 110 34.28 2.86 -6.04
C VAL D 110 34.26 4.38 -6.30
N PRO D 111 35.39 5.00 -6.69
CA PRO D 111 35.43 6.39 -7.12
C PRO D 111 34.54 6.62 -8.37
N LYS D 112 33.66 7.64 -8.34
CA LYS D 112 32.58 7.80 -9.33
C LYS D 112 33.05 7.86 -10.79
N ALA D 113 34.18 8.51 -11.05
CA ALA D 113 34.78 8.57 -12.38
C ALA D 113 35.18 7.18 -12.90
N GLU D 114 35.77 6.36 -12.04
CA GLU D 114 36.22 5.01 -12.38
C GLU D 114 35.02 4.08 -12.62
N ILE D 115 33.95 4.22 -11.83
CA ILE D 115 32.69 3.54 -12.10
C ILE D 115 32.16 3.91 -13.50
N ALA D 116 32.07 5.20 -13.82
CA ALA D 116 31.57 5.63 -15.13
C ALA D 116 32.41 5.11 -16.30
N ALA D 117 33.74 5.12 -16.17
CA ALA D 117 34.63 4.59 -17.20
C ALA D 117 34.41 3.09 -17.43
N LYS D 118 34.30 2.30 -16.36
CA LYS D 118 34.02 0.86 -16.43
C LYS D 118 32.67 0.57 -17.08
N VAL D 119 31.66 1.38 -16.80
CA VAL D 119 30.34 1.24 -17.43
C VAL D 119 30.44 1.44 -18.94
N GLU D 120 31.10 2.51 -19.38
CA GLU D 120 31.15 2.85 -20.81
C GLU D 120 32.16 2.02 -21.60
N GLU D 121 33.12 1.37 -20.95
CA GLU D 121 33.84 0.23 -21.51
C GLU D 121 32.88 -0.94 -21.75
N THR D 122 32.25 -1.43 -20.69
CA THR D 122 31.47 -2.67 -20.77
C THR D 122 30.19 -2.52 -21.59
N ALA D 123 29.66 -1.32 -21.76
CA ALA D 123 28.60 -1.02 -22.72
C ALA D 123 28.99 -1.43 -24.15
N LYS D 124 30.24 -1.16 -24.56
CA LYS D 124 30.78 -1.63 -25.84
C LYS D 124 30.98 -3.15 -25.83
N ILE D 125 31.59 -3.73 -24.79
CA ILE D 125 31.92 -5.18 -24.82
C ILE D 125 30.69 -6.09 -24.75
N LEU D 126 29.57 -5.60 -24.23
CA LEU D 126 28.26 -6.28 -24.28
C LEU D 126 27.41 -5.92 -25.51
N ASP D 127 27.93 -5.13 -26.47
CA ASP D 127 27.22 -4.61 -27.65
C ASP D 127 25.87 -3.95 -27.31
N LEU D 128 25.77 -3.27 -26.17
CA LEU D 128 24.55 -2.60 -25.71
C LEU D 128 24.32 -1.22 -26.35
N SER D 129 25.04 -0.89 -27.43
CA SER D 129 25.28 0.48 -27.92
C SER D 129 26.02 1.33 -26.86
N GLU D 130 25.87 2.66 -26.89
CA GLU D 130 26.23 3.52 -25.76
C GLU D 130 25.44 3.17 -24.49
N LEU D 131 25.79 3.75 -23.34
CA LEU D 131 25.07 3.58 -22.08
C LEU D 131 23.60 4.07 -22.09
N LEU D 132 23.15 4.67 -23.20
CA LEU D 132 21.76 4.86 -23.68
C LEU D 132 20.80 5.72 -22.86
N ASP D 133 20.93 5.76 -21.53
CA ASP D 133 20.08 6.51 -20.60
C ASP D 133 18.56 6.25 -20.71
N ARG D 134 18.20 5.01 -21.11
CA ARG D 134 16.75 4.66 -21.25
C ARG D 134 16.29 3.76 -20.10
N LYS D 135 15.04 3.91 -19.66
CA LYS D 135 14.46 3.02 -18.62
C LYS D 135 14.18 1.64 -19.21
N PRO D 136 14.31 0.53 -18.45
CA PRO D 136 14.15 -0.83 -18.98
C PRO D 136 12.82 -1.11 -19.69
N GLY D 137 11.74 -0.41 -19.32
CA GLY D 137 10.46 -0.53 -20.00
C GLY D 137 10.52 -0.28 -21.52
N GLN D 138 11.49 0.50 -21.99
CA GLN D 138 11.65 0.81 -23.42
C GLN D 138 12.37 -0.28 -24.23
N LEU D 139 12.93 -1.30 -23.58
CA LEU D 139 13.90 -2.21 -24.19
C LEU D 139 13.29 -3.59 -24.52
N SER D 140 13.66 -4.17 -25.66
CA SER D 140 13.23 -5.50 -26.07
C SER D 140 13.72 -6.60 -25.11
N GLY D 141 13.16 -7.81 -25.14
CA GLY D 141 13.71 -8.94 -24.37
C GLY D 141 15.18 -9.23 -24.67
N GLY D 142 15.58 -9.21 -25.95
CA GLY D 142 16.97 -9.32 -26.37
C GLY D 142 17.86 -8.12 -26.00
N GLN D 143 17.30 -6.98 -25.63
CA GLN D 143 18.05 -5.88 -25.03
C GLN D 143 18.13 -6.01 -23.51
N ARG D 144 17.03 -6.34 -22.83
CA ARG D 144 17.00 -6.48 -21.37
C ARG D 144 17.98 -7.53 -20.87
N GLN D 145 18.10 -8.68 -21.53
CA GLN D 145 19.07 -9.69 -21.11
C GLN D 145 20.51 -9.17 -21.16
N ARG D 146 20.79 -8.25 -22.09
CA ARG D 146 22.12 -7.61 -22.14
C ARG D 146 22.30 -6.75 -20.88
N VAL D 147 21.31 -5.90 -20.57
CA VAL D 147 21.43 -5.01 -19.41
C VAL D 147 21.67 -5.84 -18.15
N ALA D 148 21.00 -6.98 -18.02
CA ALA D 148 21.23 -7.90 -16.91
C ALA D 148 22.67 -8.44 -16.91
N MET D 149 23.22 -8.83 -18.07
CA MET D 149 24.63 -9.20 -18.17
C MET D 149 25.56 -8.09 -17.67
N GLY D 150 25.28 -6.83 -18.01
CA GLY D 150 26.11 -5.68 -17.62
C GLY D 150 26.37 -5.61 -16.12
N ARG D 151 25.32 -5.81 -15.31
CA ARG D 151 25.51 -5.80 -13.84
C ARG D 151 26.56 -6.85 -13.42
N ALA D 152 26.48 -8.08 -13.97
CA ALA D 152 27.40 -9.14 -13.58
C ALA D 152 28.82 -8.92 -14.12
N ILE D 153 28.94 -8.51 -15.38
CA ILE D 153 30.22 -8.30 -16.09
C ILE D 153 31.15 -7.31 -15.36
N VAL D 154 30.63 -6.24 -14.76
CA VAL D 154 31.49 -5.17 -14.21
C VAL D 154 32.20 -5.53 -12.90
N ARG D 155 31.53 -6.25 -11.98
CA ARG D 155 31.99 -6.39 -10.55
C ARG D 155 33.32 -7.08 -10.24
N SER D 156 33.72 -8.13 -10.95
CA SER D 156 34.91 -8.96 -10.63
C SER D 156 34.81 -9.79 -9.32
N PRO D 157 33.84 -10.72 -9.23
CA PRO D 157 33.49 -11.44 -8.00
C PRO D 157 34.50 -12.53 -7.60
N LYS D 158 34.24 -13.23 -6.49
CA LYS D 158 34.89 -14.52 -6.18
C LYS D 158 34.54 -15.62 -7.19
N ALA D 159 33.33 -15.59 -7.74
CA ALA D 159 32.88 -16.49 -8.82
C ALA D 159 31.74 -15.85 -9.64
N PHE D 160 31.61 -16.23 -10.91
CA PHE D 160 30.42 -15.93 -11.72
C PHE D 160 29.47 -17.13 -11.72
N LEU D 161 28.20 -16.89 -11.43
CA LEU D 161 27.11 -17.83 -11.68
C LEU D 161 26.27 -17.29 -12.85
N MET D 162 25.90 -18.08 -13.84
CA MET D 162 25.08 -17.56 -14.94
C MET D 162 24.02 -18.54 -15.37
N ASP D 163 22.75 -18.14 -15.25
CA ASP D 163 21.62 -19.02 -15.67
C ASP D 163 21.15 -18.63 -17.07
N GLN D 164 21.45 -19.45 -18.07
CA GLN D 164 21.05 -19.22 -19.47
C GLN D 164 21.19 -17.75 -19.88
N PRO D 165 22.41 -17.19 -19.73
CA PRO D 165 22.66 -15.76 -19.95
C PRO D 165 22.56 -15.27 -21.41
N LEU D 166 22.67 -16.15 -22.41
CA LEU D 166 22.63 -15.81 -23.84
C LEU D 166 21.32 -16.19 -24.55
N SER D 167 20.37 -16.80 -23.83
CA SER D 167 19.23 -17.51 -24.41
C SER D 167 18.36 -16.65 -25.33
N ASN D 168 18.19 -15.37 -25.03
CA ASN D 168 17.28 -14.48 -25.72
C ASN D 168 17.95 -13.67 -26.85
N LEU D 169 19.23 -13.87 -27.13
CA LEU D 169 19.94 -13.15 -28.20
C LEU D 169 19.86 -13.87 -29.54
N ASP D 170 20.08 -13.14 -30.64
CA ASP D 170 20.21 -13.73 -31.98
C ASP D 170 21.49 -14.58 -32.14
N ALA D 171 21.53 -15.40 -33.20
CA ALA D 171 22.62 -16.34 -33.43
C ALA D 171 24.02 -15.70 -33.48
N LYS D 172 24.15 -14.49 -34.04
CA LYS D 172 25.44 -13.79 -34.07
C LYS D 172 25.80 -13.28 -32.68
N LEU D 173 24.88 -12.62 -32.01
CA LEU D 173 25.13 -12.11 -30.67
C LEU D 173 25.37 -13.22 -29.66
N ARG D 174 24.80 -14.42 -29.85
CA ARG D 174 25.19 -15.60 -29.07
C ARG D 174 26.68 -15.90 -29.21
N VAL D 175 27.20 -16.11 -30.43
CA VAL D 175 28.63 -16.45 -30.60
C VAL D 175 29.56 -15.27 -30.24
N GLN D 176 29.15 -14.03 -30.50
CA GLN D 176 29.98 -12.88 -30.19
C GLN D 176 30.01 -12.57 -28.70
N MET D 177 28.87 -12.62 -27.99
CA MET D 177 28.84 -12.47 -26.55
C MET D 177 29.52 -13.64 -25.83
N ARG D 178 29.42 -14.86 -26.37
CA ARG D 178 30.21 -16.03 -25.92
C ARG D 178 31.72 -15.79 -26.01
N ALA D 179 32.18 -15.10 -27.06
CA ALA D 179 33.57 -14.64 -27.14
C ALA D 179 33.89 -13.60 -26.05
N GLU D 180 33.05 -12.59 -25.88
CA GLU D 180 33.20 -11.59 -24.81
C GLU D 180 33.29 -12.22 -23.41
N ILE D 181 32.43 -13.20 -23.12
CA ILE D 181 32.41 -13.96 -21.86
C ILE D 181 33.73 -14.71 -21.67
N SER D 182 34.09 -15.57 -22.61
CA SER D 182 35.25 -16.45 -22.45
C SER D 182 36.57 -15.67 -22.40
N ARG D 183 36.68 -14.54 -23.11
CA ARG D 183 37.78 -13.59 -22.93
C ARG D 183 37.84 -13.08 -21.49
N LEU D 184 36.75 -12.48 -21.00
CA LEU D 184 36.76 -11.81 -19.70
C LEU D 184 36.95 -12.78 -18.54
N GLN D 185 36.35 -13.97 -18.60
CA GLN D 185 36.49 -14.99 -17.55
C GLN D 185 37.94 -15.41 -17.35
N ASP D 186 38.67 -15.61 -18.45
CA ASP D 186 40.10 -15.94 -18.43
C ASP D 186 40.95 -14.72 -18.01
N ARG D 187 40.64 -13.53 -18.53
CA ARG D 187 41.30 -12.27 -18.15
C ARG D 187 41.23 -12.03 -16.64
N LEU D 188 40.06 -12.23 -16.03
CA LEU D 188 39.87 -12.14 -14.59
C LEU D 188 40.24 -13.42 -13.83
N GLY D 189 40.64 -14.50 -14.51
CA GLY D 189 41.01 -15.78 -13.90
C GLY D 189 39.95 -16.33 -12.94
N THR D 190 38.66 -16.12 -13.23
CA THR D 190 37.58 -16.19 -12.22
C THR D 190 36.77 -17.47 -12.32
N THR D 191 36.64 -18.19 -11.19
CA THR D 191 35.85 -19.43 -11.12
C THR D 191 34.44 -19.20 -11.62
N THR D 192 33.90 -20.09 -12.43
CA THR D 192 32.66 -19.87 -13.15
C THR D 192 31.76 -21.07 -13.16
N VAL D 193 30.48 -20.87 -12.88
CA VAL D 193 29.41 -21.83 -13.11
C VAL D 193 28.46 -21.22 -14.12
N TYR D 194 28.22 -21.90 -15.22
CA TYR D 194 27.38 -21.41 -16.31
C TYR D 194 26.36 -22.50 -16.64
N VAL D 195 25.10 -22.16 -16.82
CA VAL D 195 24.03 -23.14 -17.04
C VAL D 195 23.40 -22.94 -18.41
N THR D 196 23.22 -24.02 -19.18
CA THR D 196 22.57 -23.92 -20.49
C THR D 196 21.88 -25.21 -20.93
N HIS D 197 20.79 -25.09 -21.70
CA HIS D 197 20.20 -26.21 -22.42
C HIS D 197 20.93 -26.51 -23.74
N ASP D 198 21.66 -25.54 -24.29
CA ASP D 198 22.38 -25.69 -25.55
C ASP D 198 23.76 -26.33 -25.35
N GLN D 199 23.84 -27.64 -25.53
CA GLN D 199 25.11 -28.37 -25.42
C GLN D 199 26.17 -27.90 -26.43
N THR D 200 25.83 -27.18 -27.50
CA THR D 200 26.84 -26.61 -28.41
C THR D 200 27.60 -25.44 -27.77
N GLU D 201 27.00 -24.68 -26.85
CA GLU D 201 27.72 -23.73 -26.00
C GLU D 201 28.65 -24.48 -25.04
N ALA D 202 28.11 -25.55 -24.42
CA ALA D 202 28.81 -26.30 -23.39
C ALA D 202 30.16 -26.83 -23.89
N MET D 203 30.15 -27.40 -25.10
CA MET D 203 31.34 -28.01 -25.67
C MET D 203 32.44 -27.01 -26.09
N THR D 204 32.19 -25.70 -26.07
CA THR D 204 33.22 -24.69 -26.39
C THR D 204 33.57 -23.81 -25.18
N LEU D 205 32.62 -23.47 -24.32
CA LEU D 205 32.88 -22.71 -23.10
C LEU D 205 33.52 -23.56 -22.00
N GLY D 206 33.17 -24.85 -21.89
CA GLY D 206 33.53 -25.65 -20.72
C GLY D 206 35.00 -26.03 -20.62
N ASP D 207 35.63 -25.68 -19.49
CA ASP D 207 36.80 -26.43 -19.02
C ASP D 207 36.39 -27.83 -18.58
N ARG D 208 35.20 -27.92 -17.97
CA ARG D 208 34.46 -29.14 -17.67
C ARG D 208 32.97 -28.89 -17.86
N VAL D 209 32.23 -29.97 -18.01
CA VAL D 209 30.79 -30.01 -18.16
C VAL D 209 30.23 -31.03 -17.18
N VAL D 210 29.07 -30.74 -16.61
CA VAL D 210 28.38 -31.57 -15.63
C VAL D 210 26.94 -31.73 -16.08
N VAL D 211 26.40 -32.93 -16.04
CA VAL D 211 25.02 -33.20 -16.49
C VAL D 211 24.19 -33.85 -15.39
N MET D 212 22.95 -33.41 -15.23
CA MET D 212 22.07 -33.78 -14.12
C MET D 212 20.71 -34.30 -14.61
N LEU D 213 20.10 -35.21 -13.86
CA LEU D 213 18.73 -35.68 -14.06
C LEU D 213 18.03 -35.87 -12.70
N ALA D 214 16.77 -35.47 -12.57
CA ALA D 214 15.94 -35.68 -11.37
C ALA D 214 16.63 -35.31 -10.03
N GLY D 215 17.41 -34.22 -10.03
CA GLY D 215 18.16 -33.74 -8.87
C GLY D 215 19.51 -34.41 -8.61
N GLU D 216 20.00 -35.32 -9.48
CA GLU D 216 21.25 -36.05 -9.31
C GLU D 216 22.18 -35.92 -10.53
N VAL D 217 23.48 -35.67 -10.29
CA VAL D 217 24.51 -35.71 -11.34
C VAL D 217 24.64 -37.10 -11.98
N GLN D 218 24.82 -37.16 -13.30
CA GLN D 218 24.96 -38.39 -14.07
C GLN D 218 26.35 -38.55 -14.71
N GLN D 219 27.03 -37.47 -15.13
CA GLN D 219 28.43 -37.51 -15.58
C GLN D 219 29.13 -36.16 -15.40
N ILE D 220 30.46 -36.17 -15.31
CA ILE D 220 31.34 -35.00 -15.24
C ILE D 220 32.54 -35.23 -16.15
N GLY D 221 33.00 -34.24 -16.91
CA GLY D 221 34.23 -34.37 -17.70
C GLY D 221 34.53 -33.18 -18.59
N THR D 222 35.55 -33.26 -19.42
CA THR D 222 35.68 -32.35 -20.58
C THR D 222 34.63 -32.71 -21.64
N PRO D 223 34.30 -31.81 -22.59
CA PRO D 223 33.32 -32.12 -23.63
C PRO D 223 33.68 -33.35 -24.48
N ASP D 224 34.97 -33.49 -24.81
CA ASP D 224 35.48 -34.68 -25.49
C ASP D 224 35.33 -35.95 -24.65
N GLU D 225 35.53 -35.88 -23.33
CA GLU D 225 35.28 -37.00 -22.41
C GLU D 225 33.82 -37.43 -22.47
N LEU D 226 32.88 -36.48 -22.34
CA LEU D 226 31.45 -36.78 -22.43
C LEU D 226 31.10 -37.45 -23.76
N TYR D 227 31.48 -36.84 -24.88
CA TYR D 227 31.09 -37.30 -26.21
C TYR D 227 31.72 -38.65 -26.59
N SER D 228 32.99 -38.86 -26.25
CA SER D 228 33.68 -40.13 -26.49
C SER D 228 33.21 -41.25 -25.55
N SER D 229 32.80 -40.93 -24.32
CA SER D 229 32.61 -41.93 -23.26
C SER D 229 31.38 -41.67 -22.38
N PRO D 230 30.15 -41.67 -22.95
CA PRO D 230 28.94 -41.48 -22.17
C PRO D 230 28.73 -42.63 -21.18
N ALA D 231 28.55 -42.32 -19.89
CA ALA D 231 28.43 -43.29 -18.79
C ALA D 231 27.08 -44.02 -18.73
N ASN D 232 26.04 -43.50 -19.39
CA ASN D 232 24.70 -44.08 -19.41
C ASN D 232 23.92 -43.72 -20.67
N LEU D 233 22.89 -44.49 -20.99
CA LEU D 233 22.03 -44.28 -22.16
C LEU D 233 21.39 -42.88 -22.20
N PHE D 234 21.05 -42.33 -21.04
CA PHE D 234 20.54 -40.96 -20.91
C PHE D 234 21.52 -39.93 -21.48
N VAL D 235 22.76 -39.89 -20.99
CA VAL D 235 23.78 -38.94 -21.45
C VAL D 235 24.21 -39.22 -22.90
N ALA D 236 24.27 -40.50 -23.30
CA ALA D 236 24.52 -40.85 -24.69
C ALA D 236 23.44 -40.30 -25.64
N GLY D 237 22.18 -40.26 -25.21
CA GLY D 237 21.08 -39.62 -25.95
C GLY D 237 21.05 -38.08 -25.82
N PHE D 238 21.48 -37.52 -24.69
CA PHE D 238 21.38 -36.09 -24.42
C PHE D 238 22.34 -35.26 -25.28
N ILE D 239 23.59 -35.69 -25.40
CA ILE D 239 24.67 -34.96 -26.09
C ILE D 239 24.71 -35.26 -27.60
N GLY D 240 25.25 -34.31 -28.38
CA GLY D 240 25.29 -34.40 -29.84
C GLY D 240 23.94 -34.06 -30.52
N SER D 241 23.99 -33.83 -31.84
CA SER D 241 22.82 -33.43 -32.65
C SER D 241 22.98 -33.81 -34.14
N PRO D 242 22.09 -34.65 -34.72
CA PRO D 242 21.06 -35.44 -34.05
C PRO D 242 21.61 -36.39 -32.97
N ALA D 243 20.74 -36.86 -32.08
CA ALA D 243 21.10 -37.78 -31.01
C ALA D 243 21.63 -39.12 -31.54
N MET D 244 22.42 -39.83 -30.72
CA MET D 244 22.99 -41.15 -31.05
C MET D 244 21.90 -42.15 -31.50
N ASN D 245 22.17 -42.93 -32.54
CA ASN D 245 21.30 -44.04 -32.95
C ASN D 245 21.55 -45.25 -32.04
N PHE D 246 20.51 -46.00 -31.66
CA PHE D 246 20.63 -47.16 -30.78
C PHE D 246 19.86 -48.37 -31.29
N PHE D 247 20.41 -49.57 -31.09
CA PHE D 247 19.76 -50.84 -31.43
C PHE D 247 19.91 -51.89 -30.31
N PRO D 248 18.84 -52.61 -29.95
CA PRO D 248 18.93 -53.78 -29.09
C PRO D 248 19.59 -54.94 -29.84
N ALA D 249 20.47 -55.70 -29.18
CA ALA D 249 21.25 -56.76 -29.82
C ALA D 249 21.69 -57.87 -28.85
N THR D 250 22.08 -59.02 -29.39
CA THR D 250 22.57 -60.17 -28.62
C THR D 250 24.10 -60.28 -28.77
N ARG D 251 24.80 -60.33 -27.63
CA ARG D 251 26.23 -60.64 -27.56
C ARG D 251 26.57 -61.90 -28.35
N THR D 252 27.71 -61.89 -29.03
CA THR D 252 28.30 -63.04 -29.71
C THR D 252 29.70 -63.26 -29.17
N ASP D 253 30.22 -64.50 -29.10
CA ASP D 253 31.53 -64.76 -28.51
C ASP D 253 32.70 -64.02 -29.20
N VAL D 254 32.51 -63.63 -30.47
CA VAL D 254 33.43 -62.79 -31.27
C VAL D 254 32.95 -61.36 -31.50
N GLY D 255 31.81 -60.95 -30.91
CA GLY D 255 31.18 -59.69 -31.28
C GLY D 255 29.74 -59.51 -30.79
N VAL D 256 28.85 -59.15 -31.70
CA VAL D 256 27.45 -58.86 -31.41
C VAL D 256 26.58 -59.09 -32.65
N ARG D 257 25.51 -59.86 -32.37
CA ARG D 257 24.50 -60.20 -33.41
C ARG D 257 23.32 -59.23 -33.31
N LEU D 258 23.30 -58.21 -34.16
CA LEU D 258 22.27 -57.16 -34.30
C LEU D 258 21.09 -57.66 -35.15
N PRO D 259 19.97 -56.91 -35.24
CA PRO D 259 18.85 -57.27 -36.12
C PRO D 259 19.20 -57.27 -37.63
N PHE D 260 20.20 -56.49 -38.07
CA PHE D 260 20.63 -56.46 -39.49
C PHE D 260 21.82 -57.37 -39.83
N GLY D 261 22.55 -57.91 -38.84
CA GLY D 261 23.74 -58.75 -39.07
C GLY D 261 24.61 -58.94 -37.83
N GLU D 262 25.80 -59.48 -38.00
CA GLU D 262 26.82 -59.60 -36.96
C GLU D 262 27.90 -58.54 -37.15
N VAL D 263 28.26 -57.83 -36.07
CA VAL D 263 29.48 -57.02 -36.02
C VAL D 263 30.47 -57.69 -35.08
N THR D 264 31.62 -58.08 -35.61
CA THR D 264 32.76 -58.52 -34.78
C THR D 264 33.27 -57.35 -33.95
N LEU D 265 33.39 -57.55 -32.64
CA LEU D 265 33.89 -56.54 -31.72
C LEU D 265 35.42 -56.49 -31.80
N THR D 266 36.02 -55.29 -31.73
CA THR D 266 37.48 -55.13 -31.81
C THR D 266 38.15 -55.91 -30.66
N PRO D 267 39.20 -56.72 -30.90
CA PRO D 267 39.69 -57.69 -29.92
C PRO D 267 39.95 -57.16 -28.52
N HIS D 268 40.54 -55.97 -28.38
CA HIS D 268 40.80 -55.35 -27.07
C HIS D 268 39.51 -55.08 -26.30
N MET D 269 38.48 -54.58 -26.98
CA MET D 269 37.17 -54.33 -26.39
C MET D 269 36.40 -55.63 -26.15
N LEU D 270 36.60 -56.64 -27.01
CA LEU D 270 36.06 -57.98 -26.78
C LEU D 270 36.67 -58.62 -25.52
N ASP D 271 37.96 -58.40 -25.25
CA ASP D 271 38.59 -58.78 -23.99
C ASP D 271 38.01 -58.02 -22.79
N LEU D 272 37.67 -56.74 -22.93
CA LEU D 272 36.93 -55.99 -21.90
C LEU D 272 35.52 -56.57 -21.68
N LEU D 273 34.80 -56.98 -22.74
CA LEU D 273 33.52 -57.69 -22.60
C LEU D 273 33.70 -59.08 -21.99
N ASP D 274 34.87 -59.71 -22.14
CA ASP D 274 35.25 -60.94 -21.44
C ASP D 274 35.52 -60.72 -19.95
N LYS D 275 36.14 -59.59 -19.59
CA LYS D 275 36.37 -59.17 -18.18
C LYS D 275 35.08 -58.74 -17.49
N GLN D 276 34.16 -58.12 -18.22
CA GLN D 276 32.87 -57.62 -17.71
C GLN D 276 31.88 -58.72 -17.32
N ALA D 277 30.97 -58.41 -16.40
CA ALA D 277 29.80 -59.26 -16.11
C ALA D 277 28.76 -59.18 -17.24
N ARG D 278 28.19 -60.34 -17.63
CA ARG D 278 27.23 -60.44 -18.75
C ARG D 278 25.84 -59.90 -18.35
N PRO D 279 25.23 -58.97 -19.12
CA PRO D 279 23.80 -58.70 -19.05
C PRO D 279 23.01 -59.76 -19.86
N GLU D 280 21.71 -59.91 -19.61
CA GLU D 280 20.85 -60.85 -20.38
C GLU D 280 20.49 -60.34 -21.78
N ASN D 281 20.59 -59.03 -22.01
CA ASN D 281 20.48 -58.35 -23.30
C ASN D 281 21.39 -57.10 -23.30
N ILE D 282 21.77 -56.59 -24.46
CA ILE D 282 22.55 -55.35 -24.58
C ILE D 282 21.98 -54.41 -25.65
N ILE D 283 22.25 -53.11 -25.51
CA ILE D 283 21.96 -52.08 -26.51
C ILE D 283 23.28 -51.58 -27.08
N VAL D 284 23.42 -51.42 -28.39
CA VAL D 284 24.53 -50.67 -29.00
C VAL D 284 24.10 -49.23 -29.27
N GLY D 285 25.03 -48.29 -29.17
CA GLY D 285 24.88 -46.91 -29.60
C GLY D 285 25.93 -46.55 -30.65
N ILE D 286 25.49 -45.94 -31.75
CA ILE D 286 26.30 -45.55 -32.91
C ILE D 286 25.94 -44.12 -33.33
N ARG D 287 26.93 -43.28 -33.62
CA ARG D 287 26.67 -41.93 -34.11
C ARG D 287 26.00 -41.99 -35.49
N PRO D 288 24.92 -41.22 -35.77
CA PRO D 288 24.32 -41.19 -37.11
C PRO D 288 25.31 -40.80 -38.21
N GLU D 289 26.32 -39.98 -37.88
CA GLU D 289 27.42 -39.61 -38.79
C GLU D 289 28.46 -40.72 -39.00
N HIS D 290 28.53 -41.68 -38.07
CA HIS D 290 29.23 -42.94 -38.23
C HIS D 290 28.45 -43.99 -39.05
N ILE D 291 27.27 -43.63 -39.58
CA ILE D 291 26.52 -44.39 -40.59
C ILE D 291 26.71 -43.69 -41.94
N GLU D 292 27.16 -44.41 -42.98
CA GLU D 292 27.59 -43.83 -44.27
C GLU D 292 27.18 -44.70 -45.46
N ASP D 293 27.19 -44.14 -46.67
CA ASP D 293 27.06 -44.91 -47.91
C ASP D 293 28.29 -45.81 -48.13
N SER D 294 28.06 -47.11 -48.33
CA SER D 294 29.11 -48.11 -48.57
C SER D 294 30.05 -47.72 -49.73
N ALA D 295 29.54 -47.03 -50.75
CA ALA D 295 30.33 -46.61 -51.92
C ALA D 295 31.30 -45.44 -51.61
N LEU D 296 31.05 -44.67 -50.55
CA LEU D 296 31.85 -43.51 -50.17
C LEU D 296 33.02 -43.87 -49.23
N LEU D 297 33.02 -45.07 -48.63
CA LEU D 297 34.20 -45.61 -47.91
C LEU D 297 35.35 -45.91 -48.88
N ASP D 298 36.59 -45.68 -48.45
CA ASP D 298 37.77 -46.31 -49.07
C ASP D 298 37.96 -47.75 -48.56
N GLY D 299 38.74 -48.56 -49.29
CA GLY D 299 38.97 -49.96 -48.93
C GLY D 299 39.52 -50.14 -47.51
N TYR D 300 40.41 -49.25 -47.07
CA TYR D 300 40.98 -49.27 -45.72
C TYR D 300 39.99 -48.95 -44.58
N ALA D 301 38.80 -48.42 -44.88
CA ALA D 301 37.64 -48.44 -43.98
C ALA D 301 36.74 -49.67 -44.23
N ARG D 302 36.52 -50.03 -45.50
CA ARG D 302 35.69 -51.16 -45.91
C ARG D 302 36.14 -52.54 -45.36
N ILE D 303 37.45 -52.72 -45.07
CA ILE D 303 38.00 -53.92 -44.40
C ILE D 303 37.55 -54.08 -42.93
N ARG D 304 37.07 -53.00 -42.30
CA ARG D 304 36.62 -53.07 -40.88
C ARG D 304 35.11 -52.84 -40.84
N ALA D 305 34.61 -51.81 -41.53
CA ALA D 305 33.19 -51.52 -41.58
C ALA D 305 32.35 -52.78 -41.84
N LEU D 306 31.11 -52.79 -41.34
CA LEU D 306 30.07 -53.71 -41.79
C LEU D 306 29.11 -52.95 -42.72
N THR D 307 28.41 -53.67 -43.59
CA THR D 307 27.52 -53.10 -44.62
C THR D 307 26.17 -53.84 -44.69
N PHE D 308 25.13 -53.10 -45.03
CA PHE D 308 23.72 -53.52 -44.94
C PHE D 308 22.85 -52.61 -45.83
N SER D 309 21.60 -52.95 -46.10
CA SER D 309 20.73 -52.11 -46.95
C SER D 309 19.36 -51.82 -46.34
N VAL D 310 18.87 -50.60 -46.59
CA VAL D 310 17.63 -50.04 -46.02
C VAL D 310 16.94 -49.14 -47.06
N ARG D 311 15.62 -49.09 -47.02
CA ARG D 311 14.85 -48.29 -47.97
C ARG D 311 14.80 -46.82 -47.55
N ALA D 312 15.25 -45.94 -48.44
CA ALA D 312 15.24 -44.50 -48.18
C ALA D 312 13.82 -43.96 -48.28
N ASP D 313 13.18 -43.77 -47.13
CA ASP D 313 11.82 -43.25 -47.10
C ASP D 313 11.76 -41.73 -47.24
N ILE D 314 12.50 -41.04 -46.40
CA ILE D 314 12.52 -39.57 -46.43
C ILE D 314 13.98 -39.08 -46.33
N VAL D 315 14.27 -37.85 -46.79
CA VAL D 315 15.54 -37.16 -46.51
C VAL D 315 15.29 -35.70 -46.13
N GLU D 316 16.24 -35.10 -45.41
CA GLU D 316 16.32 -33.65 -45.14
C GLU D 316 17.79 -33.21 -45.15
N SER D 317 18.11 -31.96 -45.48
CA SER D 317 19.46 -31.53 -45.85
C SER D 317 20.02 -30.35 -45.04
N LEU D 318 21.35 -30.30 -44.93
CA LEU D 318 22.11 -29.18 -44.35
C LEU D 318 23.37 -28.79 -45.16
N GLY D 319 23.39 -29.15 -46.46
CA GLY D 319 24.44 -28.79 -47.43
C GLY D 319 25.63 -29.75 -47.42
N ALA D 320 26.41 -29.74 -46.35
CA ALA D 320 27.51 -30.69 -46.13
C ALA D 320 27.05 -32.12 -45.79
N ASP D 321 25.75 -32.34 -45.60
CA ASP D 321 25.20 -33.57 -45.03
C ASP D 321 23.70 -33.72 -45.32
N LYS D 322 23.14 -34.94 -45.20
CA LYS D 322 21.69 -35.19 -45.21
C LYS D 322 21.27 -36.15 -44.10
N TYR D 323 20.11 -35.85 -43.48
CA TYR D 323 19.53 -36.71 -42.44
C TYR D 323 18.59 -37.76 -43.06
N VAL D 324 19.13 -38.77 -43.73
CA VAL D 324 18.36 -39.85 -44.33
C VAL D 324 17.48 -40.47 -43.26
N HIS D 325 16.17 -40.49 -43.49
CA HIS D 325 15.17 -41.01 -42.57
C HIS D 325 14.63 -42.34 -43.08
N PHE D 326 14.62 -43.32 -42.18
CA PHE D 326 14.20 -44.68 -42.44
C PHE D 326 13.47 -45.28 -41.22
N THR D 327 12.95 -46.48 -41.37
CA THR D 327 12.27 -47.25 -40.32
C THR D 327 12.40 -48.75 -40.60
N THR D 328 12.40 -49.59 -39.56
CA THR D 328 12.62 -51.05 -39.68
C THR D 328 11.68 -51.83 -38.75
N GLU D 329 11.35 -53.06 -39.15
CA GLU D 329 10.47 -53.99 -38.43
C GLU D 329 11.02 -54.41 -37.05
N GLY D 330 10.11 -54.81 -36.15
CA GLY D 330 10.44 -55.16 -34.76
C GLY D 330 10.62 -53.95 -33.83
N ALA D 331 10.65 -54.19 -32.53
CA ALA D 331 10.71 -53.16 -31.50
C ALA D 331 12.07 -52.41 -31.44
N GLY D 332 12.05 -51.18 -30.94
CA GLY D 332 13.24 -50.41 -30.59
C GLY D 332 13.91 -50.86 -29.28
N ALA D 333 14.95 -50.15 -28.87
CA ALA D 333 15.70 -50.42 -27.63
C ALA D 333 14.83 -50.39 -26.36
N PHE D 352 14.14 -43.43 -37.62
CA PHE D 352 15.56 -43.69 -37.49
C PHE D 352 16.36 -42.90 -38.55
N ILE D 353 17.52 -42.33 -38.16
CA ILE D 353 18.27 -41.37 -38.99
C ILE D 353 19.70 -41.85 -39.26
N ALA D 354 20.17 -41.61 -40.49
CA ALA D 354 21.59 -41.58 -40.85
C ALA D 354 21.97 -40.18 -41.34
N ARG D 355 23.18 -39.74 -41.01
CA ARG D 355 23.72 -38.40 -41.26
C ARG D 355 24.81 -38.53 -42.33
N VAL D 356 24.39 -38.56 -43.60
CA VAL D 356 25.23 -39.03 -44.72
C VAL D 356 25.99 -37.89 -45.40
N SER D 357 27.24 -38.16 -45.79
CA SER D 357 28.23 -37.19 -46.30
C SER D 357 27.77 -36.38 -47.52
N ALA D 358 28.40 -35.22 -47.77
CA ALA D 358 28.09 -34.27 -48.84
C ALA D 358 28.07 -34.88 -50.25
N ASP D 359 28.93 -35.88 -50.51
CA ASP D 359 29.03 -36.57 -51.80
C ASP D 359 27.96 -37.68 -52.01
N SER D 360 27.05 -37.88 -51.05
CA SER D 360 25.98 -38.88 -51.13
C SER D 360 24.93 -38.53 -52.19
N ARG D 361 24.47 -39.55 -52.93
CA ARG D 361 23.61 -39.42 -54.13
C ARG D 361 22.17 -39.90 -53.90
N VAL D 362 21.72 -39.88 -52.64
CA VAL D 362 20.41 -40.37 -52.17
C VAL D 362 19.23 -39.57 -52.73
N ARG D 363 18.13 -40.31 -52.95
CA ARG D 363 16.85 -39.69 -53.37
C ARG D 363 15.76 -40.43 -52.58
N THR D 364 14.58 -39.83 -52.41
CA THR D 364 13.52 -40.44 -51.57
C THR D 364 12.87 -41.68 -52.22
N GLY D 365 12.56 -42.68 -51.39
CA GLY D 365 12.05 -43.99 -51.82
C GLY D 365 13.11 -44.99 -52.29
N GLU D 366 14.38 -44.61 -52.39
CA GLU D 366 15.45 -45.51 -52.87
C GLU D 366 15.85 -46.58 -51.85
N GLN D 367 16.22 -47.78 -52.32
CA GLN D 367 16.94 -48.78 -51.54
C GLN D 367 18.45 -48.46 -51.55
N ILE D 368 19.03 -48.13 -50.41
CA ILE D 368 20.43 -47.67 -50.30
C ILE D 368 21.31 -48.69 -49.57
N GLU D 369 22.56 -48.82 -50.01
CA GLU D 369 23.59 -49.66 -49.39
C GLU D 369 24.40 -48.86 -48.36
N LEU D 370 24.06 -49.02 -47.08
CA LEU D 370 24.72 -48.37 -45.96
C LEU D 370 25.89 -49.19 -45.40
N ALA D 371 26.71 -48.52 -44.62
CA ALA D 371 27.83 -49.04 -43.88
C ALA D 371 27.99 -48.29 -42.55
N ILE D 372 28.73 -48.87 -41.61
CA ILE D 372 29.00 -48.26 -40.30
C ILE D 372 30.48 -48.29 -39.92
N ASP D 373 30.95 -47.25 -39.23
CA ASP D 373 32.19 -47.33 -38.47
C ASP D 373 31.99 -48.18 -37.21
N THR D 374 32.26 -49.47 -37.35
CA THR D 374 32.15 -50.49 -36.30
C THR D 374 33.02 -50.20 -35.08
N THR D 375 34.04 -49.34 -35.18
CA THR D 375 34.85 -48.92 -34.01
C THR D 375 34.09 -48.00 -33.06
N LYS D 376 33.04 -47.32 -33.55
CA LYS D 376 32.22 -46.35 -32.81
C LYS D 376 30.97 -46.96 -32.16
N LEU D 377 30.83 -48.29 -32.15
CA LEU D 377 29.84 -48.95 -31.29
C LEU D 377 30.19 -48.73 -29.82
N SER D 378 29.43 -47.86 -29.17
CA SER D 378 29.24 -47.92 -27.72
C SER D 378 28.24 -49.04 -27.39
N ILE D 379 28.34 -49.67 -26.23
CA ILE D 379 27.45 -50.76 -25.81
C ILE D 379 27.00 -50.52 -24.36
N PHE D 380 25.75 -50.85 -24.04
CA PHE D 380 25.09 -50.60 -22.77
C PHE D 380 24.37 -51.87 -22.27
N ASP D 381 24.30 -52.03 -20.95
CA ASP D 381 23.42 -53.00 -20.29
C ASP D 381 21.95 -52.65 -20.58
N ALA D 382 21.18 -53.56 -21.18
CA ALA D 382 19.78 -53.27 -21.54
C ALA D 382 18.82 -53.21 -20.33
N ALA D 383 19.15 -53.84 -19.21
CA ALA D 383 18.36 -53.76 -17.97
C ALA D 383 18.74 -52.52 -17.13
N THR D 384 20.04 -52.22 -17.04
CA THR D 384 20.55 -51.11 -16.21
C THR D 384 20.63 -49.75 -16.93
N GLY D 385 20.81 -49.72 -18.25
CA GLY D 385 21.13 -48.51 -19.03
C GLY D 385 22.57 -48.00 -18.86
N LEU D 386 23.40 -48.69 -18.08
CA LEU D 386 24.81 -48.37 -17.83
C LEU D 386 25.67 -48.69 -19.05
N ASN D 387 26.62 -47.82 -19.40
CA ASN D 387 27.54 -48.07 -20.50
C ASN D 387 28.65 -49.07 -20.11
N LEU D 388 28.93 -50.01 -21.01
CA LEU D 388 29.93 -51.07 -20.86
C LEU D 388 31.31 -50.65 -21.42
N THR D 389 31.32 -49.77 -22.42
CA THR D 389 32.52 -49.40 -23.20
C THR D 389 33.46 -48.41 -22.49
N ARG D 390 32.87 -47.58 -21.63
CA ARG D 390 33.67 -46.61 -20.83
C ARG D 390 34.58 -47.38 -19.87
N ASP D 391 35.81 -46.91 -19.69
CA ASP D 391 36.79 -47.53 -18.78
C ASP D 391 36.45 -47.28 -17.31
N GLY E 29 -54.19 15.69 18.83
CA GLY E 29 -53.55 15.77 20.15
C GLY E 29 -52.42 16.77 20.16
N ILE E 30 -52.21 17.44 21.30
CA ILE E 30 -51.17 18.46 21.47
C ILE E 30 -50.04 17.93 22.33
N VAL E 31 -48.80 18.12 21.90
CA VAL E 31 -47.60 17.78 22.67
C VAL E 31 -46.60 18.93 22.67
N ILE E 32 -46.00 19.19 23.83
CA ILE E 32 -45.10 20.30 24.08
C ILE E 32 -43.70 19.73 24.29
N ASN E 33 -42.76 20.15 23.47
CA ASN E 33 -41.39 19.64 23.46
C ASN E 33 -40.49 20.49 24.37
N TYR E 34 -40.11 19.90 25.50
CA TYR E 34 -39.32 20.50 26.55
C TYR E 34 -37.85 20.09 26.45
N TYR E 35 -36.99 20.95 25.92
CA TYR E 35 -35.58 20.65 25.67
C TYR E 35 -34.72 21.00 26.87
N THR E 36 -33.88 20.06 27.32
CA THR E 36 -33.08 20.18 28.54
C THR E 36 -31.71 19.50 28.42
N PRO E 37 -30.69 19.84 29.25
CA PRO E 37 -29.35 19.29 29.09
C PRO E 37 -29.27 17.78 29.31
N ALA E 38 -28.30 17.13 28.65
CA ALA E 38 -28.23 15.68 28.62
C ALA E 38 -28.21 15.00 30.00
N ASN E 39 -27.54 15.59 30.99
CA ASN E 39 -27.40 14.98 32.31
C ASN E 39 -28.66 15.11 33.20
N GLU E 40 -29.62 15.97 32.84
CA GLU E 40 -30.81 16.23 33.67
C GLU E 40 -32.00 15.29 33.40
N GLU E 41 -31.92 14.44 32.37
CA GLU E 41 -33.06 13.66 31.90
C GLU E 41 -33.73 12.84 33.01
N ALA E 42 -32.96 12.22 33.91
CA ALA E 42 -33.51 11.40 34.98
C ALA E 42 -34.41 12.18 35.96
N THR E 43 -34.29 13.51 36.00
CA THR E 43 -35.18 14.38 36.76
C THR E 43 -36.36 14.80 35.90
N PHE E 44 -36.09 15.41 34.75
CA PHE E 44 -37.12 16.06 33.96
C PHE E 44 -38.01 15.08 33.21
N LYS E 45 -37.55 13.87 32.88
CA LYS E 45 -38.40 12.83 32.32
C LYS E 45 -39.48 12.43 33.33
N ALA E 46 -39.11 12.24 34.60
CA ALA E 46 -40.05 11.93 35.67
C ALA E 46 -41.01 13.10 35.94
N VAL E 47 -40.50 14.33 36.00
CA VAL E 47 -41.36 15.52 36.19
C VAL E 47 -42.30 15.74 35.01
N ALA E 48 -41.86 15.52 33.77
CA ALA E 48 -42.73 15.54 32.61
C ALA E 48 -43.81 14.46 32.72
N ASN E 49 -43.50 13.25 33.17
CA ASN E 49 -44.49 12.21 33.42
C ASN E 49 -45.55 12.66 34.42
N ARG E 50 -45.14 13.21 35.56
CA ARG E 50 -46.03 13.78 36.59
C ARG E 50 -46.93 14.86 36.00
N CYS E 51 -46.37 15.79 35.20
CA CYS E 51 -47.18 16.80 34.53
C CYS E 51 -48.15 16.19 33.50
N ASN E 52 -47.74 15.19 32.73
CA ASN E 52 -48.59 14.49 31.79
C ASN E 52 -49.80 13.81 32.45
N GLU E 53 -49.71 13.42 33.73
CA GLU E 53 -50.87 13.04 34.54
C GLU E 53 -51.68 14.25 35.00
N GLN E 54 -51.01 15.26 35.56
CA GLN E 54 -51.63 16.39 36.25
C GLN E 54 -52.37 17.38 35.33
N LEU E 55 -51.98 17.57 34.07
CA LEU E 55 -52.58 18.57 33.17
C LEU E 55 -54.04 18.26 32.76
N GLY E 56 -54.53 17.04 32.96
CA GLY E 56 -55.88 16.65 32.54
C GLY E 56 -56.05 16.38 31.04
N GLY E 57 -54.96 16.08 30.33
CA GLY E 57 -54.98 15.57 28.96
C GLY E 57 -55.15 16.59 27.84
N ARG E 58 -55.33 17.88 28.16
CA ARG E 58 -55.39 18.88 27.05
C ARG E 58 -54.15 18.69 26.19
N PHE E 59 -52.97 18.78 26.79
CA PHE E 59 -51.70 18.57 26.11
C PHE E 59 -50.80 17.70 26.99
N GLN E 60 -49.74 17.16 26.40
CA GLN E 60 -48.71 16.39 27.11
C GLN E 60 -47.36 17.12 27.05
N ILE E 61 -46.51 16.90 28.06
CA ILE E 61 -45.12 17.38 28.02
C ILE E 61 -44.24 16.21 27.57
N ALA E 62 -43.43 16.44 26.53
CA ALA E 62 -42.45 15.49 26.04
C ALA E 62 -41.03 16.05 26.28
N GLN E 63 -40.21 15.34 27.03
CA GLN E 63 -38.84 15.73 27.33
C GLN E 63 -37.89 15.40 26.16
N ARG E 64 -36.99 16.32 25.80
CA ARG E 64 -36.01 16.20 24.72
C ARG E 64 -34.60 16.48 25.22
N ASN E 65 -33.60 15.78 24.68
CA ASN E 65 -32.21 15.96 25.04
C ASN E 65 -31.49 16.92 24.07
N LEU E 66 -30.81 17.91 24.64
CA LEU E 66 -29.69 18.58 24.01
C LEU E 66 -28.36 17.84 24.33
N PRO E 67 -27.21 18.14 23.71
CA PRO E 67 -25.92 17.56 24.07
C PRO E 67 -25.50 17.83 25.52
N LYS E 68 -24.44 17.18 26.00
CA LYS E 68 -23.89 17.41 27.35
C LYS E 68 -23.06 18.70 27.44
N GLY E 69 -22.31 19.05 26.40
CA GLY E 69 -21.45 20.23 26.40
C GLY E 69 -22.25 21.52 26.32
N ALA E 70 -22.06 22.45 27.25
CA ALA E 70 -22.89 23.65 27.34
C ALA E 70 -22.82 24.51 26.07
N ASP E 71 -21.62 24.73 25.53
CA ASP E 71 -21.46 25.51 24.30
C ASP E 71 -21.94 24.78 23.05
N ASP E 72 -22.30 23.51 23.15
CA ASP E 72 -22.87 22.70 22.06
C ASP E 72 -24.41 22.70 22.10
N GLN E 73 -25.01 22.67 23.30
CA GLN E 73 -26.44 22.93 23.49
C GLN E 73 -26.82 24.28 22.88
N ARG E 74 -25.98 25.29 23.07
CA ARG E 74 -26.25 26.62 22.48
C ARG E 74 -26.45 26.51 20.97
N LEU E 75 -25.58 25.78 20.26
CA LEU E 75 -25.65 25.71 18.80
C LEU E 75 -26.84 24.88 18.33
N GLN E 76 -27.18 23.77 18.97
CA GLN E 76 -28.34 22.96 18.56
C GLN E 76 -29.66 23.74 18.72
N LEU E 77 -29.78 24.56 19.76
CA LEU E 77 -30.91 25.49 19.88
C LEU E 77 -30.85 26.55 18.79
N ALA E 78 -29.71 27.21 18.59
CA ALA E 78 -29.59 28.29 17.62
C ALA E 78 -29.88 27.84 16.19
N ARG E 79 -29.51 26.60 15.86
CA ARG E 79 -29.87 26.07 14.52
C ARG E 79 -31.39 25.96 14.42
N ARG E 80 -32.03 25.20 15.31
CA ARG E 80 -33.51 25.00 15.21
C ARG E 80 -34.18 26.38 15.19
N LEU E 81 -33.81 27.26 16.11
CA LEU E 81 -34.42 28.59 16.20
C LEU E 81 -34.26 29.37 14.90
N THR E 82 -33.12 29.25 14.21
CA THR E 82 -32.91 29.92 12.91
C THR E 82 -33.62 29.20 11.76
N GLY E 83 -33.73 27.87 11.84
CA GLY E 83 -34.39 27.01 10.86
C GLY E 83 -35.90 26.90 11.02
N ASN E 84 -36.53 27.75 11.84
CA ASN E 84 -37.96 27.78 12.10
C ASN E 84 -38.53 26.41 12.52
N ASP E 85 -37.80 25.64 13.31
CA ASP E 85 -38.25 24.31 13.75
C ASP E 85 -39.51 24.39 14.62
N LYS E 86 -40.64 23.90 14.09
CA LYS E 86 -41.95 23.91 14.75
C LYS E 86 -42.03 22.90 15.90
N SER E 87 -41.10 21.96 16.00
CA SER E 87 -41.03 20.99 17.09
C SER E 87 -40.27 21.53 18.31
N LEU E 88 -39.97 22.83 18.35
CA LEU E 88 -39.29 23.50 19.45
C LEU E 88 -40.28 24.38 20.21
N ASP E 89 -40.47 24.12 21.51
CA ASP E 89 -41.50 24.76 22.33
C ASP E 89 -40.96 25.43 23.58
N VAL E 90 -40.37 24.67 24.50
CA VAL E 90 -39.86 25.15 25.78
C VAL E 90 -38.43 24.71 25.95
N MET E 91 -37.59 25.60 26.45
CA MET E 91 -36.15 25.38 26.57
C MET E 91 -35.71 25.59 28.01
N ALA E 92 -34.76 24.79 28.50
CA ALA E 92 -34.02 25.10 29.72
C ALA E 92 -32.67 25.76 29.37
N LEU E 93 -32.67 27.09 29.28
CA LEU E 93 -31.49 27.90 29.02
C LEU E 93 -30.54 27.91 30.21
N ASP E 94 -29.24 27.97 29.97
CA ASP E 94 -28.31 28.37 31.01
C ASP E 94 -28.56 29.83 31.38
N VAL E 95 -28.19 30.15 32.59
CA VAL E 95 -28.49 31.40 33.26
C VAL E 95 -27.99 32.63 32.49
N VAL E 96 -26.77 32.55 31.91
CA VAL E 96 -26.10 33.68 31.26
C VAL E 96 -26.53 33.88 29.80
N TRP E 97 -27.28 32.94 29.22
CA TRP E 97 -27.75 33.04 27.83
C TRP E 97 -28.92 34.01 27.63
N THR E 98 -29.58 34.48 28.68
CA THR E 98 -30.84 35.24 28.52
C THR E 98 -30.71 36.45 27.61
N ALA E 99 -29.67 37.28 27.75
CA ALA E 99 -29.53 38.48 26.92
C ALA E 99 -29.31 38.15 25.44
N GLU E 100 -28.66 37.03 25.13
CA GLU E 100 -28.49 36.55 23.76
C GLU E 100 -29.83 36.13 23.15
N PHE E 101 -30.55 35.23 23.82
CA PHE E 101 -31.82 34.72 23.30
C PHE E 101 -32.93 35.78 23.29
N ALA E 102 -32.85 36.78 24.15
CA ALA E 102 -33.74 37.93 24.18
C ALA E 102 -33.45 38.89 23.03
N GLU E 103 -32.20 39.31 22.84
CA GLU E 103 -31.83 40.22 21.75
C GLU E 103 -32.07 39.62 20.37
N ALA E 104 -31.89 38.31 20.23
CA ALA E 104 -32.23 37.60 19.01
C ALA E 104 -33.74 37.51 18.73
N GLY E 105 -34.60 37.75 19.73
CA GLY E 105 -36.04 37.51 19.62
C GLY E 105 -36.39 36.02 19.54
N TRP E 106 -35.49 35.15 20.00
CA TRP E 106 -35.69 33.71 20.07
C TRP E 106 -36.49 33.29 21.27
N ALA E 107 -36.24 33.91 22.43
CA ALA E 107 -37.09 33.78 23.60
C ALA E 107 -38.19 34.84 23.53
N VAL E 108 -39.47 34.46 23.55
CA VAL E 108 -40.53 35.48 23.70
C VAL E 108 -40.63 35.90 25.16
N PRO E 109 -40.76 37.19 25.48
CA PRO E 109 -40.80 37.63 26.85
C PRO E 109 -42.10 37.23 27.53
N LEU E 110 -42.07 36.98 28.83
CA LEU E 110 -43.25 36.54 29.57
C LEU E 110 -44.36 37.59 29.54
N SER E 111 -44.02 38.87 29.33
CA SER E 111 -44.94 39.98 29.12
C SER E 111 -45.76 39.89 27.81
N GLU E 112 -45.46 38.95 26.90
CA GLU E 112 -46.26 38.65 25.71
C GLU E 112 -47.16 37.41 25.89
N ASP E 113 -47.24 36.78 27.06
CA ASP E 113 -48.02 35.55 27.21
C ASP E 113 -49.54 35.75 26.99
N PRO E 114 -50.23 34.89 26.21
CA PRO E 114 -51.65 35.06 25.94
C PRO E 114 -52.55 35.03 27.18
N ALA E 115 -52.16 34.28 28.21
CA ALA E 115 -52.93 34.13 29.44
C ALA E 115 -52.80 35.35 30.39
N GLY E 116 -51.66 36.06 30.38
CA GLY E 116 -51.35 37.12 31.33
C GLY E 116 -50.85 36.59 32.68
N LEU E 117 -50.42 35.33 32.76
CA LEU E 117 -50.15 34.59 34.00
C LEU E 117 -48.68 34.20 34.20
N ALA E 118 -47.89 34.04 33.14
CA ALA E 118 -46.51 33.54 33.29
C ALA E 118 -45.64 34.46 34.16
N GLU E 119 -45.77 35.77 33.95
CA GLU E 119 -45.10 36.80 34.75
C GLU E 119 -45.57 36.84 36.22
N ALA E 120 -46.75 36.28 36.51
CA ALA E 120 -47.32 36.19 37.84
C ALA E 120 -46.98 34.87 38.57
N ASP E 121 -46.63 33.80 37.87
CA ASP E 121 -46.04 32.61 38.49
C ASP E 121 -44.53 32.81 38.74
N ALA E 122 -43.85 33.51 37.83
CA ALA E 122 -42.64 34.22 38.16
C ALA E 122 -42.93 35.27 39.27
N THR E 123 -41.88 35.80 39.89
CA THR E 123 -41.97 36.74 41.02
C THR E 123 -42.54 36.18 42.34
N GLU E 124 -43.80 35.75 42.39
CA GLU E 124 -44.58 35.73 43.64
C GLU E 124 -44.05 34.88 44.81
N ASN E 125 -43.21 33.87 44.58
CA ASN E 125 -42.42 33.21 45.64
C ASN E 125 -40.95 32.94 45.26
N THR E 126 -40.46 33.53 44.18
CA THR E 126 -39.15 33.21 43.58
C THR E 126 -38.02 33.96 44.31
N LEU E 127 -36.87 33.34 44.52
CA LEU E 127 -35.71 33.99 45.16
C LEU E 127 -35.21 35.21 44.33
N PRO E 128 -34.90 36.35 44.97
CA PRO E 128 -34.67 37.61 44.25
C PRO E 128 -33.49 37.60 43.29
N GLY E 129 -32.40 36.88 43.62
CA GLY E 129 -31.25 36.73 42.74
C GLY E 129 -31.66 36.07 41.42
N PRO E 130 -32.09 34.80 41.44
CA PRO E 130 -32.53 34.12 40.24
C PRO E 130 -33.58 34.87 39.45
N LEU E 131 -34.57 35.50 40.11
CA LEU E 131 -35.59 36.29 39.44
C LEU E 131 -34.98 37.42 38.61
N GLU E 132 -34.08 38.19 39.21
CA GLU E 132 -33.39 39.25 38.49
C GLU E 132 -32.52 38.70 37.37
N THR E 133 -31.98 37.50 37.58
CA THR E 133 -31.03 36.90 36.66
C THR E 133 -31.61 36.65 35.27
N ALA E 134 -32.90 36.31 35.19
CA ALA E 134 -33.57 36.09 33.92
C ALA E 134 -33.80 37.38 33.08
N ARG E 135 -33.80 38.55 33.71
CA ARG E 135 -34.25 39.78 33.01
C ARG E 135 -33.25 40.46 32.07
N TRP E 136 -33.76 40.98 30.94
CA TRP E 136 -32.99 41.80 30.02
C TRP E 136 -33.72 43.11 29.78
N GLN E 137 -33.05 44.26 29.96
CA GLN E 137 -33.68 45.59 29.98
C GLN E 137 -34.94 45.60 30.87
N ASP E 138 -34.81 44.99 32.05
CA ASP E 138 -35.83 44.76 33.08
C ASP E 138 -37.07 43.92 32.67
N GLU E 139 -37.26 43.54 31.40
CA GLU E 139 -38.26 42.54 31.00
C GLU E 139 -37.85 41.13 31.42
N LEU E 140 -38.78 40.30 31.89
CA LEU E 140 -38.54 38.87 32.05
C LEU E 140 -38.62 38.17 30.70
N TYR E 141 -37.47 37.78 30.15
CA TYR E 141 -37.37 36.92 28.98
C TYR E 141 -37.38 35.41 29.30
N ALA E 142 -37.40 35.04 30.57
CA ALA E 142 -37.37 33.65 31.01
C ALA E 142 -37.86 33.50 32.46
N ALA E 143 -38.21 32.30 32.90
CA ALA E 143 -38.67 32.02 34.25
C ALA E 143 -37.69 31.07 34.96
N PRO E 144 -37.05 31.45 36.07
CA PRO E 144 -36.06 30.59 36.72
C PRO E 144 -36.64 29.26 37.18
N ILE E 145 -35.90 28.15 37.04
CA ILE E 145 -36.33 26.82 37.52
C ILE E 145 -35.27 26.14 38.40
N THR E 146 -34.00 26.49 38.30
CA THR E 146 -32.95 25.92 39.16
C THR E 146 -31.89 26.98 39.40
N THR E 147 -31.21 26.92 40.53
CA THR E 147 -30.15 27.86 40.89
C THR E 147 -29.10 27.14 41.71
N ASN E 148 -27.86 27.62 41.65
CA ASN E 148 -26.77 27.01 42.40
C ASN E 148 -25.74 28.08 42.82
N THR E 149 -25.02 27.84 43.90
CA THR E 149 -24.08 28.80 44.49
C THR E 149 -22.85 28.11 45.05
N GLN E 150 -21.68 28.73 44.91
CA GLN E 150 -20.45 28.25 45.54
C GLN E 150 -20.49 28.44 47.06
N LEU E 151 -19.72 27.62 47.77
CA LEU E 151 -19.51 27.66 49.22
C LEU E 151 -18.07 27.33 49.54
N LEU E 152 -17.62 27.68 50.74
CA LEU E 152 -16.30 27.33 51.22
C LEU E 152 -16.37 26.07 52.08
N TRP E 153 -15.57 25.08 51.74
CA TRP E 153 -15.49 23.78 52.38
C TRP E 153 -14.13 23.64 53.04
N TYR E 154 -14.08 23.11 54.25
CA TYR E 154 -12.85 23.11 55.04
C TYR E 154 -12.70 21.88 55.94
N ARG E 155 -11.43 21.56 56.23
CA ARG E 155 -11.09 20.43 57.14
C ARG E 155 -11.23 20.91 58.59
N ALA E 156 -12.45 20.89 59.13
CA ALA E 156 -12.79 21.32 60.48
C ALA E 156 -11.90 20.72 61.59
N ASP E 157 -11.20 19.63 61.33
CA ASP E 157 -10.20 19.07 62.25
C ASP E 157 -8.84 19.83 62.26
N LEU E 158 -8.49 20.58 61.20
CA LEU E 158 -7.17 21.20 61.04
C LEU E 158 -7.10 22.68 61.43
N MET E 159 -8.23 23.31 61.76
CA MET E 159 -8.31 24.71 62.18
C MET E 159 -9.46 24.93 63.19
N PRO E 160 -9.37 25.94 64.09
CA PRO E 160 -10.38 26.15 65.12
C PRO E 160 -11.70 26.71 64.58
N ALA E 161 -11.65 27.46 63.48
CA ALA E 161 -12.80 28.05 62.79
C ALA E 161 -12.45 28.36 61.32
N PRO E 162 -13.43 28.39 60.41
CA PRO E 162 -13.19 28.72 59.01
C PRO E 162 -12.85 30.21 58.84
N PRO E 163 -11.95 30.58 57.92
CA PRO E 163 -11.60 31.98 57.65
C PRO E 163 -12.73 32.76 56.94
N THR E 164 -12.88 34.04 57.27
CA THR E 164 -13.97 34.90 56.76
C THR E 164 -13.54 35.84 55.62
N THR E 165 -12.27 35.83 55.23
CA THR E 165 -11.71 36.78 54.24
C THR E 165 -10.53 36.12 53.53
N TRP E 166 -10.24 36.52 52.29
CA TRP E 166 -9.17 35.87 51.52
C TRP E 166 -7.78 35.96 52.15
N ASP E 167 -7.44 37.05 52.82
CA ASP E 167 -6.22 37.12 53.65
C ASP E 167 -6.17 36.04 54.74
N GLY E 168 -7.31 35.68 55.32
CA GLY E 168 -7.43 34.61 56.30
C GLY E 168 -7.23 33.23 55.69
N MET E 169 -7.67 33.02 54.45
CA MET E 169 -7.36 31.80 53.73
C MET E 169 -5.86 31.70 53.46
N LEU E 170 -5.23 32.79 53.02
CA LEU E 170 -3.78 32.83 52.86
C LEU E 170 -3.06 32.58 54.20
N ASP E 171 -3.56 33.13 55.31
CA ASP E 171 -3.00 32.88 56.64
C ASP E 171 -3.07 31.40 57.03
N GLU E 172 -4.24 30.76 56.96
CA GLU E 172 -4.34 29.33 57.27
C GLU E 172 -3.50 28.44 56.31
N ALA E 173 -3.45 28.77 55.02
CA ALA E 173 -2.60 28.04 54.09
C ALA E 173 -1.12 28.19 54.45
N ASN E 174 -0.67 29.42 54.73
CA ASN E 174 0.70 29.67 55.13
C ASN E 174 1.04 29.01 56.48
N ARG E 175 0.07 29.01 57.40
CA ARG E 175 0.29 28.32 58.70
C ARG E 175 0.47 26.82 58.44
N LEU E 176 -0.48 26.18 57.76
CA LEU E 176 -0.42 24.75 57.53
C LEU E 176 0.84 24.35 56.75
N TYR E 177 1.27 25.19 55.82
CA TYR E 177 2.53 25.01 55.10
C TYR E 177 3.71 24.96 56.07
N ARG E 178 3.82 25.95 56.97
CA ARG E 178 4.92 25.93 57.97
C ARG E 178 4.80 24.70 58.87
N GLU E 179 3.60 24.40 59.37
CA GLU E 179 3.37 23.27 60.29
C GLU E 179 3.57 21.88 59.66
N GLY E 180 3.69 21.77 58.34
CA GLY E 180 3.85 20.49 57.64
C GLY E 180 2.53 19.75 57.32
N GLY E 181 1.39 20.44 57.38
CA GLY E 181 0.08 19.94 56.94
C GLY E 181 -0.23 20.24 55.47
N PRO E 182 -1.45 19.93 54.99
CA PRO E 182 -1.88 20.25 53.62
C PRO E 182 -1.91 21.75 53.35
N SER E 183 -1.22 22.19 52.30
CA SER E 183 -0.97 23.61 52.03
C SER E 183 -1.70 24.18 50.81
N TRP E 184 -2.33 23.35 49.97
CA TRP E 184 -3.03 23.83 48.78
C TRP E 184 -4.38 24.48 49.14
N ILE E 185 -4.82 25.43 48.32
CA ILE E 185 -6.18 25.98 48.31
C ILE E 185 -6.86 25.54 47.01
N ALA E 186 -7.96 24.82 47.07
CA ALA E 186 -8.61 24.26 45.88
C ALA E 186 -9.60 25.26 45.26
N VAL E 187 -9.40 25.57 43.98
CA VAL E 187 -10.01 26.72 43.28
C VAL E 187 -10.19 26.44 41.77
N GLN E 188 -10.86 27.34 41.05
CA GLN E 188 -11.13 27.25 39.62
C GLN E 188 -10.11 28.06 38.80
N GLY E 189 -8.87 27.61 38.68
CA GLY E 189 -7.78 28.39 38.09
C GLY E 189 -7.63 28.33 36.56
N LYS E 190 -8.16 27.26 35.96
CA LYS E 190 -8.08 27.04 34.51
C LYS E 190 -8.80 28.08 33.65
N GLN E 191 -8.44 28.12 32.37
CA GLN E 191 -9.01 29.05 31.42
C GLN E 191 -10.47 28.81 31.06
N TYR E 192 -11.16 27.97 31.83
CA TYR E 192 -12.57 27.70 31.55
C TYR E 192 -13.43 28.80 32.18
N GLU E 193 -14.71 28.90 31.81
CA GLU E 193 -15.55 29.96 32.39
C GLU E 193 -15.56 30.02 33.93
N GLY E 194 -15.24 28.96 34.65
CA GLY E 194 -15.16 28.99 36.11
C GLY E 194 -14.16 30.05 36.62
N MET E 195 -13.09 30.31 35.88
CA MET E 195 -12.16 31.40 36.21
C MET E 195 -12.86 32.75 36.15
N VAL E 196 -13.72 32.98 35.16
CA VAL E 196 -14.51 34.20 35.09
C VAL E 196 -15.51 34.25 36.24
N VAL E 197 -16.17 33.15 36.60
CA VAL E 197 -17.11 33.11 37.71
C VAL E 197 -16.44 33.47 39.03
N TRP E 198 -15.23 32.94 39.25
CA TRP E 198 -14.44 33.28 40.42
C TRP E 198 -14.03 34.75 40.36
N PHE E 199 -13.39 35.20 39.28
CA PHE E 199 -12.96 36.59 39.16
C PHE E 199 -14.12 37.57 39.33
N ASN E 200 -15.24 37.32 38.67
CA ASN E 200 -16.42 38.15 38.78
C ASN E 200 -16.94 38.18 40.22
N THR E 201 -16.90 37.07 40.94
CA THR E 201 -17.25 37.09 42.35
C THR E 201 -16.30 37.94 43.17
N LEU E 202 -15.00 37.89 42.91
CA LEU E 202 -14.05 38.76 43.60
C LEU E 202 -14.32 40.21 43.23
N LEU E 203 -14.50 40.52 41.96
CA LEU E 203 -14.74 41.86 41.48
C LEU E 203 -16.01 42.46 42.07
N GLN E 204 -17.08 41.68 42.12
CA GLN E 204 -18.36 42.09 42.68
C GLN E 204 -18.28 42.28 44.18
N SER E 205 -17.67 41.35 44.91
CA SER E 205 -17.49 41.47 46.36
C SER E 205 -16.53 42.59 46.74
N ALA E 206 -15.56 42.91 45.88
CA ALA E 206 -14.72 44.11 46.01
C ALA E 206 -15.50 45.42 45.77
N GLY E 207 -16.70 45.35 45.20
CA GLY E 207 -17.59 46.49 44.96
C GLY E 207 -17.61 47.03 43.52
N GLY E 208 -16.93 46.38 42.59
CA GLY E 208 -16.93 46.73 41.16
C GLY E 208 -17.90 45.87 40.34
N GLN E 209 -17.90 46.05 39.02
CA GLN E 209 -18.55 45.16 38.06
C GLN E 209 -17.85 45.25 36.69
N VAL E 210 -18.00 44.25 35.82
CA VAL E 210 -17.31 44.22 34.52
C VAL E 210 -17.85 45.28 33.56
N LEU E 211 -19.17 45.41 33.48
CA LEU E 211 -19.88 46.27 32.54
C LEU E 211 -20.88 47.18 33.24
N SER E 212 -21.27 48.25 32.56
CA SER E 212 -22.53 48.95 32.84
C SER E 212 -23.72 47.97 32.83
N ASP E 213 -24.79 48.28 33.56
CA ASP E 213 -25.96 47.41 33.65
C ASP E 213 -26.71 47.24 32.31
N ASP E 214 -26.62 48.22 31.42
CA ASP E 214 -27.12 48.15 30.04
C ASP E 214 -26.16 47.39 29.09
N GLY E 215 -24.98 47.01 29.55
CA GLY E 215 -23.99 46.29 28.77
C GLY E 215 -23.32 47.11 27.65
N GLN E 216 -23.47 48.44 27.64
CA GLN E 216 -22.92 49.29 26.57
C GLN E 216 -21.50 49.79 26.84
N ARG E 217 -21.07 49.72 28.12
CA ARG E 217 -19.75 50.30 28.49
C ARG E 217 -18.96 49.37 29.41
N VAL E 218 -17.64 49.33 29.25
CA VAL E 218 -16.73 48.55 30.09
C VAL E 218 -16.22 49.40 31.23
N THR E 219 -16.64 49.09 32.47
CA THR E 219 -16.51 50.05 33.58
C THR E 219 -15.33 49.80 34.53
N LEU E 220 -14.51 48.77 34.27
CA LEU E 220 -13.40 48.32 35.13
C LEU E 220 -12.45 49.41 35.61
N THR E 221 -12.21 50.46 34.83
CA THR E 221 -11.30 51.56 35.20
C THR E 221 -11.84 52.96 34.89
N ASP E 222 -13.16 53.10 34.72
CA ASP E 222 -13.81 54.41 34.50
C ASP E 222 -13.76 55.34 35.72
N THR E 223 -13.56 54.81 36.93
CA THR E 223 -13.40 55.59 38.15
C THR E 223 -12.48 54.87 39.14
N PRO E 224 -11.76 55.58 40.04
CA PRO E 224 -10.74 54.96 40.89
C PRO E 224 -11.26 53.85 41.81
N GLU E 225 -12.52 53.89 42.22
CA GLU E 225 -13.17 52.83 43.00
C GLU E 225 -13.25 51.52 42.21
N HIS E 226 -13.65 51.61 40.94
CA HIS E 226 -13.71 50.45 40.06
C HIS E 226 -12.30 49.93 39.80
N ARG E 227 -11.34 50.81 39.52
CA ARG E 227 -9.94 50.32 39.37
C ARG E 227 -9.52 49.62 40.66
N ALA E 228 -9.67 50.29 41.81
CA ALA E 228 -9.28 49.72 43.10
C ALA E 228 -9.89 48.33 43.31
N ALA E 229 -11.19 48.17 43.08
CA ALA E 229 -11.86 46.89 43.17
C ALA E 229 -11.25 45.86 42.21
N THR E 230 -11.02 46.27 40.97
CA THR E 230 -10.43 45.43 39.94
C THR E 230 -9.03 44.98 40.32
N VAL E 231 -8.13 45.89 40.67
CA VAL E 231 -6.78 45.51 41.08
C VAL E 231 -6.77 44.72 42.37
N LYS E 232 -7.74 44.91 43.27
CA LYS E 232 -7.86 44.08 44.48
C LYS E 232 -8.26 42.64 44.15
N ALA E 233 -9.22 42.46 43.24
CA ALA E 233 -9.58 41.13 42.75
C ALA E 233 -8.38 40.46 42.07
N LEU E 234 -7.70 41.16 41.16
CA LEU E 234 -6.52 40.65 40.47
C LEU E 234 -5.41 40.28 41.46
N ARG E 235 -5.14 41.12 42.46
CA ARG E 235 -4.10 40.88 43.46
C ARG E 235 -4.41 39.69 44.34
N ILE E 236 -5.68 39.45 44.67
CA ILE E 236 -6.05 38.25 45.42
C ILE E 236 -5.82 36.99 44.58
N ILE E 237 -6.18 37.00 43.29
CA ILE E 237 -5.89 35.88 42.39
C ILE E 237 -4.39 35.62 42.33
N LYS E 238 -3.60 36.67 42.07
CA LYS E 238 -2.14 36.61 42.01
C LYS E 238 -1.59 35.97 43.29
N SER E 239 -2.06 36.43 44.44
CA SER E 239 -1.58 35.96 45.74
C SER E 239 -1.86 34.48 45.95
N VAL E 240 -3.11 34.02 45.79
CA VAL E 240 -3.43 32.61 46.03
C VAL E 240 -2.81 31.67 45.01
N ALA E 241 -2.52 32.17 43.80
CA ALA E 241 -1.78 31.40 42.81
C ALA E 241 -0.30 31.26 43.18
N THR E 242 0.34 32.35 43.63
CA THR E 242 1.81 32.43 43.78
C THR E 242 2.34 32.13 45.18
N ALA E 243 1.49 32.05 46.19
CA ALA E 243 1.89 31.89 47.59
C ALA E 243 2.76 30.64 47.84
N PRO E 244 3.66 30.65 48.85
CA PRO E 244 4.48 29.49 49.19
C PRO E 244 3.64 28.22 49.45
N GLY E 245 4.07 27.09 48.90
CA GLY E 245 3.37 25.81 49.07
C GLY E 245 2.01 25.71 48.39
N ALA E 246 1.66 26.59 47.46
CA ALA E 246 0.48 26.43 46.61
C ALA E 246 0.58 25.17 45.73
N ASP E 247 -0.53 24.71 45.17
CA ASP E 247 -0.53 23.60 44.21
C ASP E 247 0.27 23.99 42.95
N PRO E 248 1.33 23.26 42.56
CA PRO E 248 2.07 23.55 41.33
C PRO E 248 1.19 23.49 40.08
N SER E 249 0.08 22.76 40.15
CA SER E 249 -0.90 22.56 39.08
C SER E 249 -1.95 23.66 39.03
N ILE E 250 -1.91 24.68 39.90
CA ILE E 250 -3.03 25.60 40.08
C ILE E 250 -3.43 26.37 38.82
N THR E 251 -2.51 26.54 37.87
CA THR E 251 -2.80 27.10 36.54
C THR E 251 -3.81 26.26 35.72
N GLN E 252 -4.08 25.01 36.12
CA GLN E 252 -4.91 24.05 35.39
C GLN E 252 -6.03 23.40 36.23
N THR E 253 -6.39 23.92 37.42
CA THR E 253 -7.44 23.29 38.26
C THR E 253 -8.87 23.72 37.90
N ASP E 254 -9.83 22.81 38.00
CA ASP E 254 -11.27 23.02 37.81
C ASP E 254 -12.09 22.41 38.95
N GLU E 255 -13.43 22.32 38.86
CA GLU E 255 -14.23 21.70 39.92
C GLU E 255 -13.82 20.24 40.19
N ASN E 256 -13.58 19.46 39.14
CA ASN E 256 -13.13 18.07 39.26
C ASN E 256 -11.84 18.01 40.08
N THR E 257 -10.78 18.71 39.68
CA THR E 257 -9.53 18.66 40.42
C THR E 257 -9.61 19.37 41.76
N ALA E 258 -10.44 20.41 41.92
CA ALA E 258 -10.66 21.01 43.22
C ALA E 258 -11.23 19.99 44.22
N ARG E 259 -12.23 19.22 43.80
CA ARG E 259 -12.83 18.19 44.69
C ARG E 259 -11.76 17.19 45.15
N LEU E 260 -11.14 16.45 44.22
CA LEU E 260 -10.19 15.43 44.60
C LEU E 260 -9.04 16.01 45.42
N ALA E 261 -8.62 17.25 45.19
CA ALA E 261 -7.56 17.84 45.97
C ALA E 261 -7.91 17.92 47.47
N LEU E 262 -9.18 18.05 47.82
CA LEU E 262 -9.63 17.93 49.21
C LEU E 262 -9.91 16.49 49.60
N GLU E 263 -10.50 15.66 48.74
CA GLU E 263 -10.79 14.26 49.10
C GLU E 263 -9.53 13.45 49.39
N GLN E 264 -8.45 13.70 48.66
CA GLN E 264 -7.13 13.11 48.89
C GLN E 264 -6.37 13.79 50.03
N GLY E 265 -6.93 14.84 50.63
CA GLY E 265 -6.35 15.54 51.78
C GLY E 265 -5.09 16.34 51.47
N LYS E 266 -4.90 16.80 50.23
CA LYS E 266 -3.73 17.59 49.80
C LYS E 266 -3.96 19.09 49.94
N ALA E 267 -5.19 19.53 49.71
CA ALA E 267 -5.70 20.83 50.12
C ALA E 267 -6.36 20.76 51.51
N ALA E 268 -6.36 21.87 52.24
CA ALA E 268 -7.12 22.01 53.49
C ALA E 268 -8.44 22.75 53.32
N LEU E 269 -8.52 23.59 52.29
CA LEU E 269 -9.60 24.51 51.96
C LEU E 269 -10.03 24.33 50.51
N GLU E 270 -11.30 24.51 50.23
CA GLU E 270 -11.83 24.43 48.88
C GLU E 270 -12.98 25.39 48.71
N VAL E 271 -13.10 26.00 47.54
CA VAL E 271 -14.30 26.70 47.13
C VAL E 271 -14.99 25.85 46.08
N ASN E 272 -16.23 25.42 46.31
CA ASN E 272 -16.95 24.58 45.35
C ASN E 272 -18.48 24.66 45.52
N TRP E 273 -19.20 24.20 44.50
CA TRP E 273 -20.66 24.07 44.50
C TRP E 273 -21.13 22.97 45.48
N PRO E 274 -22.41 22.91 45.87
CA PRO E 274 -22.88 22.09 46.97
C PRO E 274 -22.90 20.58 46.71
N TYR E 275 -22.66 20.12 45.50
CA TYR E 275 -22.65 18.68 45.17
C TYR E 275 -21.55 17.89 45.89
N VAL E 276 -20.54 18.57 46.42
CA VAL E 276 -19.37 17.93 47.03
C VAL E 276 -19.71 17.09 48.25
N LEU E 277 -20.67 17.50 49.10
CA LEU E 277 -20.98 16.79 50.34
C LEU E 277 -21.35 15.31 50.14
N PRO E 278 -22.40 14.95 49.37
CA PRO E 278 -22.73 13.56 49.15
C PRO E 278 -21.63 12.83 48.40
N SER E 279 -20.88 13.50 47.52
CA SER E 279 -19.75 12.87 46.83
C SER E 279 -18.67 12.43 47.82
N LEU E 280 -18.37 13.25 48.83
CA LEU E 280 -17.45 12.88 49.89
C LEU E 280 -18.00 11.70 50.66
N LEU E 281 -19.25 11.75 51.10
CA LEU E 281 -19.82 10.65 51.88
C LEU E 281 -19.80 9.34 51.09
N GLU E 282 -20.13 9.39 49.81
CA GLU E 282 -20.01 8.25 48.90
C GLU E 282 -18.58 7.77 48.76
N ASN E 283 -17.59 8.66 48.74
CA ASN E 283 -16.20 8.24 48.74
C ASN E 283 -15.76 7.65 50.08
N ALA E 284 -16.24 8.21 51.19
CA ALA E 284 -15.88 7.78 52.52
C ALA E 284 -16.40 6.36 52.80
N VAL E 285 -17.65 6.06 52.44
CA VAL E 285 -18.19 4.70 52.57
C VAL E 285 -17.49 3.70 51.64
N LYS E 286 -16.91 4.18 50.53
CA LYS E 286 -16.02 3.38 49.65
C LYS E 286 -14.58 3.28 50.14
N GLY E 287 -14.20 4.06 51.15
CA GLY E 287 -12.84 4.07 51.71
C GLY E 287 -11.82 4.83 50.86
N GLY E 288 -12.26 5.77 50.02
CA GLY E 288 -11.37 6.59 49.19
C GLY E 288 -10.58 7.66 49.96
N VAL E 289 -11.05 8.04 51.15
CA VAL E 289 -10.50 9.12 51.98
C VAL E 289 -9.98 8.57 53.31
N SER E 290 -8.74 8.91 53.66
CA SER E 290 -8.04 8.38 54.84
C SER E 290 -8.46 9.03 56.16
N PHE E 291 -8.95 10.27 56.15
CA PHE E 291 -9.37 10.99 57.36
C PHE E 291 -10.78 10.65 57.87
N LEU E 292 -11.54 9.83 57.13
CA LEU E 292 -12.93 9.47 57.45
C LEU E 292 -13.19 8.01 57.00
N PRO E 293 -12.63 7.01 57.70
CA PRO E 293 -12.52 5.61 57.25
C PRO E 293 -13.82 4.79 57.41
N LEU E 294 -14.93 5.31 56.88
CA LEU E 294 -16.28 4.74 57.03
C LEU E 294 -16.49 3.38 56.36
N ASP E 295 -15.63 2.96 55.43
CA ASP E 295 -15.67 1.60 54.87
C ASP E 295 -15.50 0.50 55.95
N GLY E 296 -14.92 0.84 57.10
CA GLY E 296 -14.84 -0.06 58.25
C GLY E 296 -16.15 -0.19 59.07
N ASP E 297 -17.17 0.62 58.79
CA ASP E 297 -18.42 0.66 59.57
C ASP E 297 -19.41 -0.46 59.18
N PRO E 298 -19.78 -1.37 60.11
CA PRO E 298 -20.66 -2.49 59.79
C PRO E 298 -22.09 -2.12 59.39
N ALA E 299 -22.59 -0.94 59.81
CA ALA E 299 -23.91 -0.46 59.43
C ALA E 299 -23.88 0.23 58.04
N LEU E 300 -22.79 0.93 57.71
CA LEU E 300 -22.64 1.54 56.38
C LEU E 300 -22.26 0.53 55.29
N GLN E 301 -21.58 -0.57 55.60
CA GLN E 301 -21.29 -1.63 54.62
C GLN E 301 -22.58 -2.11 53.93
N GLY E 302 -22.60 -2.04 52.60
CA GLY E 302 -23.78 -2.32 51.78
C GLY E 302 -24.66 -1.09 51.43
N SER E 303 -24.29 0.12 51.85
CA SER E 303 -25.03 1.35 51.51
C SER E 303 -24.95 1.76 50.04
N ILE E 304 -24.14 1.09 49.21
CA ILE E 304 -24.03 1.32 47.76
C ILE E 304 -24.74 0.21 46.99
N ASN E 305 -25.51 0.57 45.98
CA ASN E 305 -26.33 -0.35 45.19
C ASN E 305 -25.50 -1.19 44.19
N ASP E 306 -26.19 -2.00 43.39
CA ASP E 306 -25.58 -2.92 42.42
C ASP E 306 -24.69 -2.20 41.37
N VAL E 307 -25.03 -0.97 40.99
CA VAL E 307 -24.27 -0.12 40.07
C VAL E 307 -23.35 0.85 40.83
N GLY E 308 -22.89 0.45 42.01
CA GLY E 308 -21.89 1.19 42.79
C GLY E 308 -22.30 2.58 43.23
N THR E 309 -23.60 2.87 43.35
CA THR E 309 -24.13 4.20 43.67
C THR E 309 -24.66 4.23 45.10
N PHE E 310 -24.24 5.20 45.90
CA PHE E 310 -24.66 5.35 47.29
C PHE E 310 -26.16 5.65 47.42
N SER E 311 -26.85 4.82 48.18
CA SER E 311 -28.31 4.80 48.34
C SER E 311 -28.67 4.40 49.79
N PRO E 312 -28.26 5.21 50.78
CA PRO E 312 -28.33 4.84 52.18
C PRO E 312 -29.75 4.76 52.73
N THR E 313 -29.94 4.02 53.82
CA THR E 313 -31.04 4.24 54.78
C THR E 313 -30.91 5.61 55.45
N ASP E 314 -31.97 6.10 56.08
CA ASP E 314 -31.89 7.34 56.86
C ASP E 314 -30.79 7.28 57.94
N GLU E 315 -30.70 6.16 58.67
CA GLU E 315 -29.67 5.95 59.66
C GLU E 315 -28.27 5.85 59.02
N GLN E 316 -28.08 5.18 57.89
CA GLN E 316 -26.78 5.19 57.22
C GLN E 316 -26.39 6.60 56.78
N PHE E 317 -27.31 7.40 56.24
CA PHE E 317 -26.98 8.77 55.88
C PHE E 317 -26.62 9.60 57.11
N ASP E 318 -27.41 9.51 58.19
CA ASP E 318 -27.11 10.21 59.43
C ASP E 318 -25.78 9.78 60.02
N ILE E 319 -25.46 8.48 60.02
CA ILE E 319 -24.17 7.97 60.51
C ILE E 319 -23.02 8.57 59.68
N ALA E 320 -23.12 8.49 58.35
CA ALA E 320 -22.08 9.02 57.47
C ALA E 320 -21.93 10.53 57.65
N PHE E 321 -23.04 11.26 57.67
CA PHE E 321 -23.02 12.70 57.80
C PHE E 321 -22.52 13.16 59.19
N ASP E 322 -22.99 12.56 60.27
CA ASP E 322 -22.51 12.89 61.62
C ASP E 322 -21.02 12.68 61.74
N ALA E 323 -20.49 11.55 61.25
CA ALA E 323 -19.07 11.29 61.24
C ALA E 323 -18.31 12.32 60.39
N SER E 324 -18.87 12.79 59.27
CA SER E 324 -18.23 13.85 58.49
C SER E 324 -18.14 15.17 59.25
N LYS E 325 -19.17 15.58 60.01
CA LYS E 325 -19.13 16.84 60.79
C LYS E 325 -18.10 16.82 61.92
N LYS E 326 -17.47 15.69 62.24
CA LYS E 326 -16.29 15.65 63.12
C LYS E 326 -15.05 16.29 62.48
N VAL E 327 -14.95 16.29 61.15
CA VAL E 327 -13.69 16.50 60.43
C VAL E 327 -13.79 17.41 59.20
N PHE E 328 -14.95 17.47 58.58
CA PHE E 328 -15.24 18.20 57.36
C PHE E 328 -16.44 19.13 57.59
N GLY E 329 -16.40 20.36 57.07
CA GLY E 329 -17.47 21.32 57.30
C GLY E 329 -17.56 22.36 56.21
N PHE E 330 -18.63 23.14 56.25
CA PHE E 330 -18.98 24.15 55.26
C PHE E 330 -19.15 25.52 55.90
N ALA E 331 -18.90 26.59 55.14
CA ALA E 331 -19.01 27.96 55.63
C ALA E 331 -19.44 28.92 54.50
N PRO E 332 -20.01 30.09 54.84
CA PRO E 332 -20.30 31.15 53.87
C PRO E 332 -19.04 31.57 53.11
N TYR E 333 -19.19 31.89 51.84
CA TYR E 333 -18.06 32.22 50.96
C TYR E 333 -17.27 33.44 51.49
N PRO E 334 -15.93 33.39 51.53
CA PRO E 334 -15.11 34.38 52.22
C PRO E 334 -14.99 35.71 51.45
N GLY E 335 -14.97 36.82 52.17
CA GLY E 335 -15.01 38.17 51.59
C GLY E 335 -13.68 38.74 51.11
N VAL E 336 -13.76 39.80 50.31
CA VAL E 336 -12.63 40.65 49.92
C VAL E 336 -12.36 41.80 50.91
N ASN E 337 -13.38 42.23 51.66
CA ASN E 337 -13.30 43.33 52.63
C ASN E 337 -13.68 42.84 54.04
N PRO E 338 -13.08 43.38 55.13
CA PRO E 338 -13.35 42.91 56.49
C PRO E 338 -14.83 42.99 56.92
N ASP E 339 -15.32 41.91 57.53
CA ASP E 339 -16.71 41.73 57.98
C ASP E 339 -17.78 42.02 56.92
N GLU E 340 -17.47 41.79 55.64
CA GLU E 340 -18.39 41.96 54.51
C GLU E 340 -18.78 40.60 53.89
N PRO E 341 -20.07 40.25 53.81
CA PRO E 341 -20.53 39.07 53.09
C PRO E 341 -20.22 39.14 51.58
N ALA E 342 -19.75 38.05 51.00
CA ALA E 342 -19.39 38.01 49.59
C ALA E 342 -20.62 37.90 48.68
N ARG E 343 -20.73 38.76 47.68
CA ARG E 343 -21.73 38.61 46.61
C ARG E 343 -21.29 37.53 45.63
N VAL E 344 -21.70 36.29 45.87
CA VAL E 344 -21.35 35.15 45.03
C VAL E 344 -22.08 35.20 43.69
N THR E 345 -21.39 34.87 42.60
CA THR E 345 -21.97 34.73 41.26
C THR E 345 -22.74 33.42 41.15
N LEU E 346 -23.98 33.45 40.65
CA LEU E 346 -24.85 32.27 40.55
C LEU E 346 -24.66 31.39 39.30
N GLY E 347 -24.97 30.11 39.46
CA GLY E 347 -25.35 29.20 38.36
C GLY E 347 -26.86 28.91 38.42
N GLY E 348 -27.38 28.19 37.43
CA GLY E 348 -28.80 27.82 37.40
C GLY E 348 -29.32 27.35 36.04
N LEU E 349 -30.65 27.27 35.90
CA LEU E 349 -31.37 27.04 34.64
C LEU E 349 -32.62 27.90 34.59
N ASN E 350 -32.93 28.48 33.43
CA ASN E 350 -34.11 29.29 33.19
C ASN E 350 -34.98 28.71 32.07
N LEU E 351 -36.29 28.59 32.28
CA LEU E 351 -37.24 28.18 31.24
C LEU E 351 -37.53 29.34 30.31
N ALA E 352 -37.72 29.07 29.02
CA ALA E 352 -38.18 30.06 28.05
C ALA E 352 -39.07 29.42 27.00
N VAL E 353 -39.97 30.20 26.37
CA VAL E 353 -40.79 29.76 25.23
C VAL E 353 -40.16 30.22 23.92
N ALA E 354 -39.97 29.31 22.98
CA ALA E 354 -39.33 29.58 21.70
C ALA E 354 -40.24 30.35 20.74
N SER E 355 -39.73 31.35 20.04
CA SER E 355 -40.52 32.12 19.07
C SER E 355 -40.86 31.34 17.78
N THR E 356 -40.34 30.13 17.60
CA THR E 356 -40.80 29.20 16.55
C THR E 356 -42.01 28.35 16.96
N SER E 357 -42.37 28.32 18.24
CA SER E 357 -43.38 27.41 18.79
C SER E 357 -44.78 27.68 18.23
N GLN E 358 -45.59 26.62 18.16
CA GLN E 358 -46.93 26.64 17.54
C GLN E 358 -48.10 26.57 18.55
N HIS E 359 -47.79 26.45 19.84
CA HIS E 359 -48.75 26.23 20.93
C HIS E 359 -48.44 27.15 22.13
N LYS E 360 -48.24 28.45 21.87
CA LYS E 360 -47.63 29.38 22.84
C LYS E 360 -48.33 29.41 24.20
N ALA E 361 -49.66 29.51 24.23
CA ALA E 361 -50.41 29.51 25.49
C ALA E 361 -50.19 28.22 26.28
N GLU E 362 -50.25 27.06 25.61
CA GLU E 362 -49.96 25.77 26.24
C GLU E 362 -48.50 25.69 26.70
N ALA E 363 -47.54 26.25 25.96
CA ALA E 363 -46.15 26.26 26.39
C ALA E 363 -45.96 27.08 27.67
N PHE E 364 -46.55 28.27 27.78
CA PHE E 364 -46.57 29.00 29.04
C PHE E 364 -47.29 28.23 30.15
N GLU E 365 -48.29 27.43 29.83
CA GLU E 365 -48.99 26.61 30.82
C GLU E 365 -48.16 25.41 31.29
N ALA E 366 -47.38 24.81 30.39
CA ALA E 366 -46.40 23.79 30.74
C ALA E 366 -45.32 24.37 31.66
N ILE E 367 -44.78 25.54 31.36
CA ILE E 367 -43.79 26.23 32.21
C ILE E 367 -44.36 26.44 33.61
N ARG E 368 -45.58 27.01 33.73
CA ARG E 368 -46.21 27.20 35.05
C ARG E 368 -46.38 25.88 35.81
N CYS E 369 -46.61 24.77 35.12
CA CYS E 369 -46.72 23.46 35.74
C CYS E 369 -45.36 22.92 36.21
N LEU E 370 -44.31 23.03 35.39
CA LEU E 370 -42.97 22.58 35.73
C LEU E 370 -42.37 23.30 36.95
N ARG E 371 -42.95 24.46 37.29
CA ARG E 371 -42.42 25.27 38.43
C ARG E 371 -43.30 25.13 39.68
N ASN E 372 -44.30 24.23 39.69
CA ASN E 372 -45.09 24.03 40.92
C ASN E 372 -44.21 23.51 42.08
N VAL E 373 -44.63 23.74 43.32
CA VAL E 373 -43.75 23.53 44.47
C VAL E 373 -43.40 22.06 44.69
N GLU E 374 -44.29 21.11 44.39
CA GLU E 374 -43.99 19.69 44.50
C GLU E 374 -43.00 19.19 43.43
N ASN E 375 -43.01 19.78 42.22
CA ASN E 375 -41.99 19.49 41.22
C ASN E 375 -40.65 20.18 41.54
N GLN E 376 -40.64 21.37 42.12
CA GLN E 376 -39.41 21.95 42.67
C GLN E 376 -38.84 21.10 43.80
N ARG E 377 -39.73 20.54 44.63
CA ARG E 377 -39.26 19.62 45.70
C ARG E 377 -38.62 18.39 45.04
N TYR E 378 -39.34 17.71 44.14
CA TYR E 378 -38.77 16.56 43.45
C TYR E 378 -37.42 16.88 42.80
N THR E 379 -37.33 18.00 42.10
CA THR E 379 -36.08 18.48 41.46
C THR E 379 -34.96 18.68 42.48
N SER E 380 -35.29 19.10 43.69
CA SER E 380 -34.31 19.33 44.75
C SER E 380 -33.91 18.07 45.49
N ILE E 381 -34.86 17.28 45.97
CA ILE E 381 -34.60 16.15 46.85
C ILE E 381 -34.17 14.93 46.03
N GLU E 382 -35.02 14.43 45.13
CA GLU E 382 -34.65 13.35 44.22
C GLU E 382 -33.62 13.79 43.18
N GLY E 383 -33.80 14.98 42.58
CA GLY E 383 -32.96 15.42 41.45
C GLY E 383 -31.63 16.08 41.82
N GLY E 384 -31.44 16.54 43.05
CA GLY E 384 -30.19 17.13 43.51
C GLY E 384 -29.88 18.53 42.95
N LEU E 385 -30.87 19.27 42.45
CA LEU E 385 -30.72 20.64 41.96
C LEU E 385 -31.44 21.63 42.91
N PRO E 386 -30.76 22.63 43.52
CA PRO E 386 -31.37 23.47 44.53
C PRO E 386 -32.59 24.28 44.04
N ALA E 387 -33.66 24.26 44.82
CA ALA E 387 -34.91 24.96 44.56
C ALA E 387 -34.73 26.47 44.34
N VAL E 388 -35.65 27.06 43.57
CA VAL E 388 -35.69 28.49 43.33
C VAL E 388 -36.87 29.18 44.03
N ARG E 389 -37.83 28.40 44.53
CA ARG E 389 -39.02 28.89 45.23
C ARG E 389 -38.81 28.86 46.73
N THR E 390 -39.07 29.98 47.38
CA THR E 390 -38.60 30.28 48.73
C THR E 390 -39.18 29.33 49.76
N SER E 391 -40.44 28.94 49.62
CA SER E 391 -41.13 28.10 50.61
C SER E 391 -40.42 26.76 50.89
N LEU E 392 -39.74 26.15 49.92
CA LEU E 392 -39.05 24.87 50.16
C LEU E 392 -37.87 24.99 51.12
N TYR E 393 -37.30 26.17 51.30
CA TYR E 393 -36.26 26.39 52.31
C TYR E 393 -36.83 26.35 53.74
N ASP E 394 -38.14 26.23 53.91
CA ASP E 394 -38.81 25.98 55.18
C ASP E 394 -39.17 24.49 55.40
N ASP E 395 -39.06 23.63 54.39
CA ASP E 395 -39.42 22.20 54.48
C ASP E 395 -38.33 21.37 55.18
N PRO E 396 -38.60 20.71 56.33
CA PRO E 396 -37.63 19.89 57.02
C PRO E 396 -36.99 18.80 56.16
N ALA E 397 -37.67 18.26 55.14
CA ALA E 397 -37.07 17.29 54.23
C ALA E 397 -36.04 17.94 53.30
N PHE E 398 -36.32 19.14 52.78
CA PHE E 398 -35.33 19.89 52.01
C PHE E 398 -34.13 20.25 52.91
N GLN E 399 -34.39 20.67 54.15
CA GLN E 399 -33.36 20.98 55.14
C GLN E 399 -32.55 19.73 55.56
N LYS E 400 -33.12 18.53 55.46
CA LYS E 400 -32.40 17.26 55.64
C LYS E 400 -31.45 16.98 54.48
N LYS E 401 -31.92 17.16 53.23
CA LYS E 401 -31.10 16.91 52.04
C LYS E 401 -29.96 17.92 51.90
N TYR E 402 -30.18 19.20 52.23
CA TYR E 402 -29.21 20.28 52.12
C TYR E 402 -28.92 20.92 53.48
N PRO E 403 -28.06 20.34 54.34
CA PRO E 403 -27.81 20.87 55.67
C PRO E 403 -27.42 22.35 55.69
N GLN E 404 -26.67 22.80 54.69
CA GLN E 404 -26.22 24.17 54.46
C GLN E 404 -27.30 25.15 53.96
N TYR E 405 -28.59 24.79 54.00
CA TYR E 405 -29.65 25.58 53.35
C TYR E 405 -29.71 27.04 53.80
N GLU E 406 -29.41 27.37 55.05
CA GLU E 406 -29.46 28.76 55.53
C GLU E 406 -28.43 29.64 54.80
N ILE E 407 -27.25 29.11 54.55
CA ILE E 407 -26.16 29.83 53.88
C ILE E 407 -26.53 30.03 52.41
N ILE E 408 -27.14 29.03 51.78
CA ILE E 408 -27.66 29.14 50.41
C ILE E 408 -28.73 30.22 50.33
N ARG E 409 -29.77 30.12 51.17
CA ARG E 409 -30.82 31.17 51.19
C ARG E 409 -30.16 32.55 51.25
N GLN E 410 -29.32 32.78 52.26
CA GLN E 410 -28.66 34.07 52.43
C GLN E 410 -27.91 34.50 51.17
N GLN E 411 -27.04 33.65 50.61
CA GLN E 411 -26.23 34.01 49.45
C GLN E 411 -27.09 34.26 48.20
N LEU E 412 -28.14 33.45 47.99
CA LEU E 412 -29.06 33.60 46.87
C LEU E 412 -29.90 34.91 46.95
N THR E 413 -30.08 35.47 48.15
CA THR E 413 -30.80 36.75 48.33
C THR E 413 -29.97 37.95 47.88
N ASN E 414 -28.62 37.87 47.93
CA ASN E 414 -27.70 39.00 47.72
C ASN E 414 -26.74 38.80 46.53
N ALA E 415 -27.10 37.87 45.64
CA ALA E 415 -26.24 37.35 44.61
C ALA E 415 -25.58 38.41 43.73
N ALA E 416 -24.35 38.15 43.29
CA ALA E 416 -23.83 38.76 42.07
C ALA E 416 -24.41 38.05 40.84
N VAL E 417 -24.14 38.56 39.65
CA VAL E 417 -24.52 37.93 38.38
C VAL E 417 -23.39 38.08 37.37
N ARG E 418 -23.40 37.21 36.35
CA ARG E 418 -22.45 37.36 35.22
C ARG E 418 -22.91 38.58 34.41
N PRO E 419 -22.05 39.24 33.63
CA PRO E 419 -22.40 40.49 32.96
C PRO E 419 -23.30 40.29 31.73
N ALA E 420 -24.58 39.99 31.94
CA ALA E 420 -25.52 39.60 30.90
C ALA E 420 -25.59 40.64 29.77
N THR E 421 -25.10 40.26 28.59
CA THR E 421 -24.90 41.11 27.41
C THR E 421 -24.97 40.25 26.15
N PRO E 422 -25.45 40.72 24.99
CA PRO E 422 -25.56 39.88 23.81
C PRO E 422 -24.25 39.24 23.37
N VAL E 423 -23.14 39.98 23.42
CA VAL E 423 -21.78 39.47 23.10
C VAL E 423 -21.11 38.72 24.26
N TYR E 424 -21.84 38.25 25.27
CA TYR E 424 -21.24 37.64 26.47
C TYR E 424 -20.25 36.52 26.15
N GLN E 425 -20.52 35.65 25.18
CA GLN E 425 -19.61 34.53 24.92
C GLN E 425 -18.23 34.98 24.43
N ALA E 426 -18.17 36.06 23.64
CA ALA E 426 -16.94 36.72 23.24
C ALA E 426 -16.27 37.41 24.44
N VAL E 427 -17.03 38.18 25.22
CA VAL E 427 -16.52 38.86 26.44
C VAL E 427 -15.90 37.87 27.39
N SER E 428 -16.58 36.78 27.69
CA SER E 428 -16.11 35.76 28.61
C SER E 428 -14.85 35.07 28.12
N THR E 429 -14.81 34.72 26.83
CA THR E 429 -13.63 34.06 26.27
C THR E 429 -12.41 34.99 26.25
N ARG E 430 -12.57 36.22 25.77
CA ARG E 430 -11.47 37.20 25.69
C ARG E 430 -11.00 37.65 27.07
N MET E 431 -11.89 37.74 28.05
CA MET E 431 -11.54 37.99 29.43
C MET E 431 -10.78 36.81 30.04
N SER E 432 -11.26 35.57 29.90
CA SER E 432 -10.55 34.42 30.44
C SER E 432 -9.16 34.24 29.82
N ALA E 433 -9.04 34.51 28.52
CA ALA E 433 -7.75 34.49 27.82
C ALA E 433 -6.80 35.64 28.26
N THR E 434 -7.31 36.70 28.88
CA THR E 434 -6.47 37.78 29.41
C THR E 434 -5.88 37.43 30.77
N LEU E 435 -6.66 36.79 31.65
CA LEU E 435 -6.22 36.34 32.98
C LEU E 435 -5.22 35.20 32.87
N ALA E 436 -5.59 34.11 32.21
CA ALA E 436 -4.78 32.90 32.24
C ALA E 436 -3.45 33.09 31.49
N PRO E 437 -2.34 32.47 31.96
CA PRO E 437 -2.23 31.73 33.21
C PRO E 437 -2.13 32.69 34.40
N ILE E 438 -2.86 32.39 35.48
CA ILE E 438 -3.01 33.26 36.66
C ILE E 438 -1.70 33.66 37.34
N SER E 439 -0.62 32.90 37.20
CA SER E 439 0.68 33.28 37.76
C SER E 439 1.28 34.53 37.11
N ASP E 440 0.93 34.86 35.86
CA ASP E 440 1.54 35.98 35.13
C ASP E 440 0.87 37.35 35.40
N ILE E 441 -0.21 37.37 36.19
CA ILE E 441 -0.93 38.60 36.53
C ILE E 441 0.01 39.65 37.11
N ASP E 442 -0.23 40.91 36.77
CA ASP E 442 0.31 42.04 37.50
C ASP E 442 -0.80 43.09 37.59
N PRO E 443 -1.34 43.42 38.78
CA PRO E 443 -2.68 44.00 38.89
C PRO E 443 -2.93 45.27 38.07
N GLU E 444 -2.04 46.26 38.11
CA GLU E 444 -2.22 47.48 37.33
C GLU E 444 -2.24 47.18 35.82
N ARG E 445 -1.22 46.46 35.37
CA ARG E 445 -1.12 46.13 33.92
C ARG E 445 -2.35 45.32 33.49
N THR E 446 -2.72 44.28 34.25
CA THR E 446 -3.85 43.43 33.89
C THR E 446 -5.17 44.17 33.96
N ALA E 447 -5.36 45.14 34.86
CA ALA E 447 -6.53 46.01 34.82
C ALA E 447 -6.56 46.83 33.52
N ASP E 448 -5.40 47.29 33.05
CA ASP E 448 -5.31 47.94 31.75
C ASP E 448 -5.63 46.95 30.62
N GLU E 449 -5.02 45.77 30.65
CA GLU E 449 -5.17 44.76 29.60
C GLU E 449 -6.62 44.27 29.50
N LEU E 450 -7.31 44.07 30.62
CA LEU E 450 -8.72 43.73 30.61
C LEU E 450 -9.58 44.87 30.09
N THR E 451 -9.29 46.11 30.48
CA THR E 451 -10.06 47.26 29.98
C THR E 451 -9.99 47.32 28.46
N GLU E 452 -8.79 47.14 27.90
CA GLU E 452 -8.60 47.10 26.47
C GLU E 452 -9.28 45.88 25.84
N ALA E 453 -9.03 44.69 26.38
CA ALA E 453 -9.53 43.44 25.82
C ALA E 453 -11.05 43.39 25.79
N VAL E 454 -11.72 43.63 26.91
CA VAL E 454 -13.18 43.59 26.95
C VAL E 454 -13.77 44.69 26.05
N GLN E 455 -13.13 45.85 25.90
CA GLN E 455 -13.63 46.86 24.99
C GLN E 455 -13.61 46.37 23.53
N LYS E 456 -12.62 45.58 23.11
CA LYS E 456 -12.62 45.01 21.75
C LYS E 456 -13.81 44.08 21.53
N ALA E 457 -14.18 43.29 22.55
CA ALA E 457 -15.35 42.42 22.48
C ALA E 457 -16.67 43.22 22.37
N ILE E 458 -16.83 44.29 23.15
CA ILE E 458 -17.98 45.20 23.04
C ILE E 458 -18.01 45.90 21.67
N ASP E 459 -16.86 46.33 21.14
CA ASP E 459 -16.76 46.88 19.78
C ASP E 459 -16.97 45.81 18.68
N GLY E 460 -16.92 44.52 19.01
CA GLY E 460 -17.08 43.40 18.07
C GLY E 460 -15.90 43.18 17.12
N LYS E 461 -14.70 43.69 17.45
CA LYS E 461 -13.52 43.68 16.58
C LYS E 461 -12.58 42.50 16.83
N GLY E 462 -11.79 42.12 15.82
CA GLY E 462 -10.75 41.11 15.91
C GLY E 462 -11.26 39.68 16.11
N LEU E 463 -10.36 38.70 16.18
CA LEU E 463 -10.74 37.33 16.51
C LEU E 463 -10.99 37.18 18.01
N ILE E 464 -11.94 36.32 18.36
CA ILE E 464 -12.04 35.77 19.71
C ILE E 464 -10.80 34.88 19.93
N PRO E 465 -10.05 35.04 21.03
CA PRO E 465 -8.81 34.31 21.27
C PRO E 465 -8.96 32.78 21.21
C1 GLC F . -7.89 12.39 12.67
C2 GLC F . -8.10 11.54 13.86
C3 GLC F . -7.79 12.26 15.12
C4 GLC F . -6.43 12.86 15.11
C5 GLC F . -6.21 13.79 13.90
C6 GLC F . -4.85 14.20 13.85
O2 GLC F . -9.50 11.10 13.90
O3 GLC F . -7.87 11.31 16.23
O4 GLC F . -6.26 13.61 16.31
O5 GLC F . -6.55 13.00 12.62
O6 GLC F . -4.67 15.01 12.72
C1 GLC F . -8.80 14.12 11.46
C2 GLC F . -9.25 15.53 11.70
C3 GLC F . -10.66 15.59 12.07
C4 GLC F . -11.54 14.91 11.10
C5 GLC F . -11.12 13.43 10.85
C6 GLC F . -11.88 12.90 9.79
O1 GLC F . -8.86 13.41 12.67
O2 GLC F . -8.45 16.10 12.79
O3 GLC F . -11.06 17.02 12.16
O4 GLC F . -12.88 14.93 11.60
O5 GLC F . -9.64 13.42 10.48
O6 GLC F . -13.21 12.86 10.19
PG ATP G . 13.93 -9.51 -29.90
O1G ATP G . 12.68 -10.34 -30.03
O2G ATP G . 15.13 -10.04 -30.65
O3G ATP G . 14.24 -9.07 -28.48
PB ATP G . 12.11 -7.47 -30.49
O1B ATP G . 11.33 -7.74 -31.74
O2B ATP G . 11.56 -7.89 -29.15
O3B ATP G . 13.57 -8.13 -30.66
PA ATP G . 11.28 -4.81 -30.63
O1A ATP G . 10.68 -4.51 -29.29
O2A ATP G . 10.41 -5.27 -31.77
O3A ATP G . 12.45 -5.90 -30.43
O5' ATP G . 12.09 -3.50 -31.11
C5' ATP G . 13.06 -2.90 -30.26
C4' ATP G . 13.33 -1.47 -30.74
O4' ATP G . 12.11 -0.74 -30.78
C3' ATP G . 14.29 -0.74 -29.81
O3' ATP G . 15.51 -0.46 -30.51
C2' ATP G . 13.56 0.51 -29.36
O2' ATP G . 14.22 1.72 -29.79
C1' ATP G . 12.17 0.45 -29.98
N9 ATP G . 11.15 0.40 -28.91
C8 ATP G . 10.22 -0.56 -28.76
N7 ATP G . 9.43 -0.31 -27.68
C5 ATP G . 9.87 0.83 -27.12
C6 ATP G . 9.48 1.66 -25.96
N6 ATP G . 8.44 1.30 -25.15
N1 ATP G . 10.19 2.78 -25.72
C2 ATP G . 11.22 3.14 -26.51
N3 ATP G . 11.62 2.44 -27.58
C4 ATP G . 10.99 1.29 -27.94
MG MG H . 10.86 -9.98 -28.60
PG ATP I . 14.55 -24.19 -15.71
O1G ATP I . 14.15 -23.33 -14.53
O2G ATP I . 13.41 -24.53 -16.65
O3G ATP I . 15.82 -23.76 -16.41
PB ATP I . 15.54 -25.65 -13.55
O1B ATP I . 16.06 -27.05 -13.30
O2B ATP I . 16.47 -24.47 -13.38
O3B ATP I . 14.93 -25.60 -15.04
PA ATP I . 14.36 -25.53 -11.02
O1A ATP I . 15.81 -25.56 -10.65
O2A ATP I . 13.45 -24.49 -10.42
O3A ATP I . 14.25 -25.42 -12.63
O5' ATP I . 13.72 -26.98 -10.73
C5' ATP I . 13.44 -27.39 -9.39
C4' ATP I . 12.11 -28.13 -9.36
O4' ATP I . 11.49 -27.97 -8.08
C3' ATP I . 11.15 -27.58 -10.41
O3' ATP I . 10.81 -28.62 -11.35
C2' ATP I . 9.93 -27.07 -9.64
O2' ATP I . 8.73 -27.75 -10.00
C1' ATP I . 10.24 -27.30 -8.17
N9 ATP I . 10.33 -25.98 -7.47
C8 ATP I . 11.18 -24.99 -7.79
N7 ATP I . 11.01 -23.92 -6.96
C5 ATP I . 10.04 -24.24 -6.09
C6 ATP I . 9.36 -23.57 -4.95
N6 ATP I . 9.71 -22.32 -4.57
N1 ATP I . 8.39 -24.25 -4.31
C2 ATP I . 8.02 -25.50 -4.69
N3 ATP I . 8.59 -26.16 -5.70
C4 ATP I . 9.58 -25.60 -6.44
MG MG J . 16.41 -22.36 -14.57
#